data_9DJX
#
_entry.id   9DJX
#
_cell.length_a   109.114
_cell.length_b   145.029
_cell.length_c   191.895
_cell.angle_alpha   90.00
_cell.angle_beta   90.00
_cell.angle_gamma   90.00
#
_symmetry.space_group_name_H-M   'P 21 21 21'
#
loop_
_entity.id
_entity.type
_entity.pdbx_description
1 polymer 'Protein cereblon'
2 polymer 'DNA damage-binding protein 1'
3 polymer 'Protein Wiz'
4 non-polymer 'ZINC ION'
5 non-polymer 'SULFATE ION'
6 non-polymer (3S)-3-(5-{[(3R,6S)-1-ethyl-6-methylpiperidin-3-yl]oxy}-1-oxo-1,3-dihydro-2H-isoindol-2-yl)piperidine-2,6-dione
7 water water
#
loop_
_entity_poly.entity_id
_entity_poly.type
_entity_poly.pdbx_seq_one_letter_code
_entity_poly.pdbx_strand_id
1 'polypeptide(L)'
;RTLHDDDSCQVIPVLPQVMMILIPGQTLPLQLFHPQEVSMVRNLIQKDRTFAVLAYSNVQEREAQFGTTAEIYAYREEQD
FGIEIVKVKAIGRQRFKVLELRTQSDGIQQAKVQILPECVLPSTMSAVQLESLNKCQIFPSKPVSREDQCSYKWWQKYQK
RKFHCANLTSWPRWLYSLYDAETLMDRIKKQLREWDENLKDDSLPSNPIDFSYRVAACLPIDDVLRIQLLKIGSAIQRLR
CELDIMNKCTSLCCKQCQETEITTKNEIFSLSLCGPMAAYVNPHGYVHETLTVYKACNLNLIGRPSTEHSWFPGYAWTVA
QCKICASHIGWKFTATKKDMSPQKFWGLTRSALLPTIPDTEDEISPDKVILCL
;
A,D
2 'polypeptide(L)'
;MSYNYVVTAQKPTAVNGCVTGHFTSAEDLNLLIAKNTRLEIYVVTAEGLRPVKEVGMYGKIAVMELFRPKGESKDLLFIL
TAKYNACILEYKQSGESIDIITRAHGNVQDRIGRPSETGIIGIIDPECRMIGLRLYDGLFKVIPLDRDNKELKAFNIRLE
ELHVIDVKFLYGCQAPTICFVYQDPQGRHVKTYEVSLREKEFNKGPWKQENVEAEASMVIAVPEPFGGAIIIGQESITYH
NGDKYLAIAPPIIKQSTIVCHNRVDPNGSRYLLGDMEGRLFMLLLEKEEQMDGTVTLKDLRVELLGETSIAECLTYLDNG
VVFVGSRLGDSQLVKLNVDSNEQGSYVVAMETFTNLGPIVDMCVVDLERQGQGQLVTCSGAFKEGSLRIIRNGIGGNGNS
GEIQKLHIRTVPLYESPRKICYQEVSQCFGVLSSRIEVQDTSGGTTALRPSASTQALSSSVSSSKLFSSSTAPHETSFGE
EVEVHNLLIIDQHTFEVLHAHQFLQNEYALSLVSCKLGKDPNTYFIVGTAMVYPEEAEPKQGRIVVFQYSDGKLQTVAEK
EVKGAVYSMVEFNGKLLASINSTVRLYEWTTEKELRTECNHYNNIMALYLKTKGDFILVGDLMRSVLLLAYKPMEGNFEE
IARDFNPNWMSAVEILDDDNFLGAENAFNLFVCQKDSAATTDEERQHLQEVGLFHLGEFVNVFCHGSLVMQNLGETSTPT
QGSVLFGTVNGMIGLVTSLSESWYNLLLDMQNRLNKVIKSVGKIEHSFWRSFHTERKTEPATGFIDGDLIESFLDISRPK
MQEVVANLQYDDGSGMKREATADDLIKVVEELTRIH
;
B,E
3 'polypeptide(L)' SQSLTTCEVCGACFETRKGLSSHARSHLRQ C,F
#
loop_
_chem_comp.id
_chem_comp.type
_chem_comp.name
_chem_comp.formula
A1A5I non-polymer (3S)-3-(5-{[(3R,6S)-1-ethyl-6-methylpiperidin-3-yl]oxy}-1-oxo-1,3-dihydro-2H-isoindol-2-yl)piperidine-2,6-dione 'C21 H27 N3 O4'
SO4 non-polymer 'SULFATE ION' 'O4 S -2'
ZN non-polymer 'ZINC ION' 'Zn 2'
#
# COMPACT_ATOMS: atom_id res chain seq x y z
N HIS A 4 16.30 13.31 -20.62
CA HIS A 4 14.84 13.26 -20.44
C HIS A 4 14.32 14.48 -19.67
N ASP A 5 14.59 14.54 -18.37
CA ASP A 5 14.10 15.64 -17.51
C ASP A 5 15.23 16.50 -16.97
N ASP A 6 16.22 15.93 -16.27
CA ASP A 6 17.32 16.73 -15.76
C ASP A 6 18.13 17.33 -16.92
N ASP A 7 18.66 18.54 -16.70
CA ASP A 7 19.44 19.35 -17.66
C ASP A 7 18.84 19.29 -19.08
N SER A 8 17.52 19.44 -19.16
CA SER A 8 16.81 19.41 -20.43
C SER A 8 16.01 20.69 -20.60
N CYS A 9 15.81 21.10 -21.85
CA CYS A 9 15.14 22.36 -22.17
C CYS A 9 13.70 22.08 -22.57
N GLN A 10 12.78 22.37 -21.66
CA GLN A 10 11.35 22.23 -21.89
C GLN A 10 10.68 23.59 -21.90
N VAL A 11 9.47 23.63 -22.44
CA VAL A 11 8.60 24.80 -22.29
C VAL A 11 7.43 24.39 -21.40
N ILE A 12 7.11 25.24 -20.42
CA ILE A 12 5.98 25.03 -19.53
C ILE A 12 5.28 26.37 -19.41
N PRO A 13 3.96 26.41 -19.27
CA PRO A 13 3.27 27.68 -19.10
C PRO A 13 3.56 28.25 -17.72
N VAL A 14 3.30 29.55 -17.61
CA VAL A 14 3.59 30.29 -16.41
C VAL A 14 2.27 30.80 -15.84
N LEU A 15 2.02 30.55 -14.56
CA LEU A 15 0.92 31.24 -13.89
C LEU A 15 1.25 32.73 -13.84
N PRO A 16 0.49 33.60 -14.54
CA PRO A 16 0.93 35.00 -14.69
C PRO A 16 1.06 35.71 -13.36
N GLN A 17 0.02 35.64 -12.53
CA GLN A 17 0.05 36.26 -11.21
C GLN A 17 0.74 35.29 -10.25
N VAL A 18 2.05 35.50 -10.08
CA VAL A 18 2.86 34.65 -9.22
C VAL A 18 4.17 35.36 -8.94
N MET A 19 4.90 34.93 -7.92
CA MET A 19 6.17 35.59 -7.66
C MET A 19 7.06 34.82 -6.68
N MET A 20 6.45 33.98 -5.86
CA MET A 20 7.11 33.40 -4.70
C MET A 20 8.38 32.65 -5.14
N ILE A 21 9.30 32.48 -4.20
CA ILE A 21 10.39 31.55 -4.33
C ILE A 21 9.84 30.21 -3.85
N LEU A 22 9.44 29.37 -4.80
CA LEU A 22 8.86 28.06 -4.52
C LEU A 22 10.01 27.09 -4.32
N ILE A 23 10.23 26.67 -3.08
CA ILE A 23 11.23 25.61 -2.84
C ILE A 23 10.62 24.26 -3.21
N PRO A 24 11.35 23.40 -3.91
CA PRO A 24 10.81 22.09 -4.26
C PRO A 24 10.25 21.36 -3.01
N GLY A 25 9.06 20.73 -3.17
CA GLY A 25 8.41 20.07 -2.09
C GLY A 25 7.41 20.94 -1.33
N GLN A 26 7.59 22.26 -1.35
CA GLN A 26 6.52 23.14 -0.87
C GLN A 26 5.26 22.98 -1.73
N THR A 27 4.12 23.37 -1.15
CA THR A 27 2.83 23.37 -1.83
C THR A 27 2.28 24.78 -1.88
N LEU A 28 1.55 25.11 -2.93
CA LEU A 28 0.92 26.41 -3.01
C LEU A 28 -0.57 26.23 -3.30
N PRO A 29 -1.45 26.89 -2.53
CA PRO A 29 -2.87 26.93 -2.89
C PRO A 29 -3.08 27.92 -4.02
N LEU A 30 -4.17 27.73 -4.77
CA LEU A 30 -4.37 28.57 -5.94
C LEU A 30 -5.84 28.74 -6.23
N GLN A 31 -6.22 29.96 -6.63
CA GLN A 31 -7.61 30.31 -6.91
C GLN A 31 -7.64 31.11 -8.20
N LEU A 32 -8.14 30.50 -9.27
CA LEU A 32 -8.06 31.05 -10.60
C LEU A 32 -9.41 31.59 -11.04
N PHE A 33 -9.48 32.92 -11.21
CA PHE A 33 -10.69 33.63 -11.59
C PHE A 33 -10.72 33.96 -13.08
N HIS A 34 -9.74 34.76 -13.54
CA HIS A 34 -9.76 35.30 -14.89
C HIS A 34 -9.77 34.17 -15.91
N PRO A 35 -10.50 34.31 -17.02
CA PRO A 35 -10.64 33.17 -17.96
C PRO A 35 -9.34 32.79 -18.64
N GLN A 36 -8.39 33.72 -18.78
CA GLN A 36 -7.09 33.36 -19.32
C GLN A 36 -6.44 32.25 -18.49
N GLU A 37 -6.34 32.46 -17.17
CA GLU A 37 -5.71 31.45 -16.33
C GLU A 37 -6.61 30.22 -16.11
N VAL A 38 -7.94 30.37 -16.23
CA VAL A 38 -8.83 29.21 -16.07
C VAL A 38 -8.67 28.27 -17.26
N SER A 39 -8.49 28.81 -18.47
CA SER A 39 -8.29 27.95 -19.63
C SER A 39 -6.92 27.30 -19.59
N MET A 40 -5.93 28.01 -19.05
CA MET A 40 -4.59 27.45 -18.81
C MET A 40 -4.66 26.16 -17.99
N VAL A 41 -5.06 26.25 -16.71
CA VAL A 41 -5.10 25.07 -15.85
C VAL A 41 -5.94 23.96 -16.46
N ARG A 42 -6.99 24.34 -17.21
CA ARG A 42 -7.76 23.34 -17.94
C ARG A 42 -6.86 22.56 -18.90
N ASN A 43 -6.09 23.27 -19.73
CA ASN A 43 -5.14 22.58 -20.59
C ASN A 43 -4.10 21.83 -19.76
N LEU A 44 -3.67 22.42 -18.64
CA LEU A 44 -2.60 21.82 -17.86
C LEU A 44 -2.99 20.44 -17.35
N ILE A 45 -4.15 20.35 -16.70
CA ILE A 45 -4.51 19.10 -16.05
C ILE A 45 -4.88 18.04 -17.06
N GLN A 46 -5.35 18.46 -18.25
CA GLN A 46 -5.46 17.55 -19.37
C GLN A 46 -4.10 17.02 -19.82
N LYS A 47 -3.07 17.90 -19.81
CA LYS A 47 -1.71 17.56 -20.18
C LYS A 47 -0.99 17.43 -18.83
N ASP A 48 0.33 17.62 -18.81
CA ASP A 48 1.13 17.40 -17.62
C ASP A 48 0.71 17.97 -16.27
N ARG A 49 -0.05 19.06 -16.26
CA ARG A 49 -0.47 19.82 -15.07
C ARG A 49 0.72 20.37 -14.30
N THR A 50 1.87 20.52 -14.95
CA THR A 50 3.04 21.17 -14.37
C THR A 50 3.18 22.53 -15.03
N PHE A 51 3.12 23.58 -14.22
CA PHE A 51 3.35 24.94 -14.68
C PHE A 51 4.62 25.48 -14.02
N ALA A 52 4.95 26.73 -14.36
CA ALA A 52 6.18 27.38 -13.93
C ALA A 52 5.87 28.46 -12.92
N VAL A 53 6.61 28.47 -11.81
CA VAL A 53 6.53 29.51 -10.81
C VAL A 53 7.79 30.36 -10.94
N LEU A 54 7.64 31.53 -11.56
CA LEU A 54 8.75 32.40 -11.85
C LEU A 54 9.27 33.06 -10.57
N ALA A 55 10.54 32.81 -10.25
CA ALA A 55 11.15 33.36 -9.05
C ALA A 55 12.02 34.56 -9.44
N TYR A 56 11.42 35.75 -9.46
CA TYR A 56 12.10 36.95 -9.89
C TYR A 56 13.10 37.42 -8.84
N ALA A 64 13.15 38.07 -12.72
CA ALA A 64 14.45 37.43 -12.90
C ALA A 64 14.37 36.16 -13.76
N GLN A 65 15.43 35.37 -13.75
CA GLN A 65 15.62 34.29 -14.71
C GLN A 65 15.65 32.91 -14.05
N PHE A 66 14.90 32.73 -12.94
CA PHE A 66 14.89 31.45 -12.24
C PHE A 66 13.50 31.17 -11.69
N GLY A 67 13.32 29.93 -11.23
CA GLY A 67 12.04 29.51 -10.69
C GLY A 67 12.00 28.01 -10.50
N THR A 68 10.81 27.51 -10.18
CA THR A 68 10.62 26.10 -9.93
C THR A 68 9.34 25.66 -10.60
N THR A 69 9.37 24.49 -11.23
CA THR A 69 8.17 23.90 -11.78
C THR A 69 7.29 23.39 -10.65
N ALA A 70 5.98 23.60 -10.79
CA ALA A 70 5.04 23.16 -9.78
C ALA A 70 4.04 22.22 -10.43
N GLU A 71 3.82 21.06 -9.79
CA GLU A 71 2.96 19.99 -10.32
C GLU A 71 1.62 20.05 -9.62
N ILE A 72 0.55 20.22 -10.41
CA ILE A 72 -0.79 20.22 -9.84
C ILE A 72 -1.10 18.83 -9.31
N TYR A 73 -1.52 18.75 -8.04
CA TYR A 73 -1.93 17.49 -7.45
C TYR A 73 -3.36 17.52 -6.95
N ALA A 74 -4.03 18.67 -6.97
CA ALA A 74 -5.42 18.81 -6.52
C ALA A 74 -6.15 19.78 -7.43
N TYR A 75 -7.27 19.35 -8.01
CA TYR A 75 -7.97 20.16 -9.02
C TYR A 75 -9.48 20.14 -8.78
N ARG A 76 -10.06 21.33 -8.62
CA ARG A 76 -11.44 21.52 -8.19
C ARG A 76 -12.00 22.77 -8.86
N GLU A 77 -13.09 22.61 -9.62
CA GLU A 77 -13.83 23.73 -10.17
C GLU A 77 -15.13 23.89 -9.38
N GLU A 78 -15.22 24.92 -8.54
CA GLU A 78 -16.42 25.18 -7.75
C GLU A 78 -16.99 26.53 -8.19
N GLN A 79 -17.90 26.50 -9.17
CA GLN A 79 -18.60 27.70 -9.62
C GLN A 79 -19.29 28.37 -8.44
N ASP A 80 -18.80 29.55 -8.06
CA ASP A 80 -19.31 30.28 -6.92
C ASP A 80 -19.23 31.76 -7.24
N PHE A 81 -20.22 32.51 -6.76
CA PHE A 81 -20.34 33.94 -7.06
C PHE A 81 -20.45 34.18 -8.57
N GLY A 82 -21.13 33.28 -9.26
CA GLY A 82 -21.48 33.49 -10.65
C GLY A 82 -20.33 33.59 -11.61
N ILE A 83 -19.16 33.07 -11.22
CA ILE A 83 -18.00 33.03 -12.10
C ILE A 83 -17.37 31.65 -11.97
N GLU A 84 -16.79 31.17 -13.07
CA GLU A 84 -16.17 29.84 -13.10
C GLU A 84 -14.81 29.91 -12.39
N ILE A 85 -14.84 29.82 -11.06
CA ILE A 85 -13.61 29.74 -10.28
C ILE A 85 -13.08 28.32 -10.36
N VAL A 86 -11.81 28.18 -10.73
CA VAL A 86 -11.08 26.92 -10.60
C VAL A 86 -10.14 27.05 -9.41
N LYS A 87 -10.17 26.08 -8.50
CA LYS A 87 -9.33 26.11 -7.30
C LYS A 87 -8.37 24.93 -7.35
N VAL A 88 -7.06 25.22 -7.41
CA VAL A 88 -6.05 24.19 -7.59
C VAL A 88 -4.95 24.31 -6.52
N LYS A 89 -4.19 23.23 -6.36
CA LYS A 89 -3.08 23.15 -5.43
C LYS A 89 -1.93 22.45 -6.14
N ALA A 90 -0.72 23.02 -6.07
CA ALA A 90 0.42 22.41 -6.75
C ALA A 90 1.55 22.18 -5.75
N ILE A 91 2.50 21.33 -6.14
CA ILE A 91 3.71 21.09 -5.36
C ILE A 91 4.92 21.34 -6.26
N GLY A 92 6.00 21.83 -5.63
CA GLY A 92 7.19 22.21 -6.37
C GLY A 92 8.07 21.02 -6.62
N ARG A 93 8.47 20.84 -7.87
CA ARG A 93 9.21 19.66 -8.28
C ARG A 93 10.66 19.98 -8.60
N GLN A 94 10.93 20.75 -9.65
CA GLN A 94 12.28 20.93 -10.18
C GLN A 94 12.57 22.40 -10.40
N ARG A 95 13.73 22.87 -9.92
CA ARG A 95 14.15 24.22 -10.19
C ARG A 95 14.57 24.36 -11.64
N PHE A 96 14.65 25.60 -12.12
CA PHE A 96 14.94 25.84 -13.52
C PHE A 96 15.50 27.24 -13.72
N LYS A 97 16.25 27.42 -14.80
CA LYS A 97 16.71 28.73 -15.25
C LYS A 97 16.04 29.09 -16.58
N VAL A 98 15.33 30.22 -16.61
CA VAL A 98 14.56 30.52 -17.83
C VAL A 98 15.52 30.79 -18.99
N LEU A 99 15.01 30.65 -20.21
CA LEU A 99 15.78 30.94 -21.40
C LEU A 99 15.11 31.98 -22.28
N GLU A 100 13.80 31.85 -22.53
CA GLU A 100 13.02 32.75 -23.37
C GLU A 100 11.61 32.84 -22.81
N LEU A 101 11.13 34.05 -22.59
CA LEU A 101 9.73 34.29 -22.17
C LEU A 101 8.95 34.85 -23.35
N ARG A 102 7.96 34.10 -23.81
CA ARG A 102 7.09 34.51 -24.90
C ARG A 102 5.70 34.75 -24.32
N THR A 103 5.21 35.99 -24.42
CA THR A 103 3.91 36.38 -23.87
C THR A 103 2.85 36.17 -24.95
N GLN A 104 1.89 35.28 -24.69
CA GLN A 104 0.88 34.94 -25.68
C GLN A 104 -0.14 36.08 -25.81
N SER A 105 -1.06 35.92 -26.77
CA SER A 105 -2.11 36.92 -26.94
C SER A 105 -3.05 36.94 -25.74
N ASP A 106 -3.31 35.77 -25.13
CA ASP A 106 -4.17 35.67 -23.96
C ASP A 106 -3.58 36.37 -22.74
N GLY A 107 -2.25 36.59 -22.72
CA GLY A 107 -1.52 37.05 -21.56
C GLY A 107 -0.74 35.95 -20.85
N ILE A 108 -1.20 34.70 -20.96
CA ILE A 108 -0.50 33.55 -20.39
C ILE A 108 0.89 33.45 -21.03
N GLN A 109 1.94 33.55 -20.21
CA GLN A 109 3.30 33.55 -20.70
C GLN A 109 3.89 32.13 -20.71
N GLN A 110 4.54 31.76 -21.82
CA GLN A 110 5.24 30.50 -21.97
C GLN A 110 6.74 30.70 -21.83
N ALA A 111 7.44 29.66 -21.38
CA ALA A 111 8.83 29.83 -20.98
C ALA A 111 9.69 28.67 -21.43
N LYS A 112 10.65 28.95 -22.30
CA LYS A 112 11.74 28.01 -22.54
C LYS A 112 12.61 27.96 -21.30
N VAL A 113 12.91 26.74 -20.86
CA VAL A 113 13.34 26.52 -19.48
C VAL A 113 14.47 25.49 -19.47
N GLN A 114 15.56 25.77 -18.75
CA GLN A 114 16.62 24.78 -18.59
C GLN A 114 16.54 24.19 -17.19
N ILE A 115 16.37 22.87 -17.11
CA ILE A 115 16.20 22.20 -15.82
C ILE A 115 17.53 22.25 -15.07
N LEU A 116 17.52 22.91 -13.91
CA LEU A 116 18.71 22.99 -13.07
C LEU A 116 19.13 21.58 -12.62
N PRO A 117 20.34 21.42 -12.05
CA PRO A 117 20.82 20.08 -11.70
C PRO A 117 20.52 19.66 -10.26
N GLU A 118 20.36 18.33 -10.09
CA GLU A 118 20.31 17.68 -8.78
C GLU A 118 21.35 16.56 -8.82
N CYS A 119 22.59 16.91 -8.46
CA CYS A 119 23.73 16.00 -8.59
C CYS A 119 23.68 14.93 -7.52
N VAL A 120 23.39 13.70 -7.94
CA VAL A 120 23.48 12.56 -7.06
C VAL A 120 24.91 12.08 -7.05
N LEU A 121 25.48 11.92 -5.87
CA LEU A 121 26.89 11.57 -5.77
C LEU A 121 27.10 10.35 -4.89
N PRO A 122 28.01 9.47 -5.28
CA PRO A 122 28.28 8.25 -4.50
C PRO A 122 29.02 8.55 -3.21
N SER A 123 29.21 7.53 -2.37
CA SER A 123 30.00 7.73 -1.16
C SER A 123 31.39 8.25 -1.52
N THR A 124 31.94 9.07 -0.62
CA THR A 124 33.28 9.62 -0.81
C THR A 124 34.31 8.50 -0.94
N MET A 125 34.04 7.35 -0.30
CA MET A 125 34.94 6.21 -0.24
C MET A 125 34.58 5.11 -1.23
N SER A 126 33.71 5.42 -2.18
CA SER A 126 33.22 4.40 -3.09
C SER A 126 34.35 3.84 -3.95
N ALA A 127 35.33 4.68 -4.30
CA ALA A 127 36.43 4.25 -5.16
C ALA A 127 37.63 3.75 -4.38
N VAL A 128 37.82 4.22 -3.16
CA VAL A 128 38.97 3.78 -2.39
C VAL A 128 38.68 2.57 -1.53
N GLN A 129 37.42 2.23 -1.30
CA GLN A 129 37.06 1.11 -0.44
C GLN A 129 37.78 -0.15 -0.89
N LEU A 130 38.59 -0.70 0.01
CA LEU A 130 39.31 -1.95 -0.26
C LEU A 130 38.32 -3.10 -0.44
N GLU A 131 38.61 -3.99 -1.40
CA GLU A 131 37.71 -5.10 -1.71
C GLU A 131 37.42 -5.96 -0.48
N SER A 132 38.45 -6.28 0.31
CA SER A 132 38.28 -7.02 1.54
C SER A 132 37.41 -6.25 2.53
N LEU A 133 37.57 -4.93 2.55
CA LEU A 133 36.81 -4.07 3.44
C LEU A 133 35.39 -3.82 2.95
N ASN A 134 35.06 -4.22 1.70
CA ASN A 134 33.71 -4.05 1.17
C ASN A 134 32.71 -4.86 2.00
N LYS A 135 33.09 -6.05 2.46
CA LYS A 135 32.18 -6.93 3.20
C LYS A 135 31.87 -6.37 4.59
N CYS A 136 32.87 -5.79 5.26
CA CYS A 136 32.72 -5.26 6.62
C CYS A 136 32.15 -3.85 6.63
N GLN A 137 31.23 -3.54 5.72
CA GLN A 137 30.74 -2.17 5.60
C GLN A 137 29.35 -1.99 6.18
N ILE A 138 28.36 -2.76 5.71
CA ILE A 138 26.99 -2.64 6.18
C ILE A 138 27.08 -2.45 7.68
N PHE A 139 26.53 -1.36 8.17
CA PHE A 139 26.63 -1.03 9.59
C PHE A 139 25.52 -1.79 10.31
N PRO A 140 25.82 -2.40 11.46
CA PRO A 140 24.74 -2.99 12.25
C PRO A 140 23.77 -1.89 12.66
N SER A 141 22.47 -2.23 12.61
CA SER A 141 21.38 -1.24 12.73
C SER A 141 21.56 -0.16 13.82
N SER A 151 24.71 6.60 21.18
CA SER A 151 24.75 8.00 21.57
C SER A 151 25.63 8.81 20.61
N TYR A 152 26.85 9.13 21.06
CA TYR A 152 27.81 9.91 20.29
C TYR A 152 29.05 9.12 19.94
N LYS A 153 29.44 8.16 20.77
CA LYS A 153 30.53 7.27 20.42
C LYS A 153 30.22 6.53 19.14
N TRP A 154 28.94 6.35 18.84
CA TRP A 154 28.56 5.70 17.59
C TRP A 154 29.09 6.49 16.39
N TRP A 155 29.08 7.82 16.46
CA TRP A 155 29.53 8.61 15.31
C TRP A 155 31.04 8.67 15.23
N GLN A 156 31.76 8.60 16.36
CA GLN A 156 33.21 8.41 16.27
C GLN A 156 33.52 7.07 15.61
N LYS A 157 32.77 6.02 15.98
CA LYS A 157 32.92 4.71 15.35
C LYS A 157 32.48 4.72 13.90
N TYR A 158 31.36 5.38 13.62
CA TYR A 158 30.88 5.51 12.24
C TYR A 158 31.97 6.09 11.35
N GLN A 159 32.71 7.06 11.88
CA GLN A 159 33.72 7.77 11.10
C GLN A 159 34.99 6.93 10.94
N LYS A 160 35.42 6.22 12.01
CA LYS A 160 36.52 5.26 11.87
C LYS A 160 36.24 4.24 10.77
N ARG A 161 35.02 3.71 10.73
CA ARG A 161 34.73 2.62 9.81
C ARG A 161 34.51 3.09 8.37
N LYS A 162 33.53 3.98 8.15
CA LYS A 162 33.18 4.34 6.78
C LYS A 162 34.39 4.89 6.02
N PHE A 163 35.23 5.65 6.71
CA PHE A 163 36.35 6.37 6.07
C PHE A 163 37.69 5.78 6.44
N HIS A 164 37.71 4.49 6.77
CA HIS A 164 38.96 3.79 7.06
C HIS A 164 39.91 3.86 5.88
N CYS A 165 39.39 3.66 4.67
CA CYS A 165 40.19 3.69 3.46
C CYS A 165 40.69 5.09 3.14
N ALA A 166 40.44 6.07 4.01
CA ALA A 166 40.98 7.39 3.75
C ALA A 166 42.48 7.40 3.94
N ASN A 167 43.03 6.42 4.65
CA ASN A 167 44.45 6.37 4.85
C ASN A 167 45.19 6.15 3.55
N LEU A 168 44.50 5.60 2.55
CA LEU A 168 45.06 5.40 1.21
C LEU A 168 45.04 6.66 0.36
N THR A 169 44.35 7.71 0.81
CA THR A 169 44.27 8.95 0.08
C THR A 169 45.18 9.96 0.76
N SER A 170 45.11 11.21 0.29
CA SER A 170 45.97 12.28 0.78
C SER A 170 45.23 13.22 1.73
N TRP A 171 44.02 12.86 2.12
CA TRP A 171 43.18 13.65 3.00
C TRP A 171 42.80 12.81 4.20
N PRO A 172 42.50 13.43 5.35
CA PRO A 172 42.16 12.66 6.55
C PRO A 172 40.68 12.33 6.60
N ARG A 173 40.32 11.48 7.57
CA ARG A 173 38.94 11.05 7.72
C ARG A 173 38.00 12.21 8.04
N TRP A 174 38.40 13.09 8.97
CA TRP A 174 37.51 14.18 9.37
C TRP A 174 37.20 15.16 8.23
N LEU A 175 38.04 15.24 7.19
CA LEU A 175 37.63 15.99 6.03
C LEU A 175 36.53 15.26 5.27
N TYR A 176 36.70 13.95 5.06
CA TYR A 176 35.70 13.17 4.33
C TYR A 176 34.34 13.23 5.00
N SER A 177 34.31 13.46 6.32
CA SER A 177 33.05 13.58 7.03
C SER A 177 32.37 14.92 6.74
N LEU A 178 33.13 15.97 6.48
CA LEU A 178 32.51 17.24 6.16
C LEU A 178 31.87 17.23 4.78
N TYR A 179 31.89 16.12 4.03
CA TYR A 179 31.17 16.03 2.77
C TYR A 179 30.31 14.79 2.73
N ASP A 180 30.10 14.13 3.87
CA ASP A 180 29.34 12.90 3.88
C ASP A 180 27.89 13.24 4.21
N ALA A 181 27.00 13.01 3.24
CA ALA A 181 25.60 13.42 3.40
C ALA A 181 25.05 12.95 4.73
N GLU A 182 25.32 11.70 5.10
CA GLU A 182 24.71 11.18 6.32
C GLU A 182 25.20 11.92 7.55
N THR A 183 26.48 12.31 7.58
CA THR A 183 26.98 13.04 8.75
C THR A 183 26.40 14.42 8.79
N LEU A 184 26.39 15.10 7.64
CA LEU A 184 25.81 16.44 7.56
C LEU A 184 24.37 16.43 8.05
N MET A 185 23.52 15.58 7.47
CA MET A 185 22.11 15.56 7.86
C MET A 185 21.93 15.40 9.35
N ASP A 186 22.85 14.70 10.03
CA ASP A 186 22.67 14.56 11.47
C ASP A 186 23.09 15.82 12.19
N ARG A 187 24.18 16.44 11.76
CA ARG A 187 24.56 17.73 12.35
C ARG A 187 23.43 18.75 12.23
N ILE A 188 22.80 18.82 11.05
CA ILE A 188 21.63 19.69 10.87
C ILE A 188 20.52 19.29 11.82
N LYS A 189 20.15 18.01 11.81
CA LYS A 189 19.06 17.52 12.66
C LYS A 189 19.34 17.70 14.16
N LYS A 190 20.61 17.79 14.59
CA LYS A 190 20.85 18.00 16.02
C LYS A 190 20.53 19.42 16.41
N GLN A 191 20.97 20.38 15.59
CA GLN A 191 20.67 21.78 15.84
C GLN A 191 19.17 22.03 15.76
N LEU A 192 18.51 21.43 14.76
CA LEU A 192 17.06 21.49 14.69
C LEU A 192 16.42 21.01 15.99
N ARG A 193 17.08 20.08 16.70
CA ARG A 193 16.52 19.54 17.92
C ARG A 193 16.56 20.54 19.07
N GLU A 194 17.52 21.47 19.06
CA GLU A 194 17.51 22.53 20.04
C GLU A 194 16.31 23.47 19.87
N TRP A 195 15.72 23.53 18.69
CA TRP A 195 14.56 24.40 18.49
C TRP A 195 13.27 23.68 18.85
N ASP A 196 13.11 22.47 18.31
CA ASP A 196 11.88 21.67 18.58
C ASP A 196 12.28 20.35 19.22
N GLU A 197 12.28 20.27 20.54
CA GLU A 197 12.56 18.98 21.22
C GLU A 197 11.32 18.18 20.79
N ASN A 198 11.47 17.32 19.78
CA ASN A 198 10.28 16.61 19.26
C ASN A 198 10.74 15.49 18.28
N LEU A 199 9.79 14.96 17.50
CA LEU A 199 10.07 13.86 16.58
C LEU A 199 11.48 14.07 15.99
N LYS A 200 12.37 13.09 16.14
CA LYS A 200 13.72 13.19 15.55
C LYS A 200 13.73 11.89 14.74
N ASP A 201 12.93 11.86 13.68
CA ASP A 201 12.84 10.63 12.86
C ASP A 201 12.02 10.95 11.62
N ASP A 202 10.90 10.26 11.44
CA ASP A 202 10.05 10.47 10.23
C ASP A 202 9.78 11.96 10.00
N SER A 203 9.89 12.78 11.05
CA SER A 203 9.70 14.27 10.93
C SER A 203 10.46 14.81 9.72
N LEU A 204 11.70 14.36 9.50
CA LEU A 204 12.53 14.90 8.39
C LEU A 204 12.79 13.70 7.45
N PRO A 205 13.09 13.93 6.17
CA PRO A 205 13.29 12.84 5.23
C PRO A 205 14.60 12.09 5.43
N SER A 206 14.81 11.02 4.66
CA SER A 206 16.04 10.25 4.73
C SER A 206 16.92 10.41 3.50
N ASN A 207 16.36 10.74 2.34
CA ASN A 207 17.25 10.99 1.23
C ASN A 207 17.87 12.38 1.37
N PRO A 208 19.19 12.52 1.21
CA PRO A 208 19.79 13.85 1.11
C PRO A 208 19.06 14.79 0.18
N ILE A 209 18.68 14.36 -1.03
CA ILE A 209 18.13 15.35 -1.96
C ILE A 209 16.86 15.99 -1.39
N ASP A 210 16.06 15.24 -0.62
CA ASP A 210 14.85 15.80 -0.04
C ASP A 210 15.12 16.55 1.25
N PHE A 211 16.01 15.99 2.08
CA PHE A 211 16.34 16.59 3.38
C PHE A 211 16.87 18.00 3.22
N SER A 212 17.65 18.24 2.18
CA SER A 212 18.12 19.59 1.90
C SER A 212 16.95 20.52 1.61
N TYR A 213 16.10 20.17 0.64
CA TYR A 213 14.98 21.06 0.28
C TYR A 213 14.01 21.25 1.43
N ARG A 214 13.89 20.27 2.31
CA ARG A 214 13.05 20.44 3.48
C ARG A 214 13.67 21.45 4.46
N VAL A 215 14.96 21.31 4.76
CA VAL A 215 15.63 22.24 5.68
C VAL A 215 15.51 23.67 5.20
N ALA A 216 15.67 23.90 3.89
CA ALA A 216 15.63 25.24 3.35
C ALA A 216 14.25 25.87 3.50
N ALA A 217 13.21 25.05 3.54
CA ALA A 217 11.86 25.59 3.64
C ALA A 217 11.40 25.75 5.09
N CYS A 218 12.16 25.23 6.06
CA CYS A 218 11.83 25.42 7.48
C CYS A 218 12.95 26.12 8.24
N LEU A 219 13.95 26.65 7.55
CA LEU A 219 14.85 27.58 8.20
C LEU A 219 14.24 28.96 8.22
N PRO A 220 14.45 29.75 9.30
CA PRO A 220 14.16 31.19 9.27
C PRO A 220 15.20 31.91 8.42
N ILE A 221 15.05 31.88 7.10
CA ILE A 221 15.98 32.53 6.20
C ILE A 221 15.13 33.43 5.34
N ASP A 222 15.77 34.39 4.66
CA ASP A 222 15.07 35.33 3.81
C ASP A 222 15.05 34.78 2.40
N ASP A 223 14.37 35.48 1.49
CA ASP A 223 14.23 34.91 0.16
C ASP A 223 15.56 34.83 -0.59
N VAL A 224 16.55 35.65 -0.24
CA VAL A 224 17.77 35.60 -1.03
C VAL A 224 18.62 34.38 -0.63
N LEU A 225 18.54 33.95 0.63
CA LEU A 225 19.20 32.71 1.02
C LEU A 225 18.53 31.51 0.40
N ARG A 226 17.20 31.44 0.49
CA ARG A 226 16.47 30.43 -0.27
C ARG A 226 17.02 30.35 -1.69
N ILE A 227 17.16 31.50 -2.35
CA ILE A 227 17.45 31.51 -3.78
C ILE A 227 18.85 30.94 -4.06
N GLN A 228 19.79 31.17 -3.14
CA GLN A 228 21.13 30.62 -3.30
C GLN A 228 21.17 29.10 -3.01
N LEU A 229 20.48 28.65 -1.96
CA LEU A 229 20.34 27.22 -1.74
C LEU A 229 19.68 26.55 -2.94
N LEU A 230 18.71 27.24 -3.57
CA LEU A 230 18.01 26.64 -4.71
C LEU A 230 18.91 26.52 -5.92
N LYS A 231 19.83 27.48 -6.11
CA LYS A 231 20.78 27.44 -7.22
C LYS A 231 21.93 26.45 -6.99
N ILE A 232 22.15 26.01 -5.75
CA ILE A 232 23.19 25.04 -5.45
C ILE A 232 22.84 23.68 -6.07
N GLY A 233 23.78 23.15 -6.86
CA GLY A 233 23.58 21.93 -7.63
C GLY A 233 23.43 20.67 -6.82
N SER A 234 24.46 20.30 -6.05
CA SER A 234 24.48 19.02 -5.37
C SER A 234 23.84 19.09 -3.99
N ALA A 235 23.18 18.00 -3.60
CA ALA A 235 22.52 17.98 -2.29
C ALA A 235 23.51 18.11 -1.14
N ILE A 236 24.76 17.67 -1.32
CA ILE A 236 25.75 17.80 -0.25
C ILE A 236 26.20 19.24 -0.09
N GLN A 237 26.52 19.89 -1.20
CA GLN A 237 26.84 21.32 -1.15
C GLN A 237 25.70 22.12 -0.52
N ARG A 238 24.45 21.71 -0.78
CA ARG A 238 23.27 22.41 -0.24
C ARG A 238 23.14 22.20 1.26
N LEU A 239 23.41 20.99 1.74
CA LEU A 239 23.47 20.73 3.18
C LEU A 239 24.60 21.52 3.83
N ARG A 240 25.80 21.47 3.23
CA ARG A 240 26.98 22.12 3.78
C ARG A 240 26.78 23.60 3.97
N CYS A 241 25.98 24.20 3.08
CA CYS A 241 25.61 25.59 3.15
C CYS A 241 24.52 25.82 4.19
N GLU A 242 23.48 24.98 4.17
CA GLU A 242 22.46 25.04 5.20
C GLU A 242 23.08 24.94 6.58
N LEU A 243 24.15 24.18 6.69
CA LEU A 243 24.83 24.12 7.96
C LEU A 243 25.55 25.43 8.22
N ASP A 244 26.05 26.08 7.18
CA ASP A 244 26.80 27.32 7.34
C ASP A 244 25.87 28.43 7.82
N ILE A 245 24.70 28.56 7.18
CA ILE A 245 23.69 29.53 7.59
C ILE A 245 23.30 29.35 9.05
N MET A 246 23.12 28.10 9.50
CA MET A 246 22.74 27.84 10.88
C MET A 246 23.87 28.12 11.85
N ASN A 247 25.10 28.22 11.35
CA ASN A 247 26.26 28.52 12.19
C ASN A 247 26.71 29.97 12.08
N LYS A 248 26.57 30.58 10.92
CA LYS A 248 27.03 31.95 10.69
C LYS A 248 25.94 33.00 10.93
N CYS A 249 24.76 32.82 10.32
CA CYS A 249 23.67 33.80 10.34
C CYS A 249 22.71 33.52 11.48
N THR A 250 23.22 33.80 12.67
CA THR A 250 22.61 33.50 13.93
C THR A 250 21.86 34.68 14.51
N SER A 251 22.04 35.87 13.93
CA SER A 251 21.27 37.05 14.28
C SER A 251 20.23 37.31 13.18
N LEU A 252 18.98 37.51 13.60
CA LEU A 252 17.87 37.86 12.72
C LEU A 252 17.56 39.34 12.86
N CYS A 253 17.47 40.06 11.71
CA CYS A 253 17.30 41.52 11.68
C CYS A 253 16.05 41.94 10.90
N CYS A 254 15.77 43.24 10.94
CA CYS A 254 14.69 43.82 10.15
C CYS A 254 15.06 43.84 8.66
N LYS A 255 14.22 43.22 7.82
CA LYS A 255 14.55 43.12 6.40
C LYS A 255 14.62 44.48 5.73
N GLN A 256 13.85 45.48 6.20
CA GLN A 256 13.75 46.77 5.50
C GLN A 256 14.87 47.73 5.90
N CYS A 257 14.79 48.28 7.12
CA CYS A 257 15.81 49.21 7.57
C CYS A 257 17.17 48.55 7.73
N GLN A 258 17.18 47.22 7.82
CA GLN A 258 18.44 46.45 7.95
C GLN A 258 19.33 47.05 9.05
N GLU A 259 18.72 47.49 10.15
CA GLU A 259 19.53 48.01 11.29
C GLU A 259 18.75 47.85 12.59
N THR A 260 18.22 46.67 12.85
CA THR A 260 17.44 46.41 14.09
C THR A 260 17.49 44.93 14.37
N GLU A 261 18.50 44.49 15.14
CA GLU A 261 18.59 43.05 15.51
C GLU A 261 17.34 42.70 16.32
N ILE A 262 16.56 41.74 15.84
CA ILE A 262 15.31 41.44 16.53
C ILE A 262 15.51 40.31 17.52
N THR A 263 16.08 39.20 17.06
CA THR A 263 16.22 38.00 17.86
C THR A 263 17.47 37.26 17.39
N THR A 264 17.83 36.21 18.14
CA THR A 264 19.08 35.48 17.97
C THR A 264 18.84 33.97 18.12
N LYS A 265 19.69 33.17 17.47
CA LYS A 265 19.37 31.75 17.25
C LYS A 265 19.03 31.03 18.55
N ASN A 266 19.62 31.44 19.66
CA ASN A 266 19.42 30.69 20.90
C ASN A 266 18.11 31.03 21.58
N GLU A 267 17.32 31.94 21.03
CA GLU A 267 16.00 32.25 21.58
C GLU A 267 14.88 31.59 20.81
N ILE A 268 15.20 30.84 19.76
CA ILE A 268 14.18 30.12 19.02
C ILE A 268 13.76 28.91 19.84
N PHE A 269 12.46 28.68 19.94
CA PHE A 269 11.97 27.45 20.51
C PHE A 269 10.82 26.98 19.62
N SER A 270 9.95 26.11 20.16
CA SER A 270 8.82 25.59 19.37
C SER A 270 7.64 25.40 20.31
N LEU A 271 6.78 26.41 20.37
CA LEU A 271 5.70 26.42 21.35
C LEU A 271 4.84 25.18 21.23
N SER A 272 4.51 24.80 20.00
CA SER A 272 3.73 23.60 19.72
C SER A 272 4.58 22.60 18.97
N LEU A 273 4.04 21.39 18.85
CA LEU A 273 4.73 20.27 18.22
C LEU A 273 4.89 20.44 16.71
N CYS A 274 4.41 21.55 16.13
CA CYS A 274 4.40 21.69 14.68
C CYS A 274 5.69 22.26 14.11
N GLY A 275 6.65 22.65 14.96
CA GLY A 275 7.89 23.25 14.52
C GLY A 275 8.26 24.47 15.35
N PRO A 276 9.29 25.21 14.91
CA PRO A 276 9.53 26.54 15.49
C PRO A 276 8.91 27.58 14.58
N MET A 277 9.25 27.51 13.30
CA MET A 277 8.72 28.44 12.30
C MET A 277 7.70 27.64 11.49
N ALA A 278 6.53 27.43 12.09
CA ALA A 278 5.44 26.85 11.33
C ALA A 278 4.77 27.92 10.48
N ALA A 279 3.83 27.52 9.61
CA ALA A 279 3.04 28.45 8.82
C ALA A 279 1.60 28.47 9.32
N TYR A 280 1.07 29.66 9.65
CA TYR A 280 -0.25 29.84 10.22
C TYR A 280 -1.06 30.72 9.27
N VAL A 281 -2.39 30.69 9.43
CA VAL A 281 -3.27 31.43 8.53
C VAL A 281 -4.15 32.36 9.34
N ASN A 282 -4.19 33.62 8.90
CA ASN A 282 -5.02 34.64 9.53
C ASN A 282 -6.43 34.55 8.95
N PRO A 283 -7.40 35.20 9.58
CA PRO A 283 -8.78 35.01 9.13
C PRO A 283 -9.06 35.56 7.75
N HIS A 284 -8.04 36.02 7.03
CA HIS A 284 -8.23 36.45 5.65
C HIS A 284 -7.35 35.69 4.68
N GLY A 285 -6.82 34.53 5.08
CA GLY A 285 -6.06 33.69 4.18
C GLY A 285 -4.60 34.06 4.03
N TYR A 286 -4.15 35.14 4.65
CA TYR A 286 -2.73 35.42 4.65
C TYR A 286 -2.00 34.35 5.45
N VAL A 287 -0.89 33.84 4.90
CA VAL A 287 -0.07 32.83 5.54
C VAL A 287 1.15 33.51 6.15
N HIS A 288 1.56 33.04 7.33
CA HIS A 288 2.60 33.72 8.10
C HIS A 288 3.53 32.67 8.69
N GLU A 289 4.61 32.34 7.98
CA GLU A 289 5.64 31.52 8.60
C GLU A 289 6.00 32.39 9.81
N THR A 290 5.82 31.88 11.02
CA THR A 290 6.01 32.66 12.23
C THR A 290 6.97 31.86 13.11
N LEU A 291 8.18 32.38 13.25
CA LEU A 291 9.23 31.73 14.04
C LEU A 291 9.03 32.07 15.51
N THR A 292 8.61 31.10 16.31
CA THR A 292 8.41 31.37 17.73
C THR A 292 9.75 31.56 18.43
N VAL A 293 9.96 32.72 19.04
CA VAL A 293 11.16 32.96 19.84
C VAL A 293 10.75 33.32 21.26
N TYR A 294 11.71 33.21 22.18
CA TYR A 294 11.46 33.46 23.61
C TYR A 294 11.51 34.96 23.93
N LYS A 295 12.50 35.65 23.37
CA LYS A 295 12.73 37.06 23.62
C LYS A 295 12.96 37.75 22.27
N ALA A 296 12.35 38.91 22.07
CA ALA A 296 12.63 39.77 20.93
C ALA A 296 13.03 41.16 21.44
N CYS A 297 13.80 41.88 20.61
CA CYS A 297 14.30 43.20 20.97
C CYS A 297 14.01 44.22 19.87
N ASN A 298 13.88 45.48 20.30
CA ASN A 298 13.75 46.62 19.39
C ASN A 298 12.45 46.54 18.58
N LEU A 299 11.37 46.17 19.24
CA LEU A 299 10.04 46.05 18.63
C LEU A 299 9.04 46.91 19.39
N ASN A 300 8.25 47.70 18.67
CA ASN A 300 7.19 48.52 19.27
C ASN A 300 5.84 47.82 19.10
N LEU A 301 5.05 47.76 20.17
CA LEU A 301 3.78 47.03 20.17
C LEU A 301 2.60 47.94 19.79
N ILE A 302 1.90 47.60 18.71
CA ILE A 302 0.87 48.45 18.10
C ILE A 302 -0.52 47.93 18.49
N GLY A 303 -1.25 48.67 19.31
CA GLY A 303 -2.62 48.30 19.64
C GLY A 303 -2.77 47.73 21.04
N ARG A 304 -3.95 47.16 21.28
CA ARG A 304 -4.19 46.49 22.55
C ARG A 304 -4.31 45.00 22.31
N PRO A 305 -3.76 44.18 23.22
CA PRO A 305 -3.80 42.72 23.04
C PRO A 305 -5.19 42.20 22.74
N SER A 306 -5.24 41.15 21.92
CA SER A 306 -6.49 40.48 21.54
C SER A 306 -6.26 38.97 21.54
N THR A 307 -7.35 38.20 21.56
CA THR A 307 -7.26 36.75 21.43
C THR A 307 -8.11 36.19 20.30
N GLU A 308 -8.85 37.03 19.58
CA GLU A 308 -9.61 36.56 18.44
C GLU A 308 -8.66 35.90 17.42
N HIS A 309 -9.09 34.75 16.90
CA HIS A 309 -8.32 33.97 15.93
C HIS A 309 -6.88 33.69 16.40
N SER A 310 -6.64 33.70 17.70
CA SER A 310 -5.28 33.50 18.20
C SER A 310 -4.76 32.14 17.77
N TRP A 311 -3.57 32.15 17.15
CA TRP A 311 -3.01 30.90 16.63
C TRP A 311 -2.55 29.99 17.74
N PHE A 312 -2.10 30.56 18.86
CA PHE A 312 -1.65 29.81 20.03
C PHE A 312 -2.66 30.02 21.14
N PRO A 313 -3.73 29.22 21.18
CA PRO A 313 -4.79 29.43 22.17
C PRO A 313 -4.21 29.53 23.57
N GLY A 314 -4.79 30.43 24.36
CA GLY A 314 -4.27 30.72 25.66
C GLY A 314 -3.30 31.87 25.70
N TYR A 315 -2.83 32.34 24.54
CA TYR A 315 -2.05 33.56 24.48
C TYR A 315 -2.82 34.63 23.72
N ALA A 316 -2.47 35.89 23.98
CA ALA A 316 -3.14 37.05 23.42
C ALA A 316 -2.17 37.90 22.62
N TRP A 317 -2.48 38.11 21.33
CA TRP A 317 -1.55 38.71 20.39
C TRP A 317 -1.65 40.23 20.33
N THR A 318 -0.50 40.89 20.18
CA THR A 318 -0.38 42.33 20.05
C THR A 318 0.58 42.61 18.90
N VAL A 319 0.14 43.39 17.91
CA VAL A 319 0.95 43.60 16.71
C VAL A 319 2.28 44.24 17.10
N ALA A 320 3.35 43.86 16.39
CA ALA A 320 4.72 44.28 16.72
C ALA A 320 5.42 44.75 15.44
N GLN A 321 5.98 45.95 15.49
CA GLN A 321 6.66 46.54 14.36
C GLN A 321 8.04 47.03 14.79
N CYS A 322 8.84 47.37 13.79
CA CYS A 322 10.21 47.84 14.01
C CYS A 322 10.21 49.17 14.76
N LYS A 323 11.15 49.34 15.68
CA LYS A 323 11.25 50.62 16.36
C LYS A 323 11.88 51.70 15.48
N ILE A 324 12.36 51.34 14.28
CA ILE A 324 13.10 52.27 13.40
C ILE A 324 12.29 52.64 12.15
N CYS A 325 11.81 51.64 11.39
CA CYS A 325 11.13 51.86 10.12
C CYS A 325 9.66 51.51 10.16
N ALA A 326 9.17 51.12 11.33
CA ALA A 326 7.75 50.79 11.55
C ALA A 326 7.24 49.74 10.57
N SER A 327 8.09 48.76 10.25
CA SER A 327 7.68 47.71 9.34
C SER A 327 7.33 46.48 10.16
N HIS A 328 6.23 45.84 9.78
CA HIS A 328 5.67 44.77 10.58
C HIS A 328 6.68 43.66 10.72
N ILE A 329 6.79 43.13 11.95
CA ILE A 329 7.74 42.06 12.23
C ILE A 329 7.00 40.83 12.76
N GLY A 330 5.91 41.03 13.48
CA GLY A 330 5.09 39.94 13.99
C GLY A 330 4.12 40.37 15.07
N TRP A 331 3.98 39.53 16.10
CA TRP A 331 3.09 39.78 17.23
C TRP A 331 3.82 39.46 18.53
N LYS A 332 3.35 40.05 19.64
CA LYS A 332 3.85 39.69 20.97
C LYS A 332 2.73 38.96 21.69
N PHE A 333 2.85 37.64 21.84
CA PHE A 333 1.80 36.82 22.43
C PHE A 333 1.91 36.77 23.96
N THR A 334 0.79 37.02 24.64
CA THR A 334 0.73 37.20 26.09
C THR A 334 -0.12 36.10 26.72
N ALA A 335 0.39 35.54 27.82
CA ALA A 335 -0.38 34.52 28.53
C ALA A 335 -1.66 35.12 29.07
N THR A 336 -2.81 34.55 28.68
CA THR A 336 -4.02 34.98 29.35
C THR A 336 -4.04 34.50 30.80
N LYS A 337 -3.85 33.19 30.99
CA LYS A 337 -3.94 32.57 32.30
C LYS A 337 -2.64 32.77 33.06
N LYS A 338 -2.55 32.14 34.23
CA LYS A 338 -1.32 32.11 34.98
C LYS A 338 -0.55 30.80 34.99
N ASP A 339 -1.25 29.70 34.67
CA ASP A 339 -0.58 28.40 34.63
C ASP A 339 0.44 28.35 33.49
N MET A 340 0.12 28.98 32.35
CA MET A 340 0.90 28.83 31.13
C MET A 340 2.37 29.17 31.37
N SER A 341 3.24 28.46 30.67
CA SER A 341 4.67 28.73 30.70
C SER A 341 5.24 28.32 29.36
N PRO A 342 5.81 29.27 28.59
CA PRO A 342 6.14 30.65 28.92
C PRO A 342 4.93 31.57 28.96
N GLN A 343 5.11 32.79 29.43
CA GLN A 343 4.04 33.79 29.49
C GLN A 343 4.18 34.87 28.43
N LYS A 344 5.38 35.38 28.20
CA LYS A 344 5.64 36.27 27.08
C LYS A 344 6.56 35.52 26.12
N PHE A 345 6.05 35.23 24.92
CA PHE A 345 6.93 34.94 23.78
C PHE A 345 6.56 35.88 22.65
N TRP A 346 7.21 35.71 21.50
CA TRP A 346 6.95 36.55 20.34
C TRP A 346 6.90 35.73 19.07
N GLY A 347 5.98 36.06 18.17
CA GLY A 347 5.90 35.38 16.89
C GLY A 347 6.33 36.27 15.74
N LEU A 348 7.37 35.88 15.00
CA LEU A 348 7.95 36.74 13.96
C LEU A 348 7.79 36.10 12.60
N THR A 349 7.15 36.82 11.67
CA THR A 349 6.87 36.26 10.35
C THR A 349 8.22 36.28 9.62
N ARG A 350 8.45 35.24 8.82
CA ARG A 350 9.70 35.01 8.09
C ARG A 350 9.91 36.15 7.09
N SER A 351 8.82 36.67 6.55
CA SER A 351 8.91 37.67 5.50
C SER A 351 9.70 38.85 5.98
N ALA A 352 9.58 39.16 7.26
CA ALA A 352 10.15 40.38 7.81
C ALA A 352 11.59 40.28 8.22
N LEU A 353 12.11 39.07 8.41
CA LEU A 353 13.43 38.89 9.00
C LEU A 353 14.52 38.85 7.93
N LEU A 354 15.76 38.98 8.38
CA LEU A 354 16.94 38.89 7.53
C LEU A 354 18.15 38.41 8.31
N PRO A 355 18.66 37.20 8.01
CA PRO A 355 19.83 36.65 8.72
C PRO A 355 21.09 37.46 8.52
N THR A 356 21.91 37.51 9.56
CA THR A 356 23.10 38.35 9.56
C THR A 356 24.19 37.68 10.38
N ILE A 357 25.43 37.93 10.00
CA ILE A 357 26.61 37.35 10.65
C ILE A 357 27.20 38.35 11.65
N PRO A 358 26.92 38.26 12.97
CA PRO A 358 27.41 39.14 14.04
C PRO A 358 28.94 39.43 14.10
N VAL A 369 33.32 37.18 5.68
CA VAL A 369 32.35 36.14 6.06
C VAL A 369 31.40 35.79 4.91
N ILE A 370 31.63 34.63 4.30
CA ILE A 370 30.85 34.14 3.15
C ILE A 370 30.26 32.78 3.49
N LEU A 371 29.06 32.52 3.01
CA LEU A 371 28.49 31.19 3.12
C LEU A 371 29.17 30.27 2.12
N CYS A 372 29.59 29.08 2.58
CA CYS A 372 30.38 28.20 1.69
C CYS A 372 29.58 26.97 1.26
N LEU A 373 30.18 26.15 0.40
CA LEU A 373 29.52 24.91 -0.07
C LEU A 373 30.59 23.83 -0.27
N SER B 2 42.86 21.81 -25.21
CA SER B 2 44.06 21.02 -24.98
C SER B 2 43.93 19.61 -25.52
N TYR B 3 45.08 18.98 -25.70
CA TYR B 3 45.15 17.61 -26.16
C TYR B 3 46.34 16.97 -25.45
N ASN B 4 46.10 15.83 -24.81
CA ASN B 4 47.11 15.26 -23.94
C ASN B 4 47.33 13.78 -24.25
N TYR B 5 48.49 13.32 -23.82
CA TYR B 5 48.96 11.95 -24.02
C TYR B 5 49.25 11.40 -22.63
N VAL B 6 48.56 10.32 -22.25
CA VAL B 6 48.75 9.66 -20.96
C VAL B 6 49.44 8.32 -21.22
N VAL B 7 50.53 8.07 -20.51
CA VAL B 7 51.22 6.79 -20.67
C VAL B 7 51.61 6.26 -19.30
N THR B 8 51.59 4.95 -19.18
CA THR B 8 51.90 4.31 -17.92
C THR B 8 53.40 4.20 -17.78
N ALA B 9 53.92 4.69 -16.67
CA ALA B 9 55.33 4.65 -16.37
C ALA B 9 55.66 3.59 -15.35
N GLN B 10 54.65 2.99 -14.74
CA GLN B 10 54.84 1.86 -13.83
C GLN B 10 53.48 1.20 -13.68
N LYS B 11 53.34 -0.04 -14.12
CA LYS B 11 52.10 -0.80 -13.97
C LYS B 11 51.68 -0.80 -12.50
N PRO B 12 50.41 -1.06 -12.18
CA PRO B 12 50.03 -1.17 -10.77
C PRO B 12 50.85 -2.26 -10.07
N THR B 13 51.18 -2.02 -8.81
CA THR B 13 52.00 -2.93 -8.02
C THR B 13 51.23 -3.68 -6.94
N ALA B 14 49.97 -3.32 -6.70
CA ALA B 14 49.19 -3.91 -5.62
C ALA B 14 48.47 -5.14 -6.12
N VAL B 15 48.36 -6.14 -5.27
CA VAL B 15 47.62 -7.36 -5.55
C VAL B 15 46.20 -7.20 -5.00
N ASN B 16 45.20 -7.52 -5.80
CA ASN B 16 43.82 -7.44 -5.35
C ASN B 16 43.09 -8.74 -5.62
N GLY B 17 43.83 -9.85 -5.62
CA GLY B 17 43.21 -11.16 -5.66
C GLY B 17 44.15 -12.24 -6.14
N CYS B 18 43.98 -13.43 -5.58
CA CYS B 18 44.92 -14.52 -5.86
C CYS B 18 44.20 -15.86 -5.81
N VAL B 19 44.33 -16.63 -6.90
CA VAL B 19 43.68 -17.93 -7.05
C VAL B 19 44.73 -18.99 -7.40
N THR B 20 44.63 -20.17 -6.79
CA THR B 20 45.46 -21.32 -7.11
C THR B 20 44.60 -22.37 -7.80
N GLY B 21 45.01 -22.76 -8.99
CA GLY B 21 44.33 -23.82 -9.71
C GLY B 21 45.18 -24.40 -10.80
N HIS B 22 44.52 -24.78 -11.88
CA HIS B 22 45.14 -25.52 -12.96
C HIS B 22 44.74 -24.90 -14.30
N PHE B 23 45.17 -23.66 -14.49
CA PHE B 23 44.80 -22.90 -15.67
C PHE B 23 45.54 -23.41 -16.90
N THR B 24 46.87 -23.48 -16.81
CA THR B 24 47.77 -23.67 -17.94
C THR B 24 47.75 -25.11 -18.45
N SER B 25 48.18 -26.07 -17.64
CA SER B 25 47.93 -27.48 -17.92
C SER B 25 47.25 -28.11 -16.72
N ALA B 26 46.58 -29.24 -16.94
CA ALA B 26 45.89 -29.85 -15.82
C ALA B 26 46.86 -30.41 -14.78
N GLU B 27 48.16 -30.41 -15.08
CA GLU B 27 49.16 -31.13 -14.31
C GLU B 27 50.00 -30.26 -13.39
N ASP B 28 49.91 -28.94 -13.51
CA ASP B 28 50.70 -28.05 -12.68
C ASP B 28 49.79 -27.08 -11.92
N LEU B 29 50.18 -26.76 -10.70
CA LEU B 29 49.45 -25.80 -9.90
C LEU B 29 49.84 -24.39 -10.30
N ASN B 30 48.89 -23.63 -10.83
CA ASN B 30 49.12 -22.23 -11.11
C ASN B 30 48.72 -21.38 -9.92
N LEU B 31 49.37 -20.23 -9.80
CA LEU B 31 48.91 -19.12 -8.98
C LEU B 31 48.65 -17.97 -9.93
N LEU B 32 47.39 -17.53 -10.02
CA LEU B 32 47.06 -16.35 -10.80
C LEU B 32 46.87 -15.19 -9.84
N ILE B 33 47.43 -14.04 -10.20
CA ILE B 33 47.39 -12.83 -9.37
C ILE B 33 46.77 -11.71 -10.18
N ALA B 34 45.95 -10.88 -9.51
CA ALA B 34 45.27 -9.74 -10.11
C ALA B 34 45.75 -8.44 -9.48
N LYS B 35 46.21 -7.51 -10.35
CA LYS B 35 46.70 -6.17 -9.99
C LYS B 35 45.95 -5.12 -10.83
N ASN B 36 44.70 -4.85 -10.45
CA ASN B 36 43.81 -3.90 -11.13
C ASN B 36 43.76 -4.53 -12.53
N THR B 37 44.28 -3.81 -13.52
CA THR B 37 44.31 -4.25 -14.92
C THR B 37 45.43 -5.18 -15.37
N ARG B 38 45.73 -6.19 -14.57
CA ARG B 38 46.93 -7.00 -14.77
C ARG B 38 46.72 -8.40 -14.16
N LEU B 39 46.72 -9.41 -15.02
CA LEU B 39 46.60 -10.80 -14.60
C LEU B 39 47.96 -11.44 -14.78
N GLU B 40 48.51 -11.98 -13.70
CA GLU B 40 49.82 -12.63 -13.71
C GLU B 40 49.62 -14.12 -13.52
N ILE B 41 50.26 -14.93 -14.38
CA ILE B 41 50.07 -16.36 -14.39
C ILE B 41 51.40 -17.02 -14.11
N TYR B 42 51.44 -17.77 -13.02
CA TYR B 42 52.65 -18.41 -12.51
C TYR B 42 52.44 -19.92 -12.47
N VAL B 43 53.56 -20.63 -12.30
CA VAL B 43 53.57 -22.04 -12.00
C VAL B 43 54.30 -22.22 -10.68
N VAL B 44 53.68 -22.98 -9.77
CA VAL B 44 54.22 -23.23 -8.44
C VAL B 44 55.30 -24.32 -8.54
N THR B 45 56.57 -23.93 -8.54
CA THR B 45 57.69 -24.85 -8.52
C THR B 45 58.12 -25.11 -7.08
N ALA B 46 58.69 -26.31 -6.84
CA ALA B 46 59.15 -26.69 -5.51
C ALA B 46 60.13 -25.66 -4.96
N GLU B 47 60.89 -25.01 -5.84
CA GLU B 47 61.74 -23.91 -5.43
C GLU B 47 60.91 -22.67 -5.10
N GLY B 48 60.15 -22.16 -6.09
CA GLY B 48 59.34 -20.96 -5.89
C GLY B 48 58.17 -20.71 -6.85
N LEU B 49 58.32 -19.76 -7.77
CA LEU B 49 57.30 -19.43 -8.77
C LEU B 49 57.96 -19.23 -10.12
N ARG B 50 57.37 -19.78 -11.18
CA ARG B 50 57.86 -19.57 -12.52
C ARG B 50 56.91 -18.66 -13.29
N PRO B 51 57.37 -17.50 -13.73
CA PRO B 51 56.51 -16.59 -14.50
C PRO B 51 56.14 -17.18 -15.85
N VAL B 52 54.87 -17.09 -16.21
CA VAL B 52 54.40 -17.73 -17.44
C VAL B 52 53.94 -16.71 -18.47
N LYS B 53 52.92 -15.92 -18.12
CA LYS B 53 52.35 -14.88 -18.97
C LYS B 53 51.58 -13.90 -18.08
N GLU B 54 51.73 -12.60 -18.35
CA GLU B 54 50.95 -11.55 -17.70
C GLU B 54 50.31 -10.67 -18.76
N VAL B 55 49.01 -10.42 -18.61
CA VAL B 55 48.20 -9.84 -19.67
C VAL B 55 47.39 -8.66 -19.10
N GLY B 56 47.01 -7.76 -20.00
CA GLY B 56 46.28 -6.58 -19.61
C GLY B 56 44.89 -6.50 -20.22
N MET B 57 43.88 -6.44 -19.34
CA MET B 57 42.50 -6.30 -19.76
C MET B 57 42.13 -4.82 -19.85
N TYR B 58 41.12 -4.54 -20.69
CA TYR B 58 40.54 -3.22 -20.87
C TYR B 58 39.43 -2.96 -19.84
N GLY B 59 39.74 -3.19 -18.57
CA GLY B 59 38.75 -3.11 -17.52
C GLY B 59 39.47 -3.28 -16.20
N LYS B 60 38.71 -3.21 -15.12
CA LYS B 60 39.28 -3.42 -13.79
C LYS B 60 38.82 -4.76 -13.28
N ILE B 61 39.75 -5.71 -13.19
CA ILE B 61 39.43 -7.06 -12.72
C ILE B 61 38.75 -6.92 -11.38
N ALA B 62 37.48 -7.31 -11.34
CA ALA B 62 36.63 -7.23 -10.16
C ALA B 62 36.34 -8.59 -9.58
N VAL B 63 35.96 -9.53 -10.43
CA VAL B 63 35.84 -10.93 -10.05
C VAL B 63 36.92 -11.71 -10.80
N MET B 64 37.59 -12.60 -10.10
CA MET B 64 38.53 -13.53 -10.71
C MET B 64 38.38 -14.87 -10.02
N GLU B 65 37.95 -15.87 -10.79
CA GLU B 65 37.70 -17.20 -10.26
C GLU B 65 38.00 -18.22 -11.34
N LEU B 66 38.69 -19.29 -10.95
CA LEU B 66 38.93 -20.45 -11.80
C LEU B 66 37.91 -21.53 -11.48
N PHE B 67 37.52 -22.26 -12.53
CA PHE B 67 36.52 -23.32 -12.45
C PHE B 67 36.77 -24.23 -13.64
N ARG B 68 36.11 -25.40 -13.61
CA ARG B 68 36.29 -26.44 -14.63
C ARG B 68 34.99 -27.19 -14.83
N PRO B 69 34.18 -26.76 -15.79
CA PRO B 69 32.87 -27.37 -16.01
C PRO B 69 33.03 -28.66 -16.80
N LYS B 70 31.94 -29.45 -16.83
CA LYS B 70 31.99 -30.79 -17.42
C LYS B 70 32.43 -30.72 -18.88
N GLY B 71 33.54 -31.38 -19.19
CA GLY B 71 34.08 -31.37 -20.54
C GLY B 71 35.18 -30.34 -20.76
N GLU B 72 36.29 -30.49 -20.07
CA GLU B 72 37.38 -29.52 -20.08
C GLU B 72 38.70 -30.19 -19.72
N SER B 73 39.72 -29.99 -20.55
CA SER B 73 41.01 -30.57 -20.22
C SER B 73 41.61 -29.91 -18.98
N LYS B 74 41.50 -28.58 -18.90
CA LYS B 74 42.08 -27.75 -17.83
C LYS B 74 40.99 -26.87 -17.20
N ASP B 75 41.42 -26.10 -16.20
CA ASP B 75 40.61 -25.06 -15.57
C ASP B 75 40.45 -23.85 -16.50
N LEU B 76 39.29 -23.20 -16.38
CA LEU B 76 39.01 -21.93 -17.04
C LEU B 76 38.92 -20.82 -16.00
N LEU B 77 39.13 -19.59 -16.45
CA LEU B 77 39.18 -18.44 -15.56
C LEU B 77 38.05 -17.46 -15.86
N PHE B 78 37.27 -17.10 -14.84
CA PHE B 78 36.15 -16.15 -14.99
C PHE B 78 36.54 -14.79 -14.47
N ILE B 79 36.39 -13.78 -15.32
CA ILE B 79 36.81 -12.42 -15.02
C ILE B 79 35.60 -11.52 -15.21
N LEU B 80 35.22 -10.81 -14.16
CA LEU B 80 34.23 -9.76 -14.26
C LEU B 80 34.94 -8.47 -13.91
N THR B 81 34.79 -7.45 -14.77
CA THR B 81 35.41 -6.15 -14.52
C THR B 81 34.46 -5.21 -13.81
N ALA B 82 34.94 -3.98 -13.54
CA ALA B 82 34.13 -3.03 -12.79
C ALA B 82 33.04 -2.43 -13.65
N LYS B 83 33.26 -2.33 -14.96
CA LYS B 83 32.22 -1.87 -15.87
C LYS B 83 31.34 -3.03 -16.34
N TYR B 84 31.33 -4.13 -15.59
CA TYR B 84 30.43 -5.29 -15.73
C TYR B 84 30.77 -6.16 -16.91
N ASN B 85 32.00 -6.03 -17.43
CA ASN B 85 32.48 -6.90 -18.49
C ASN B 85 32.80 -8.29 -17.93
N ALA B 86 32.01 -9.28 -18.29
CA ALA B 86 32.29 -10.64 -17.88
C ALA B 86 32.93 -11.39 -19.04
N CYS B 87 33.81 -12.32 -18.70
CA CYS B 87 34.44 -13.11 -19.73
C CYS B 87 35.08 -14.35 -19.12
N ILE B 88 35.03 -15.44 -19.87
CA ILE B 88 35.64 -16.71 -19.48
C ILE B 88 36.84 -16.96 -20.38
N LEU B 89 37.98 -17.24 -19.76
CA LEU B 89 39.26 -17.31 -20.43
C LEU B 89 39.83 -18.73 -20.33
N GLU B 90 40.52 -19.13 -21.40
CA GLU B 90 41.22 -20.40 -21.47
C GLU B 90 42.64 -20.14 -21.92
N TYR B 91 43.58 -20.91 -21.37
CA TYR B 91 45.00 -20.79 -21.69
C TYR B 91 45.34 -21.69 -22.87
N LYS B 92 46.14 -21.18 -23.81
CA LYS B 92 46.44 -21.92 -25.04
C LYS B 92 47.78 -21.45 -25.61
N GLN B 93 48.77 -22.35 -25.59
CA GLN B 93 50.15 -22.10 -25.98
C GLN B 93 50.59 -23.09 -27.06
N SER B 94 51.11 -22.59 -28.17
CA SER B 94 51.56 -23.43 -29.27
C SER B 94 53.10 -23.46 -29.27
N GLY B 95 53.66 -24.41 -28.52
CA GLY B 95 55.10 -24.44 -28.36
C GLY B 95 55.67 -23.20 -27.71
N GLU B 96 55.67 -22.08 -28.45
CA GLU B 96 56.24 -20.83 -27.95
C GLU B 96 55.24 -19.68 -28.06
N SER B 97 54.01 -19.95 -28.52
CA SER B 97 53.02 -18.91 -28.80
C SER B 97 51.91 -19.01 -27.77
N ILE B 98 51.93 -18.10 -26.78
CA ILE B 98 50.96 -18.09 -25.68
C ILE B 98 49.86 -17.07 -25.96
N ASP B 99 48.61 -17.48 -25.78
CA ASP B 99 47.47 -16.60 -25.96
C ASP B 99 46.30 -16.98 -25.07
N ILE B 100 45.70 -15.99 -24.41
CA ILE B 100 44.59 -16.18 -23.47
C ILE B 100 43.30 -16.00 -24.24
N ILE B 101 42.70 -17.10 -24.64
CA ILE B 101 41.53 -17.05 -25.52
C ILE B 101 40.29 -16.76 -24.70
N THR B 102 39.37 -16.02 -25.31
CA THR B 102 38.12 -15.63 -24.66
C THR B 102 37.03 -16.58 -25.10
N ARG B 103 36.77 -17.60 -24.28
CA ARG B 103 35.72 -18.56 -24.57
C ARG B 103 34.32 -17.97 -24.44
N ALA B 104 34.15 -16.91 -23.65
CA ALA B 104 32.84 -16.31 -23.43
C ALA B 104 33.02 -14.87 -22.97
N HIS B 105 32.15 -13.99 -23.43
CA HIS B 105 32.22 -12.57 -23.08
C HIS B 105 30.80 -12.03 -23.07
N GLY B 106 30.63 -10.88 -22.40
CA GLY B 106 29.33 -10.25 -22.31
C GLY B 106 29.30 -9.29 -21.15
N ASN B 107 28.38 -8.32 -21.18
CA ASN B 107 28.32 -7.26 -20.19
C ASN B 107 27.11 -7.47 -19.29
N VAL B 108 27.36 -7.96 -18.08
CA VAL B 108 26.26 -8.32 -17.19
C VAL B 108 25.52 -7.12 -16.62
N GLN B 109 25.97 -5.90 -16.90
CA GLN B 109 25.20 -4.72 -16.50
C GLN B 109 23.69 -4.83 -16.76
N ASP B 110 22.90 -4.45 -15.76
CA ASP B 110 21.45 -4.32 -15.84
C ASP B 110 21.11 -2.83 -15.81
N ARG B 111 20.38 -2.35 -16.82
CA ARG B 111 20.02 -0.93 -16.93
C ARG B 111 19.52 -0.38 -15.61
N ILE B 112 18.53 -1.01 -15.06
CA ILE B 112 18.02 -0.63 -13.74
C ILE B 112 18.67 -1.48 -12.66
N GLY B 113 19.02 -0.86 -11.55
CA GLY B 113 19.54 -1.60 -10.43
C GLY B 113 20.16 -0.69 -9.40
N ARG B 114 20.17 -1.13 -8.15
CA ARG B 114 20.87 -0.39 -7.11
C ARG B 114 22.20 -1.11 -6.85
N PRO B 115 23.33 -0.55 -7.26
CA PRO B 115 24.61 -1.16 -6.93
C PRO B 115 24.71 -1.54 -5.47
N SER B 116 25.02 -2.79 -5.20
CA SER B 116 25.05 -3.27 -3.83
C SER B 116 26.20 -2.63 -3.07
N GLU B 117 25.96 -2.45 -1.76
CA GLU B 117 26.95 -1.85 -0.88
C GLU B 117 28.22 -2.69 -0.81
N THR B 118 28.10 -3.95 -0.36
CA THR B 118 29.23 -4.88 -0.25
C THR B 118 29.82 -5.25 -1.60
N GLY B 119 29.24 -4.78 -2.69
CA GLY B 119 29.94 -4.78 -3.96
C GLY B 119 29.68 -6.01 -4.82
N ILE B 120 30.47 -6.10 -5.89
CA ILE B 120 30.28 -7.18 -6.87
C ILE B 120 30.76 -8.49 -6.28
N ILE B 121 29.87 -9.49 -6.20
CA ILE B 121 30.23 -10.83 -5.71
C ILE B 121 30.09 -11.83 -6.85
N GLY B 122 31.15 -12.56 -7.13
CA GLY B 122 31.10 -13.59 -8.14
C GLY B 122 31.32 -14.94 -7.50
N ILE B 123 30.40 -15.88 -7.72
CA ILE B 123 30.50 -17.23 -7.18
C ILE B 123 30.15 -18.23 -8.28
N ILE B 124 30.73 -19.42 -8.17
CA ILE B 124 30.49 -20.46 -9.16
C ILE B 124 30.11 -21.73 -8.43
N ASP B 125 29.14 -22.45 -8.99
CA ASP B 125 28.60 -23.66 -8.38
C ASP B 125 29.75 -24.64 -8.05
N PRO B 126 29.66 -25.40 -6.95
CA PRO B 126 30.74 -26.36 -6.68
C PRO B 126 30.91 -27.36 -7.81
N GLU B 127 29.79 -27.78 -8.41
CA GLU B 127 29.78 -28.65 -9.59
C GLU B 127 29.66 -27.86 -10.90
N CYS B 128 30.15 -26.61 -10.89
CA CYS B 128 30.24 -25.73 -12.06
C CYS B 128 28.99 -25.77 -12.94
N ARG B 129 27.82 -25.68 -12.30
CA ARG B 129 26.58 -25.72 -13.05
C ARG B 129 25.99 -24.35 -13.37
N MET B 130 26.40 -23.29 -12.66
CA MET B 130 26.06 -21.92 -13.04
C MET B 130 27.06 -20.97 -12.40
N ILE B 131 26.98 -19.72 -12.82
CA ILE B 131 27.80 -18.64 -12.25
C ILE B 131 26.83 -17.61 -11.67
N GLY B 132 26.82 -17.45 -10.36
CA GLY B 132 25.97 -16.47 -9.70
C GLY B 132 26.67 -15.14 -9.48
N LEU B 133 26.00 -14.07 -9.86
CA LEU B 133 26.51 -12.72 -9.64
C LEU B 133 25.53 -11.96 -8.74
N ARG B 134 26.07 -11.28 -7.73
CA ARG B 134 25.30 -10.30 -6.95
C ARG B 134 25.90 -8.94 -7.31
N LEU B 135 25.36 -8.33 -8.37
CA LEU B 135 25.83 -7.03 -8.79
C LEU B 135 25.06 -5.92 -8.09
N TYR B 136 23.76 -6.14 -7.92
CA TYR B 136 22.84 -5.15 -7.39
C TYR B 136 22.01 -5.76 -6.28
N ASP B 137 21.38 -4.88 -5.52
CA ASP B 137 20.55 -5.30 -4.41
C ASP B 137 19.16 -5.63 -4.91
N GLY B 138 18.65 -6.78 -4.52
CA GLY B 138 17.35 -7.24 -4.93
C GLY B 138 17.35 -8.27 -6.05
N LEU B 139 18.53 -8.72 -6.48
CA LEU B 139 18.67 -9.47 -7.72
C LEU B 139 19.94 -10.35 -7.69
N PHE B 140 19.90 -11.41 -8.51
CA PHE B 140 20.97 -12.41 -8.52
C PHE B 140 21.07 -12.97 -9.94
N LYS B 141 22.02 -12.45 -10.73
CA LYS B 141 22.20 -12.92 -12.10
C LYS B 141 22.73 -14.36 -12.12
N VAL B 142 22.21 -15.17 -13.02
CA VAL B 142 22.58 -16.56 -13.09
C VAL B 142 23.00 -16.83 -14.51
N ILE B 143 24.30 -16.90 -14.74
CA ILE B 143 24.80 -17.42 -16.01
C ILE B 143 24.76 -18.93 -15.90
N PRO B 144 23.90 -19.61 -16.64
CA PRO B 144 23.91 -21.07 -16.60
C PRO B 144 25.16 -21.58 -17.29
N LEU B 145 25.86 -22.50 -16.62
CA LEU B 145 27.14 -23.00 -17.09
C LEU B 145 27.00 -24.29 -17.88
N ASP B 146 25.97 -25.08 -17.61
CA ASP B 146 25.63 -26.22 -18.47
C ASP B 146 25.49 -25.81 -19.94
N ARG B 147 26.33 -26.39 -20.81
CA ARG B 147 26.33 -26.13 -22.25
C ARG B 147 26.92 -24.76 -22.58
N ASP B 148 27.24 -24.46 -23.78
CA ASP B 148 28.15 -23.39 -24.15
C ASP B 148 27.36 -22.10 -24.05
N ASN B 149 27.74 -21.23 -23.12
CA ASN B 149 27.04 -19.96 -23.01
C ASN B 149 27.98 -18.83 -23.46
N LYS B 150 28.49 -18.94 -24.70
CA LYS B 150 29.51 -18.03 -25.21
C LYS B 150 29.14 -16.56 -25.01
N GLU B 151 27.85 -16.21 -25.12
CA GLU B 151 27.41 -14.83 -24.98
C GLU B 151 27.10 -14.47 -23.54
N LEU B 152 27.21 -15.43 -22.62
CA LEU B 152 26.94 -15.23 -21.19
C LEU B 152 25.51 -14.76 -20.99
N LYS B 153 24.58 -15.51 -21.56
CA LYS B 153 23.17 -15.32 -21.28
C LYS B 153 22.90 -15.58 -19.81
N ALA B 154 22.11 -14.71 -19.18
CA ALA B 154 21.81 -14.87 -17.76
C ALA B 154 20.37 -14.43 -17.46
N PHE B 155 19.81 -15.01 -16.41
CA PHE B 155 18.53 -14.58 -15.86
C PHE B 155 18.77 -14.04 -14.46
N ASN B 156 18.00 -13.02 -14.08
CA ASN B 156 18.17 -12.30 -12.82
C ASN B 156 17.08 -12.73 -11.84
N ILE B 157 17.40 -13.65 -10.92
CA ILE B 157 16.43 -14.10 -9.93
C ILE B 157 16.21 -13.02 -8.88
N ARG B 158 14.94 -12.82 -8.52
CA ARG B 158 14.53 -11.81 -7.54
C ARG B 158 14.72 -12.36 -6.14
N LEU B 159 15.32 -11.54 -5.28
CA LEU B 159 15.73 -11.92 -3.94
C LEU B 159 15.01 -10.98 -2.98
N GLU B 160 14.25 -11.55 -2.04
CA GLU B 160 13.44 -10.72 -1.15
C GLU B 160 14.31 -9.86 -0.24
N GLU B 161 15.40 -10.44 0.27
CA GLU B 161 16.32 -9.79 1.20
C GLU B 161 17.22 -8.83 0.43
N LEU B 162 17.22 -7.56 0.80
CA LEU B 162 17.84 -6.54 -0.02
C LEU B 162 19.15 -6.05 0.55
N HIS B 163 19.73 -6.77 1.51
CA HIS B 163 20.91 -6.29 2.20
C HIS B 163 21.86 -7.43 2.43
N VAL B 164 22.32 -8.04 1.34
CA VAL B 164 23.20 -9.20 1.45
C VAL B 164 24.63 -8.74 1.75
N ILE B 165 25.25 -9.36 2.75
CA ILE B 165 26.64 -9.07 3.14
C ILE B 165 27.61 -9.87 2.29
N ASP B 166 27.54 -11.22 2.34
CA ASP B 166 28.42 -12.14 1.63
C ASP B 166 27.65 -13.44 1.32
N VAL B 167 27.84 -13.98 0.12
CA VAL B 167 27.13 -15.17 -0.33
C VAL B 167 28.13 -16.13 -0.96
N LYS B 168 27.88 -17.42 -0.77
CA LYS B 168 28.72 -18.47 -1.33
C LYS B 168 27.83 -19.66 -1.68
N PHE B 169 28.22 -20.41 -2.72
CA PHE B 169 27.54 -21.65 -3.04
C PHE B 169 27.96 -22.73 -2.05
N LEU B 170 26.99 -23.51 -1.59
CA LEU B 170 27.26 -24.51 -0.56
C LEU B 170 27.75 -25.82 -1.18
N TYR B 171 28.52 -26.58 -0.40
CA TYR B 171 29.01 -27.86 -0.87
C TYR B 171 28.08 -28.97 -0.43
N GLY B 172 28.32 -30.18 -0.96
CA GLY B 172 27.51 -31.33 -0.59
C GLY B 172 26.04 -31.14 -0.93
N CYS B 173 25.78 -30.05 -1.65
CA CYS B 173 24.42 -29.72 -2.06
C CYS B 173 23.80 -30.86 -2.85
N GLN B 174 22.55 -31.19 -2.56
CA GLN B 174 21.81 -32.06 -3.45
C GLN B 174 21.48 -31.33 -4.75
N ALA B 175 21.01 -30.09 -4.64
CA ALA B 175 20.74 -29.21 -5.76
C ALA B 175 21.45 -27.89 -5.51
N PRO B 176 21.69 -27.09 -6.56
CA PRO B 176 22.49 -25.86 -6.41
C PRO B 176 21.98 -24.95 -5.29
N THR B 177 22.76 -24.84 -4.22
CA THR B 177 22.34 -24.14 -3.01
C THR B 177 23.33 -23.02 -2.71
N ILE B 178 22.80 -21.86 -2.33
CA ILE B 178 23.60 -20.70 -1.94
C ILE B 178 23.28 -20.37 -0.49
N CYS B 179 24.33 -20.20 0.30
CA CYS B 179 24.20 -19.68 1.66
C CYS B 179 24.60 -18.22 1.68
N PHE B 180 23.72 -17.39 2.24
CA PHE B 180 23.93 -15.94 2.28
C PHE B 180 23.58 -15.38 3.66
N VAL B 181 24.11 -14.18 3.94
CA VAL B 181 23.96 -13.48 5.22
C VAL B 181 23.46 -12.08 4.92
N TYR B 182 22.26 -11.77 5.39
CA TYR B 182 21.61 -10.48 5.16
C TYR B 182 21.47 -9.73 6.48
N GLN B 183 21.27 -8.42 6.39
CA GLN B 183 20.86 -7.63 7.52
C GLN B 183 19.41 -7.20 7.32
N ASP B 184 18.66 -7.30 8.40
CA ASP B 184 17.28 -6.89 8.53
C ASP B 184 17.20 -5.73 9.48
N PRO B 185 16.05 -5.05 9.54
CA PRO B 185 15.79 -4.24 10.73
C PRO B 185 16.00 -5.04 12.01
N GLN B 186 15.63 -6.32 12.01
CA GLN B 186 15.77 -7.16 13.19
C GLN B 186 17.21 -7.60 13.45
N GLY B 187 18.07 -7.63 12.44
CA GLY B 187 19.48 -7.95 12.67
C GLY B 187 20.11 -8.57 11.45
N ARG B 188 21.16 -9.37 11.69
CA ARG B 188 21.85 -10.13 10.65
C ARG B 188 21.54 -11.62 10.80
N HIS B 189 21.06 -12.22 9.72
CA HIS B 189 20.64 -13.61 9.75
C HIS B 189 21.32 -14.36 8.62
N VAL B 190 21.21 -15.69 8.66
CA VAL B 190 21.76 -16.57 7.63
C VAL B 190 20.64 -17.43 7.05
N LYS B 191 20.62 -17.56 5.74
CA LYS B 191 19.59 -18.36 5.06
C LYS B 191 20.19 -19.07 3.87
N THR B 192 19.43 -20.01 3.31
CA THR B 192 19.82 -20.69 2.08
C THR B 192 18.65 -20.81 1.11
N TYR B 193 18.98 -20.75 -0.17
CA TYR B 193 18.05 -20.94 -1.26
C TYR B 193 18.62 -21.98 -2.23
N GLU B 194 17.74 -22.55 -3.03
CA GLU B 194 18.13 -23.47 -4.09
C GLU B 194 17.80 -22.82 -5.42
N VAL B 195 18.72 -22.89 -6.36
CA VAL B 195 18.58 -22.17 -7.61
C VAL B 195 18.02 -23.14 -8.64
N SER B 196 16.71 -23.07 -8.85
CA SER B 196 16.06 -23.93 -9.83
C SER B 196 16.30 -23.32 -11.19
N LEU B 197 17.28 -23.87 -11.90
CA LEU B 197 17.47 -23.48 -13.29
C LEU B 197 16.22 -23.78 -14.11
N ARG B 198 15.61 -24.94 -13.87
CA ARG B 198 14.43 -25.35 -14.62
C ARG B 198 13.34 -24.29 -14.49
N GLU B 199 13.03 -23.87 -13.27
CA GLU B 199 12.02 -22.85 -13.05
C GLU B 199 12.59 -21.43 -12.99
N LYS B 200 13.91 -21.26 -13.16
CA LYS B 200 14.57 -19.95 -13.14
C LYS B 200 14.02 -19.05 -12.03
N GLU B 201 14.01 -19.61 -10.83
CA GLU B 201 13.63 -18.89 -9.62
C GLU B 201 14.30 -19.60 -8.45
N PHE B 202 14.14 -19.01 -7.26
CA PHE B 202 14.66 -19.59 -6.03
C PHE B 202 13.65 -20.55 -5.41
N ASN B 203 14.15 -21.56 -4.70
CA ASN B 203 13.33 -22.47 -3.92
C ASN B 203 13.91 -22.58 -2.52
N LYS B 204 13.05 -22.85 -1.54
CA LYS B 204 13.50 -22.85 -0.15
C LYS B 204 14.63 -23.84 0.04
N GLY B 205 15.59 -23.50 0.92
CA GLY B 205 16.81 -24.26 1.05
C GLY B 205 16.81 -25.28 2.17
N PRO B 206 17.99 -25.89 2.43
CA PRO B 206 18.05 -26.86 3.53
C PRO B 206 17.98 -26.27 4.94
N TRP B 207 18.54 -25.09 5.21
CA TRP B 207 18.61 -24.59 6.58
C TRP B 207 18.69 -23.05 6.64
N LYS B 208 18.46 -22.47 7.83
CA LYS B 208 18.43 -21.02 8.02
C LYS B 208 18.59 -20.69 9.50
N GLN B 209 19.37 -19.64 9.80
CA GLN B 209 19.78 -19.32 11.16
C GLN B 209 19.12 -18.03 11.60
N GLU B 210 18.34 -18.10 12.67
CA GLU B 210 17.39 -17.02 12.94
C GLU B 210 18.08 -15.68 13.18
N ASN B 211 19.30 -15.65 13.70
CA ASN B 211 19.89 -14.38 14.12
C ASN B 211 21.28 -14.89 14.42
N VAL B 212 22.31 -14.24 13.90
CA VAL B 212 23.65 -14.77 14.01
C VAL B 212 24.36 -13.45 14.39
N GLU B 213 25.66 -13.50 14.73
CA GLU B 213 26.36 -12.34 15.19
C GLU B 213 26.15 -11.15 14.26
N ALA B 214 26.17 -9.92 14.82
CA ALA B 214 25.74 -8.72 14.08
C ALA B 214 26.82 -8.11 13.19
N GLU B 215 28.10 -8.39 13.43
CA GLU B 215 29.16 -8.00 12.49
C GLU B 215 29.65 -9.21 11.68
N ALA B 216 28.77 -10.19 11.44
CA ALA B 216 29.08 -11.33 10.59
C ALA B 216 29.23 -10.87 9.14
N SER B 217 30.46 -11.01 8.61
CA SER B 217 30.81 -10.54 7.28
C SER B 217 31.24 -11.63 6.30
N MET B 218 31.72 -12.79 6.77
CA MET B 218 32.33 -13.81 5.92
C MET B 218 31.51 -15.10 5.94
N VAL B 219 31.15 -15.59 4.75
CA VAL B 219 30.57 -16.92 4.58
C VAL B 219 31.61 -17.76 3.88
N ILE B 220 32.01 -18.87 4.50
CA ILE B 220 32.97 -19.81 3.92
C ILE B 220 32.28 -21.15 3.81
N ALA B 221 32.18 -21.68 2.58
CA ALA B 221 31.48 -22.96 2.36
C ALA B 221 32.43 -24.09 2.69
N VAL B 222 32.02 -24.94 3.62
CA VAL B 222 32.85 -26.08 4.02
C VAL B 222 32.64 -27.20 3.01
N PRO B 223 33.72 -27.80 2.46
CA PRO B 223 33.59 -28.85 1.45
C PRO B 223 32.79 -30.06 1.91
N GLU B 224 32.58 -30.99 0.99
CA GLU B 224 31.64 -32.08 1.28
C GLU B 224 32.02 -32.90 2.51
N PRO B 225 33.33 -33.19 2.84
CA PRO B 225 33.63 -34.06 3.99
C PRO B 225 32.81 -33.76 5.24
N PHE B 226 32.72 -32.50 5.64
CA PHE B 226 31.88 -32.13 6.76
C PHE B 226 30.61 -31.38 6.33
N GLY B 227 30.68 -30.52 5.30
CA GLY B 227 29.51 -29.85 4.73
C GLY B 227 28.95 -28.72 5.58
N GLY B 228 28.44 -27.65 4.95
CA GLY B 228 27.89 -26.52 5.68
C GLY B 228 28.55 -25.20 5.30
N ALA B 229 28.61 -24.27 6.27
CA ALA B 229 29.17 -22.94 6.06
C ALA B 229 29.72 -22.37 7.36
N ILE B 230 30.79 -21.58 7.28
CA ILE B 230 31.38 -20.91 8.44
C ILE B 230 31.09 -19.41 8.34
N ILE B 231 30.56 -18.83 9.42
CA ILE B 231 30.24 -17.41 9.48
C ILE B 231 31.25 -16.69 10.37
N ILE B 232 32.31 -16.15 9.75
CA ILE B 232 33.30 -15.40 10.50
C ILE B 232 32.73 -14.02 10.82
N GLY B 233 32.89 -13.61 12.07
CA GLY B 233 32.41 -12.35 12.57
C GLY B 233 33.51 -11.51 13.21
N GLN B 234 33.09 -10.51 13.99
CA GLN B 234 34.02 -9.65 14.73
C GLN B 234 34.59 -10.38 15.95
N GLU B 235 33.71 -11.02 16.72
CA GLU B 235 34.08 -11.67 17.96
C GLU B 235 33.99 -13.19 17.91
N SER B 236 33.19 -13.74 16.98
CA SER B 236 32.92 -15.17 16.94
C SER B 236 33.08 -15.72 15.54
N ILE B 237 33.13 -17.05 15.47
CA ILE B 237 33.27 -17.81 14.23
C ILE B 237 32.31 -18.99 14.36
N THR B 238 31.19 -18.97 13.67
CA THR B 238 30.19 -20.00 13.83
C THR B 238 30.12 -20.88 12.57
N TYR B 239 29.89 -22.19 12.79
CA TYR B 239 29.65 -23.18 11.73
C TYR B 239 28.18 -23.59 11.75
N HIS B 240 27.59 -23.74 10.56
CA HIS B 240 26.15 -23.97 10.41
C HIS B 240 25.90 -25.05 9.35
N ASN B 241 25.10 -26.06 9.69
CA ASN B 241 24.70 -27.06 8.69
C ASN B 241 23.47 -27.79 9.21
N GLY B 242 22.29 -27.29 8.84
CA GLY B 242 21.03 -27.89 9.23
C GLY B 242 21.06 -28.15 10.72
N ASP B 243 20.96 -29.43 11.07
CA ASP B 243 21.00 -29.84 12.47
C ASP B 243 22.20 -29.27 13.24
N LYS B 244 23.42 -29.42 12.67
CA LYS B 244 24.64 -29.10 13.38
C LYS B 244 24.87 -27.60 13.50
N TYR B 245 25.43 -27.19 14.64
CA TYR B 245 25.76 -25.78 14.88
C TYR B 245 26.81 -25.71 15.99
N LEU B 246 28.03 -25.32 15.64
CA LEU B 246 29.12 -25.07 16.57
C LEU B 246 29.58 -23.61 16.47
N ALA B 247 29.97 -23.02 17.60
CA ALA B 247 30.38 -21.62 17.61
C ALA B 247 31.43 -21.38 18.70
N ILE B 248 32.56 -20.80 18.31
CA ILE B 248 33.63 -20.42 19.22
C ILE B 248 33.83 -18.92 19.15
N ALA B 249 34.36 -18.34 20.24
CA ALA B 249 34.70 -16.93 20.33
C ALA B 249 36.18 -16.85 20.72
N PRO B 250 37.08 -17.10 19.79
CA PRO B 250 38.50 -17.17 20.12
C PRO B 250 38.96 -15.88 20.76
N PRO B 251 39.71 -15.97 21.84
CA PRO B 251 40.28 -14.76 22.42
C PRO B 251 41.17 -14.02 21.44
N ILE B 252 42.06 -14.73 20.75
CA ILE B 252 43.09 -14.07 19.99
C ILE B 252 42.49 -13.23 18.87
N ILE B 253 41.37 -13.68 18.29
CA ILE B 253 40.75 -12.96 17.18
C ILE B 253 40.02 -11.70 17.60
N LYS B 254 39.81 -11.50 18.89
CA LYS B 254 39.11 -10.29 19.31
C LYS B 254 39.93 -9.02 19.06
N GLN B 255 41.23 -9.13 18.76
CA GLN B 255 42.05 -7.91 18.66
C GLN B 255 41.94 -7.25 17.28
N SER B 256 41.62 -8.00 16.22
CA SER B 256 41.43 -7.41 14.90
C SER B 256 40.29 -8.12 14.20
N THR B 257 40.07 -7.79 12.94
CA THR B 257 38.95 -8.32 12.17
C THR B 257 39.46 -9.14 11.00
N ILE B 258 38.91 -10.34 10.84
CA ILE B 258 39.30 -11.22 9.73
C ILE B 258 38.64 -10.72 8.44
N VAL B 259 39.42 -10.66 7.37
CA VAL B 259 39.04 -10.00 6.12
C VAL B 259 39.30 -10.92 4.94
N CYS B 260 40.28 -11.82 5.05
CA CYS B 260 40.57 -12.77 3.98
C CYS B 260 40.70 -14.19 4.53
N HIS B 261 40.48 -15.15 3.64
CA HIS B 261 40.40 -16.54 4.01
C HIS B 261 40.75 -17.38 2.79
N ASN B 262 41.51 -18.45 3.02
CA ASN B 262 41.86 -19.36 1.93
C ASN B 262 41.83 -20.78 2.46
N ARG B 263 41.28 -21.70 1.68
CA ARG B 263 41.24 -23.08 2.14
C ARG B 263 42.59 -23.72 1.89
N VAL B 264 43.14 -24.39 2.91
CA VAL B 264 44.43 -25.07 2.81
C VAL B 264 44.39 -26.46 2.23
N ASP B 265 43.65 -27.34 2.85
CA ASP B 265 43.56 -28.69 2.31
C ASP B 265 42.30 -28.64 1.45
N PRO B 266 42.33 -29.26 0.27
CA PRO B 266 41.07 -29.42 -0.50
C PRO B 266 39.97 -30.04 0.34
N ASN B 267 40.36 -30.83 1.34
CA ASN B 267 39.42 -31.48 2.24
C ASN B 267 38.51 -30.47 2.93
N GLY B 268 39.07 -29.37 3.41
CA GLY B 268 38.35 -28.39 4.17
C GLY B 268 38.52 -28.42 5.69
N SER B 269 39.59 -29.03 6.21
CA SER B 269 39.84 -29.10 7.65
C SER B 269 40.67 -27.95 8.18
N ARG B 270 41.47 -27.32 7.31
CA ARG B 270 42.33 -26.20 7.67
C ARG B 270 42.06 -25.04 6.71
N TYR B 271 41.67 -23.90 7.27
CA TYR B 271 41.47 -22.63 6.59
C TYR B 271 42.46 -21.59 7.14
N LEU B 272 43.01 -20.76 6.26
CA LEU B 272 43.85 -19.64 6.69
C LEU B 272 42.99 -18.40 6.88
N LEU B 273 43.25 -17.65 7.93
CA LEU B 273 42.55 -16.41 8.18
C LEU B 273 43.56 -15.30 8.37
N GLY B 274 43.27 -14.14 7.84
CA GLY B 274 44.13 -12.98 8.00
C GLY B 274 43.30 -11.80 8.41
N ASP B 275 43.89 -10.94 9.24
CA ASP B 275 43.18 -9.78 9.76
C ASP B 275 43.61 -8.52 9.04
N MET B 276 43.41 -7.35 9.65
CA MET B 276 43.78 -6.09 9.04
C MET B 276 45.06 -5.52 9.63
N GLU B 277 45.60 -6.15 10.69
CA GLU B 277 46.87 -5.74 11.26
C GLU B 277 48.02 -6.66 10.82
N GLY B 278 47.79 -7.56 9.86
CA GLY B 278 48.85 -8.40 9.32
C GLY B 278 48.99 -9.77 9.96
N ARG B 279 48.24 -10.06 11.02
CA ARG B 279 48.35 -11.37 11.65
C ARG B 279 47.70 -12.45 10.80
N LEU B 280 48.27 -13.65 10.82
CA LEU B 280 47.80 -14.77 10.01
C LEU B 280 47.40 -15.92 10.93
N PHE B 281 46.11 -16.26 10.90
CA PHE B 281 45.57 -17.30 11.75
C PHE B 281 45.32 -18.57 10.94
N MET B 282 45.03 -19.64 11.68
CA MET B 282 44.77 -20.96 11.11
C MET B 282 43.53 -21.54 11.77
N LEU B 283 42.45 -21.67 11.01
CA LEU B 283 41.23 -22.31 11.48
C LEU B 283 41.32 -23.81 11.19
N LEU B 284 41.34 -24.63 12.24
CA LEU B 284 41.34 -26.08 12.10
C LEU B 284 39.98 -26.61 12.50
N LEU B 285 39.37 -27.42 11.64
CA LEU B 285 38.13 -28.10 11.97
C LEU B 285 38.47 -29.50 12.45
N GLU B 286 38.22 -29.77 13.73
CA GLU B 286 38.50 -31.08 14.28
C GLU B 286 37.41 -32.05 13.86
N LYS B 287 37.82 -33.16 13.24
CA LYS B 287 36.93 -34.14 12.67
C LYS B 287 36.69 -35.29 13.65
N GLU B 288 35.66 -36.10 13.35
CA GLU B 288 35.30 -37.29 14.13
C GLU B 288 35.21 -38.49 13.18
N GLU B 289 36.11 -39.46 13.38
CA GLU B 289 36.18 -40.66 12.53
C GLU B 289 35.23 -41.73 13.07
N GLN B 290 33.98 -41.71 12.60
CA GLN B 290 32.95 -42.59 13.11
C GLN B 290 32.90 -43.88 12.29
N MET B 291 32.26 -44.91 12.89
CA MET B 291 32.23 -46.26 12.32
C MET B 291 31.27 -46.39 11.16
N ASP B 292 30.17 -45.64 11.16
CA ASP B 292 29.24 -45.61 10.03
C ASP B 292 29.77 -44.79 8.87
N GLY B 293 30.99 -44.29 8.95
CA GLY B 293 31.59 -43.40 7.95
C GLY B 293 31.41 -41.93 8.27
N THR B 294 30.16 -41.51 8.50
CA THR B 294 29.79 -40.10 8.71
C THR B 294 30.71 -39.42 9.71
N VAL B 295 31.08 -38.19 9.40
CA VAL B 295 32.06 -37.42 10.15
C VAL B 295 31.34 -36.25 10.80
N THR B 296 31.71 -35.97 12.05
CA THR B 296 31.10 -34.92 12.86
C THR B 296 32.16 -33.91 13.25
N LEU B 297 31.84 -32.62 13.09
CA LEU B 297 32.70 -31.53 13.56
C LEU B 297 32.79 -31.81 15.05
N LYS B 298 34.01 -31.98 15.54
CA LYS B 298 34.19 -32.19 16.98
C LYS B 298 34.31 -30.80 17.55
N ASP B 299 35.23 -30.01 17.01
CA ASP B 299 35.55 -28.71 17.57
C ASP B 299 36.17 -27.82 16.49
N LEU B 300 36.11 -26.51 16.72
CA LEU B 300 36.76 -25.49 15.91
C LEU B 300 37.91 -24.86 16.69
N ARG B 301 39.12 -24.94 16.12
CA ARG B 301 40.33 -24.45 16.78
C ARG B 301 40.90 -23.28 15.98
N VAL B 302 41.34 -22.25 16.71
CA VAL B 302 41.93 -21.06 16.11
C VAL B 302 43.32 -20.87 16.70
N GLU B 303 44.32 -20.86 15.83
CA GLU B 303 45.71 -20.72 16.22
C GLU B 303 46.36 -19.58 15.43
N LEU B 304 47.25 -18.85 16.11
CA LEU B 304 47.94 -17.70 15.52
C LEU B 304 49.32 -18.13 15.00
N LEU B 305 49.57 -17.87 13.72
CA LEU B 305 50.76 -18.39 13.07
C LEU B 305 51.89 -17.38 12.97
N GLY B 306 51.60 -16.10 12.98
CA GLY B 306 52.61 -15.07 12.87
C GLY B 306 52.05 -13.83 12.22
N GLU B 307 52.94 -12.99 11.72
CA GLU B 307 52.55 -11.72 11.11
C GLU B 307 53.11 -11.63 9.71
N THR B 308 52.33 -11.05 8.81
CA THR B 308 52.76 -10.90 7.42
C THR B 308 52.46 -9.46 6.98
N SER B 309 52.43 -9.23 5.67
CA SER B 309 52.00 -7.95 5.14
C SER B 309 50.50 -7.83 5.27
N ILE B 310 50.02 -6.60 5.47
CA ILE B 310 48.58 -6.40 5.59
C ILE B 310 48.19 -7.10 4.29
N ALA B 311 47.35 -8.13 4.41
CA ALA B 311 47.09 -9.06 3.32
C ALA B 311 45.72 -8.68 2.81
N GLU B 312 45.64 -8.30 1.53
CA GLU B 312 44.34 -8.24 0.89
C GLU B 312 43.79 -9.66 0.72
N CYS B 313 44.48 -10.49 -0.08
CA CYS B 313 44.08 -11.88 -0.29
C CYS B 313 45.13 -12.84 0.28
N LEU B 314 44.75 -14.10 0.44
CA LEU B 314 45.64 -15.15 0.90
C LEU B 314 45.44 -16.39 0.06
N THR B 315 46.51 -17.16 -0.12
CA THR B 315 46.35 -18.46 -0.77
C THR B 315 47.52 -19.38 -0.42
N TYR B 316 47.19 -20.57 0.04
CA TYR B 316 48.19 -21.60 0.21
C TYR B 316 48.59 -22.15 -1.16
N LEU B 317 49.89 -22.06 -1.49
CA LEU B 317 50.42 -22.67 -2.70
C LEU B 317 50.78 -24.16 -2.61
N ASP B 318 51.80 -24.49 -1.82
CA ASP B 318 52.14 -25.88 -1.53
C ASP B 318 53.48 -25.89 -0.82
N ASN B 319 53.72 -26.96 -0.07
CA ASN B 319 54.95 -27.17 0.70
C ASN B 319 55.17 -26.09 1.77
N GLY B 320 54.06 -25.56 2.31
CA GLY B 320 54.09 -24.53 3.31
C GLY B 320 54.24 -23.10 2.82
N VAL B 321 54.25 -22.87 1.51
CA VAL B 321 54.39 -21.53 0.98
C VAL B 321 53.01 -20.93 0.81
N VAL B 322 52.77 -19.81 1.50
CA VAL B 322 51.54 -19.04 1.37
C VAL B 322 51.88 -17.74 0.67
N PHE B 323 51.11 -17.39 -0.35
CA PHE B 323 51.27 -16.10 -0.98
C PHE B 323 50.38 -15.08 -0.29
N VAL B 324 50.99 -13.99 0.11
CA VAL B 324 50.30 -12.89 0.73
C VAL B 324 50.23 -11.77 -0.29
N GLY B 325 49.05 -11.56 -0.88
CA GLY B 325 48.83 -10.41 -1.72
C GLY B 325 48.47 -9.22 -0.86
N SER B 326 49.09 -8.08 -1.14
CA SER B 326 48.99 -6.94 -0.25
C SER B 326 48.71 -5.68 -1.06
N ARG B 327 47.84 -4.84 -0.49
CA ARG B 327 47.46 -3.55 -1.07
C ARG B 327 48.08 -2.37 -0.35
N LEU B 328 48.38 -2.50 0.94
CA LEU B 328 49.02 -1.41 1.66
C LEU B 328 50.53 -1.55 1.60
N GLY B 329 51.04 -2.78 1.70
CA GLY B 329 52.47 -2.99 1.65
C GLY B 329 52.93 -4.01 0.64
N ASP B 330 54.18 -4.45 0.77
CA ASP B 330 54.71 -5.39 -0.20
C ASP B 330 54.00 -6.74 -0.11
N SER B 331 53.77 -7.36 -1.25
CA SER B 331 53.31 -8.75 -1.25
C SER B 331 54.48 -9.69 -0.95
N GLN B 332 54.15 -10.88 -0.46
CA GLN B 332 55.21 -11.80 -0.07
C GLN B 332 54.81 -13.28 -0.25
N LEU B 333 55.85 -14.13 -0.25
CA LEU B 333 55.77 -15.58 -0.05
C LEU B 333 56.30 -15.88 1.34
N VAL B 334 55.48 -16.53 2.16
CA VAL B 334 55.89 -16.90 3.51
C VAL B 334 55.98 -18.41 3.55
N LYS B 335 57.01 -18.91 4.22
CA LYS B 335 57.09 -20.33 4.56
C LYS B 335 56.53 -20.48 5.97
N LEU B 336 55.43 -21.19 6.10
CA LEU B 336 54.94 -21.61 7.40
C LEU B 336 55.79 -22.79 7.87
N ASN B 337 56.47 -22.63 9.01
CA ASN B 337 57.32 -23.68 9.55
C ASN B 337 56.51 -24.61 10.45
N VAL B 338 57.17 -25.65 10.95
CA VAL B 338 56.51 -26.63 11.80
C VAL B 338 56.58 -26.22 13.27
N ASP B 339 57.74 -25.77 13.70
CA ASP B 339 58.01 -25.47 15.10
C ASP B 339 57.86 -23.98 15.33
N SER B 340 57.20 -23.61 16.43
CA SER B 340 57.16 -22.23 16.86
C SER B 340 58.57 -21.66 16.87
N ASN B 341 58.77 -20.55 16.18
CA ASN B 341 60.09 -19.93 16.11
C ASN B 341 60.38 -19.30 17.47
N GLU B 342 61.51 -18.59 17.56
CA GLU B 342 61.93 -17.97 18.82
C GLU B 342 60.87 -17.07 19.46
N GLN B 343 59.99 -16.45 18.65
CA GLN B 343 58.90 -15.64 19.16
C GLN B 343 57.53 -16.29 19.02
N GLY B 344 57.42 -17.43 18.32
CA GLY B 344 56.17 -18.11 18.06
C GLY B 344 55.74 -18.08 16.60
N SER B 345 56.07 -16.99 15.89
CA SER B 345 55.82 -16.85 14.47
C SER B 345 56.29 -18.19 13.93
N TYR B 346 55.39 -19.00 13.36
CA TYR B 346 55.87 -20.14 12.55
C TYR B 346 55.97 -19.52 11.16
N VAL B 347 55.42 -18.32 10.94
CA VAL B 347 55.65 -17.64 9.68
C VAL B 347 57.11 -17.17 9.61
N VAL B 348 57.71 -17.34 8.45
CA VAL B 348 59.09 -16.91 8.18
C VAL B 348 59.07 -16.32 6.78
N ALA B 349 59.40 -15.03 6.67
CA ALA B 349 59.33 -14.37 5.38
C ALA B 349 60.31 -15.03 4.44
N MET B 350 59.92 -15.12 3.17
CA MET B 350 60.67 -15.97 2.24
C MET B 350 60.85 -15.35 0.87
N GLU B 351 60.05 -14.37 0.49
CA GLU B 351 60.27 -13.59 -0.72
C GLU B 351 59.28 -12.44 -0.69
N THR B 352 59.75 -11.25 -1.01
CA THR B 352 58.89 -10.07 -1.00
C THR B 352 58.82 -9.51 -2.41
N PHE B 353 57.64 -9.04 -2.79
CA PHE B 353 57.44 -8.37 -4.07
C PHE B 353 57.10 -6.91 -3.84
N THR B 354 57.55 -6.06 -4.74
CA THR B 354 57.41 -4.62 -4.51
C THR B 354 55.96 -4.18 -4.65
N ASN B 355 55.53 -3.30 -3.74
CA ASN B 355 54.25 -2.62 -3.84
C ASN B 355 54.51 -1.16 -3.48
N LEU B 356 54.51 -0.28 -4.49
CA LEU B 356 54.62 1.16 -4.31
C LEU B 356 53.33 1.80 -3.84
N GLY B 357 52.22 1.04 -3.78
CA GLY B 357 50.94 1.55 -3.36
C GLY B 357 50.62 1.37 -1.89
N PRO B 358 49.78 2.27 -1.34
CA PRO B 358 49.24 3.47 -1.98
C PRO B 358 50.27 4.59 -2.06
N ILE B 359 50.14 5.48 -3.04
CA ILE B 359 51.07 6.59 -3.20
C ILE B 359 50.33 7.84 -2.77
N VAL B 360 50.60 8.28 -1.54
CA VAL B 360 49.89 9.42 -0.96
C VAL B 360 50.57 10.77 -1.25
N ASP B 361 51.90 10.81 -1.39
CA ASP B 361 52.60 12.00 -1.86
C ASP B 361 53.88 11.56 -2.56
N MET B 362 54.41 12.46 -3.40
CA MET B 362 55.68 12.19 -4.08
C MET B 362 56.38 13.51 -4.37
N CYS B 363 57.63 13.40 -4.82
CA CYS B 363 58.46 14.55 -5.21
C CYS B 363 59.54 14.04 -6.16
N VAL B 364 60.04 14.91 -7.04
CA VAL B 364 61.04 14.54 -8.06
C VAL B 364 62.36 15.23 -7.72
N VAL B 365 63.44 14.46 -7.67
CA VAL B 365 64.70 15.00 -7.14
C VAL B 365 65.86 14.40 -7.92
N ASP B 366 66.78 15.23 -8.37
CA ASP B 366 67.99 14.77 -9.04
C ASP B 366 69.14 14.69 -8.04
N LEU B 367 69.18 13.58 -7.30
CA LEU B 367 70.11 13.45 -6.18
C LEU B 367 71.55 13.20 -6.65
N GLU B 368 71.72 12.38 -7.68
CA GLU B 368 73.06 12.10 -8.18
C GLU B 368 73.57 13.20 -9.07
N ARG B 369 72.86 14.33 -9.11
CA ARG B 369 73.25 15.52 -9.85
C ARG B 369 73.68 15.15 -11.25
N GLN B 370 72.89 14.29 -11.88
CA GLN B 370 73.17 13.76 -13.20
C GLN B 370 72.14 14.21 -14.23
N GLY B 371 71.42 15.28 -13.96
CA GLY B 371 70.45 15.77 -14.93
C GLY B 371 69.47 14.71 -15.38
N GLN B 372 69.01 13.89 -14.44
CA GLN B 372 68.05 12.83 -14.75
C GLN B 372 66.79 13.00 -13.91
N GLY B 373 66.84 12.74 -12.61
CA GLY B 373 65.66 12.89 -11.80
C GLY B 373 65.11 11.57 -11.30
N GLN B 374 65.22 11.31 -10.00
CA GLN B 374 64.60 10.16 -9.36
C GLN B 374 63.25 10.60 -8.82
N LEU B 375 62.60 9.73 -8.05
CA LEU B 375 61.25 10.00 -7.52
C LEU B 375 61.14 9.34 -6.17
N VAL B 376 60.90 10.12 -5.11
CA VAL B 376 60.62 9.56 -3.79
C VAL B 376 59.12 9.63 -3.54
N THR B 377 58.54 8.56 -3.00
CA THR B 377 57.10 8.47 -2.76
C THR B 377 56.85 8.12 -1.29
N CYS B 378 55.95 8.88 -0.65
CA CYS B 378 55.27 8.35 0.53
C CYS B 378 54.40 7.21 0.07
N SER B 379 54.76 6.00 0.46
CA SER B 379 54.07 4.81 0.03
C SER B 379 53.64 4.02 1.23
N GLY B 380 52.52 3.33 1.08
CA GLY B 380 52.07 2.39 2.09
C GLY B 380 51.27 3.03 3.21
N ALA B 381 50.93 2.19 4.18
CA ALA B 381 50.21 2.61 5.36
C ALA B 381 50.58 1.70 6.51
N PHE B 382 50.44 2.24 7.72
CA PHE B 382 50.68 1.53 8.98
C PHE B 382 52.04 0.83 8.93
N LYS B 383 52.12 -0.42 9.41
CA LYS B 383 53.39 -1.14 9.43
C LYS B 383 54.12 -1.06 8.08
N GLU B 384 53.37 -0.94 6.98
CA GLU B 384 53.96 -0.98 5.65
C GLU B 384 54.39 0.40 5.12
N GLY B 385 54.34 1.44 5.96
CA GLY B 385 54.81 2.75 5.52
C GLY B 385 56.23 2.66 5.03
N SER B 386 56.56 3.51 4.04
CA SER B 386 57.84 3.37 3.35
C SER B 386 58.09 4.58 2.49
N LEU B 387 59.36 4.79 2.16
CA LEU B 387 59.76 5.70 1.12
C LEU B 387 60.38 4.87 0.02
N ARG B 388 59.78 4.89 -1.17
CA ARG B 388 60.37 4.28 -2.34
C ARG B 388 61.05 5.35 -3.18
N ILE B 389 62.28 5.07 -3.64
CA ILE B 389 63.03 5.97 -4.50
C ILE B 389 63.19 5.33 -5.87
N ILE B 390 62.64 5.97 -6.88
CA ILE B 390 62.45 5.39 -8.21
C ILE B 390 63.33 6.13 -9.21
N ARG B 391 64.34 5.43 -9.77
CA ARG B 391 65.22 5.95 -10.81
C ARG B 391 65.17 5.03 -12.03
N ASN B 392 65.56 5.56 -13.19
CA ASN B 392 65.50 4.76 -14.41
C ASN B 392 66.70 3.83 -14.53
N LEU B 406 63.54 0.90 -14.55
CA LEU B 406 63.15 1.43 -13.25
C LEU B 406 63.70 0.56 -12.11
N HIS B 407 64.47 1.18 -11.21
CA HIS B 407 65.05 0.53 -10.03
C HIS B 407 64.43 1.20 -8.80
N ILE B 408 64.09 0.39 -7.79
CA ILE B 408 63.33 0.84 -6.62
C ILE B 408 64.12 0.51 -5.36
N ARG B 409 64.45 1.55 -4.57
CA ARG B 409 65.09 1.37 -3.28
C ARG B 409 64.03 1.58 -2.22
N THR B 410 63.77 0.56 -1.40
CA THR B 410 62.73 0.63 -0.36
C THR B 410 63.34 1.03 0.97
N VAL B 411 62.83 2.11 1.53
CA VAL B 411 63.12 2.47 2.90
C VAL B 411 61.87 2.19 3.73
N PRO B 412 61.84 1.14 4.55
CA PRO B 412 60.69 0.95 5.42
C PRO B 412 60.59 2.10 6.42
N LEU B 413 59.37 2.33 6.91
CA LEU B 413 59.18 3.29 7.98
C LEU B 413 58.33 2.77 9.14
N TYR B 414 57.55 1.69 8.96
CA TYR B 414 56.74 1.07 10.01
C TYR B 414 55.77 2.07 10.61
N GLU B 415 55.37 3.05 9.79
CA GLU B 415 54.75 4.31 10.15
C GLU B 415 54.28 4.96 8.87
N SER B 416 53.09 5.53 8.87
CA SER B 416 52.48 6.02 7.62
C SER B 416 53.13 7.34 7.20
N PRO B 417 53.81 7.41 6.06
CA PRO B 417 54.23 8.71 5.54
C PRO B 417 53.05 9.35 4.83
N ARG B 418 52.90 10.66 5.04
CA ARG B 418 51.78 11.41 4.49
C ARG B 418 52.17 12.45 3.43
N LYS B 419 53.18 13.29 3.69
CA LYS B 419 53.57 14.33 2.75
C LYS B 419 55.10 14.40 2.71
N ILE B 420 55.67 14.62 1.51
CA ILE B 420 57.13 14.64 1.35
C ILE B 420 57.57 15.85 0.53
N CYS B 421 58.68 16.46 0.96
CA CYS B 421 59.31 17.57 0.24
C CYS B 421 60.83 17.44 0.37
N TYR B 422 61.57 18.17 -0.49
CA TYR B 422 63.02 18.02 -0.57
C TYR B 422 63.72 19.36 -0.34
N GLN B 423 64.48 19.43 0.75
CA GLN B 423 65.27 20.61 1.08
C GLN B 423 66.68 20.36 0.57
N GLU B 424 66.97 20.94 -0.58
CA GLU B 424 68.24 20.67 -1.23
C GLU B 424 69.40 21.24 -0.43
N VAL B 425 69.22 22.45 0.08
CA VAL B 425 70.28 23.10 0.85
C VAL B 425 70.77 22.17 1.96
N SER B 426 69.85 21.51 2.65
CA SER B 426 70.18 20.67 3.81
C SER B 426 70.60 19.26 3.43
N GLN B 427 70.49 18.90 2.15
CA GLN B 427 70.74 17.55 1.69
C GLN B 427 69.96 16.54 2.52
N CYS B 428 68.64 16.73 2.55
CA CYS B 428 67.75 15.83 3.28
C CYS B 428 66.30 16.03 2.81
N PHE B 429 65.43 15.13 3.26
CA PHE B 429 64.01 15.17 2.94
C PHE B 429 63.16 15.53 4.16
N GLY B 430 62.16 16.38 3.93
CA GLY B 430 61.11 16.58 4.90
C GLY B 430 59.90 15.68 4.61
N VAL B 431 59.52 14.83 5.55
CA VAL B 431 58.34 13.99 5.39
C VAL B 431 57.50 14.11 6.65
N LEU B 432 56.18 14.13 6.46
CA LEU B 432 55.21 14.19 7.53
C LEU B 432 54.67 12.78 7.75
N SER B 433 54.82 12.27 8.97
CA SER B 433 54.53 10.87 9.27
C SER B 433 53.62 10.73 10.50
N SER B 434 52.89 9.62 10.54
CA SER B 434 51.80 9.38 11.49
C SER B 434 52.00 8.02 12.16
N ARG B 435 52.05 8.00 13.50
CA ARG B 435 52.21 6.78 14.30
C ARG B 435 50.92 6.45 15.05
N ILE B 436 50.51 5.19 15.02
CA ILE B 436 49.30 4.77 15.74
C ILE B 436 49.68 4.28 17.14
N GLU B 437 49.07 4.88 18.15
CA GLU B 437 49.36 4.50 19.52
C GLU B 437 48.03 4.22 20.24
N VAL B 438 48.07 3.34 21.25
CA VAL B 438 46.88 2.88 21.95
C VAL B 438 46.89 3.47 23.36
N GLN B 439 45.75 4.01 23.80
CA GLN B 439 45.71 4.58 25.14
C GLN B 439 45.81 3.46 26.16
N ASP B 440 46.80 3.53 27.05
CA ASP B 440 47.09 2.45 27.99
C ASP B 440 47.03 2.96 29.44
N THR B 441 47.42 2.08 30.37
CA THR B 441 47.06 2.20 31.79
C THR B 441 47.71 3.40 32.47
N SER B 442 48.89 3.81 32.01
CA SER B 442 49.55 4.95 32.62
C SER B 442 48.76 6.24 32.47
N GLY B 443 47.76 6.26 31.59
CA GLY B 443 47.10 7.48 31.19
C GLY B 443 47.65 8.09 29.91
N GLY B 444 48.86 7.71 29.52
CA GLY B 444 49.43 8.11 28.25
C GLY B 444 49.04 7.16 27.14
N THR B 445 49.87 7.08 26.11
CA THR B 445 49.70 6.10 25.05
C THR B 445 51.04 5.46 24.75
N THR B 446 51.07 4.14 24.77
CA THR B 446 52.18 3.38 24.25
C THR B 446 51.97 3.22 22.75
N ALA B 447 53.08 3.09 22.01
CA ALA B 447 52.96 2.70 20.60
C ALA B 447 52.80 1.19 20.55
N LEU B 448 52.83 0.60 19.38
CA LEU B 448 52.76 -0.85 19.33
C LEU B 448 53.81 -1.54 18.48
N ARG B 449 54.70 -0.77 17.89
CA ARG B 449 55.87 -1.24 17.18
C ARG B 449 56.84 -0.07 17.12
N PRO B 450 58.14 -0.32 17.07
CA PRO B 450 59.08 0.80 16.95
C PRO B 450 59.02 1.33 15.53
N SER B 451 58.76 2.61 15.41
CA SER B 451 58.52 3.25 14.14
C SER B 451 59.71 4.14 13.83
N ALA B 452 59.63 4.87 12.71
CA ALA B 452 60.68 5.84 12.37
C ALA B 452 60.78 6.94 13.40
N SER B 453 59.65 7.52 13.80
CA SER B 453 59.65 8.54 14.85
C SER B 453 60.26 8.04 16.14
N THR B 454 59.86 6.85 16.58
CA THR B 454 60.38 6.34 17.84
C THR B 454 61.88 6.05 17.73
N GLN B 455 62.33 5.60 16.57
CA GLN B 455 63.72 5.26 16.33
C GLN B 455 64.47 6.37 15.59
N ALA B 456 64.24 7.66 15.88
CA ALA B 456 65.07 8.67 15.26
C ALA B 456 66.26 8.96 16.15
N LEU B 457 67.19 9.77 15.65
CA LEU B 457 68.40 10.04 16.42
C LEU B 457 68.28 11.31 17.25
N SER B 458 67.62 12.34 16.73
CA SER B 458 67.27 13.51 17.50
C SER B 458 65.76 13.66 17.44
N SER B 459 65.20 14.36 18.42
CA SER B 459 63.77 14.31 18.61
C SER B 459 63.31 15.56 19.34
N SER B 460 62.57 16.42 18.67
CA SER B 460 61.94 17.56 19.34
C SER B 460 60.46 17.29 19.55
N VAL B 461 59.92 17.91 20.61
CA VAL B 461 58.47 17.99 20.84
C VAL B 461 58.08 19.47 20.83
N SER B 462 56.84 19.75 20.40
CA SER B 462 56.33 21.10 20.33
C SER B 462 56.02 21.62 21.73
N SER B 463 56.05 22.94 21.88
CA SER B 463 55.64 23.54 23.15
C SER B 463 55.04 24.92 22.84
N SER B 464 53.74 24.95 22.60
CA SER B 464 53.11 26.21 22.24
C SER B 464 52.19 26.76 23.32
N LYS B 465 51.46 25.90 24.03
CA LYS B 465 50.45 26.32 25.01
C LYS B 465 49.34 27.14 24.34
N LEU B 466 49.44 27.30 23.02
CA LEU B 466 48.49 28.12 22.26
C LEU B 466 47.06 27.66 22.51
N PHE B 467 46.85 26.36 22.51
CA PHE B 467 45.54 25.76 22.71
C PHE B 467 45.62 24.86 23.94
N SER B 468 44.72 25.09 24.90
CA SER B 468 44.85 24.42 26.20
C SER B 468 44.68 22.91 26.06
N SER B 469 43.62 22.48 25.39
CA SER B 469 43.34 21.06 25.23
C SER B 469 43.63 20.57 23.81
N THR B 476 39.66 7.73 25.60
CA THR B 476 39.07 7.35 26.90
C THR B 476 39.25 5.87 27.11
N SER B 477 38.73 5.05 26.20
CA SER B 477 38.81 3.57 26.39
C SER B 477 40.28 3.14 26.45
N PHE B 478 40.56 2.02 27.11
CA PHE B 478 41.97 1.61 27.30
C PHE B 478 42.43 0.80 26.08
N GLY B 479 41.75 0.95 24.96
CA GLY B 479 42.18 0.28 23.72
C GLY B 479 42.01 1.23 22.57
N GLU B 480 41.52 2.43 22.85
CA GLU B 480 41.25 3.41 21.80
C GLU B 480 42.55 3.85 21.15
N GLU B 481 42.54 3.94 19.83
CA GLU B 481 43.72 4.31 19.07
C GLU B 481 43.86 5.82 19.03
N VAL B 482 45.10 6.30 19.18
CA VAL B 482 45.43 7.69 18.91
C VAL B 482 46.51 7.78 17.85
N GLU B 483 46.53 8.90 17.15
CA GLU B 483 47.51 9.21 16.12
C GLU B 483 48.55 10.15 16.71
N VAL B 484 49.80 10.00 16.27
CA VAL B 484 50.90 10.86 16.71
C VAL B 484 51.62 11.36 15.45
N HIS B 485 51.35 12.61 15.11
CA HIS B 485 51.95 13.26 13.95
C HIS B 485 53.29 13.90 14.29
N ASN B 486 54.28 13.69 13.41
CA ASN B 486 55.59 14.27 13.61
C ASN B 486 56.26 14.49 12.25
N LEU B 487 57.18 15.45 12.23
CA LEU B 487 57.97 15.76 11.05
C LEU B 487 59.24 14.94 11.13
N LEU B 488 59.61 14.35 10.00
CA LEU B 488 60.83 13.59 9.88
C LEU B 488 61.80 14.34 8.99
N ILE B 489 63.04 14.45 9.43
CA ILE B 489 64.11 14.98 8.61
C ILE B 489 64.99 13.79 8.24
N ILE B 490 64.93 13.39 6.98
CA ILE B 490 65.54 12.14 6.52
C ILE B 490 66.69 12.46 5.60
N ASP B 491 67.83 11.82 5.84
CA ASP B 491 69.04 12.12 5.07
C ASP B 491 68.91 11.57 3.65
N GLN B 492 69.40 12.34 2.68
CA GLN B 492 69.19 11.95 1.29
C GLN B 492 70.15 10.85 0.83
N HIS B 493 71.08 10.41 1.66
CA HIS B 493 72.04 9.38 1.28
C HIS B 493 71.89 8.11 2.08
N THR B 494 71.94 8.20 3.41
CA THR B 494 71.73 7.02 4.23
C THR B 494 70.26 6.69 4.41
N PHE B 495 69.39 7.68 4.27
CA PHE B 495 67.96 7.55 4.56
C PHE B 495 67.70 7.23 6.03
N GLU B 496 68.56 7.77 6.90
CA GLU B 496 68.32 7.69 8.32
C GLU B 496 67.29 8.72 8.76
N VAL B 497 66.52 8.34 9.78
CA VAL B 497 65.59 9.25 10.45
C VAL B 497 66.41 10.11 11.39
N LEU B 498 66.89 11.26 10.91
CA LEU B 498 67.74 12.16 11.66
C LEU B 498 66.97 12.84 12.79
N HIS B 499 66.03 13.71 12.44
CA HIS B 499 65.20 14.36 13.45
C HIS B 499 63.75 13.89 13.36
N ALA B 500 63.06 14.01 14.50
CA ALA B 500 61.64 13.67 14.62
C ALA B 500 61.00 14.69 15.56
N HIS B 501 60.58 15.82 15.02
CA HIS B 501 59.71 16.73 15.76
C HIS B 501 58.35 16.10 15.90
N GLN B 502 57.90 15.88 17.14
CA GLN B 502 56.53 15.45 17.40
C GLN B 502 55.66 16.68 17.65
N PHE B 503 54.54 16.75 16.94
CA PHE B 503 53.68 17.92 17.02
C PHE B 503 52.83 17.89 18.29
N LEU B 504 51.92 18.86 18.39
CA LEU B 504 51.07 19.00 19.57
C LEU B 504 50.08 17.87 19.70
N GLN B 505 49.54 17.72 20.89
CA GLN B 505 48.46 16.76 21.08
C GLN B 505 47.18 17.30 20.46
N ASN B 506 46.37 16.38 19.94
CA ASN B 506 45.20 16.74 19.16
C ASN B 506 45.57 17.66 17.99
N GLU B 507 46.79 17.52 17.49
CA GLU B 507 47.26 18.30 16.35
C GLU B 507 47.50 17.37 15.16
N TYR B 508 46.87 17.71 14.03
CA TYR B 508 46.97 16.98 12.77
C TYR B 508 47.74 17.85 11.78
N ALA B 509 48.83 17.34 11.25
CA ALA B 509 49.59 18.10 10.25
C ALA B 509 48.96 17.92 8.89
N LEU B 510 48.95 18.98 8.09
CA LEU B 510 48.33 18.86 6.78
C LEU B 510 49.30 19.13 5.64
N SER B 511 50.03 20.21 5.71
CA SER B 511 50.78 20.68 4.57
C SER B 511 52.22 20.91 4.97
N LEU B 512 53.13 20.67 4.02
CA LEU B 512 54.56 20.78 4.27
C LEU B 512 55.25 21.29 3.02
N VAL B 513 56.14 22.27 3.18
CA VAL B 513 56.83 22.84 2.02
C VAL B 513 58.21 23.31 2.48
N SER B 514 59.19 23.14 1.60
CA SER B 514 60.56 23.61 1.81
C SER B 514 60.78 24.76 0.84
N CYS B 515 60.99 25.97 1.36
CA CYS B 515 61.29 27.11 0.51
C CYS B 515 62.11 28.12 1.28
N LYS B 516 62.88 28.92 0.54
CA LYS B 516 63.44 30.15 1.11
C LYS B 516 62.40 31.25 1.00
N LEU B 517 62.30 32.06 2.05
CA LEU B 517 61.22 33.02 2.13
C LEU B 517 61.78 34.42 2.28
N GLY B 518 61.14 35.37 1.62
CA GLY B 518 61.48 36.78 1.75
C GLY B 518 62.85 37.13 1.21
N LYS B 519 63.55 38.00 1.95
CA LYS B 519 64.93 38.26 1.61
C LYS B 519 65.88 37.36 2.39
N ASP B 520 65.43 36.79 3.51
CA ASP B 520 66.14 35.83 4.35
C ASP B 520 66.87 34.81 3.47
N PRO B 521 68.11 34.37 3.81
CA PRO B 521 68.83 33.45 2.92
C PRO B 521 68.67 31.98 3.32
N ASN B 522 68.24 31.74 4.55
CA ASN B 522 68.02 30.38 5.02
C ASN B 522 66.85 29.77 4.29
N THR B 523 67.02 28.53 3.89
CA THR B 523 65.88 27.72 3.51
C THR B 523 65.25 27.12 4.76
N TYR B 524 63.95 26.91 4.69
CA TYR B 524 63.14 26.63 5.87
C TYR B 524 62.21 25.47 5.60
N PHE B 525 61.63 24.91 6.68
CA PHE B 525 60.62 23.82 6.61
C PHE B 525 59.30 24.35 7.15
N ILE B 526 58.37 24.72 6.26
CA ILE B 526 57.09 25.27 6.66
C ILE B 526 56.04 24.17 6.67
N VAL B 527 55.38 24.01 7.82
CA VAL B 527 54.39 22.96 8.07
C VAL B 527 53.11 23.65 8.50
N GLY B 528 52.03 23.43 7.75
CA GLY B 528 50.72 23.89 8.14
C GLY B 528 49.96 22.73 8.78
N THR B 529 49.36 23.00 9.93
CA THR B 529 48.63 21.98 10.67
C THR B 529 47.15 22.41 10.83
N ALA B 530 46.41 21.65 11.65
CA ALA B 530 45.01 21.99 12.01
C ALA B 530 44.64 21.24 13.28
N MET B 531 44.21 21.97 14.29
CA MET B 531 43.83 21.34 15.55
C MET B 531 42.50 20.60 15.39
N VAL B 532 42.50 19.31 15.72
CA VAL B 532 41.33 18.45 15.58
C VAL B 532 40.91 17.93 16.95
N TYR B 533 39.61 17.93 17.18
CA TYR B 533 39.03 17.32 18.36
C TYR B 533 37.80 16.55 17.90
N PRO B 534 37.41 15.50 18.63
CA PRO B 534 36.34 14.62 18.13
C PRO B 534 35.00 15.32 17.96
N GLU B 535 34.70 16.32 18.79
CA GLU B 535 33.44 17.04 18.74
C GLU B 535 33.43 18.13 17.67
N GLU B 536 34.44 19.02 17.68
CA GLU B 536 34.59 20.07 16.68
C GLU B 536 34.59 19.34 15.35
N ALA B 537 33.53 19.54 14.57
CA ALA B 537 33.36 18.89 13.28
C ALA B 537 34.20 19.66 12.27
N GLU B 538 33.96 20.96 12.16
CA GLU B 538 34.72 21.86 11.30
C GLU B 538 35.99 22.31 12.04
N PRO B 539 37.15 22.37 11.36
CA PRO B 539 38.39 22.79 12.04
C PRO B 539 38.43 24.30 12.24
N LYS B 540 38.43 24.73 13.50
CA LYS B 540 38.29 26.15 13.79
C LYS B 540 39.57 26.80 14.34
N GLN B 541 40.72 26.14 14.20
CA GLN B 541 41.99 26.69 14.66
C GLN B 541 43.11 25.74 14.24
N GLY B 542 44.26 26.32 13.90
CA GLY B 542 45.41 25.56 13.41
C GLY B 542 46.69 26.35 13.74
N ARG B 543 47.75 26.10 12.96
CA ARG B 543 48.97 26.91 13.07
C ARG B 543 49.94 26.63 11.93
N ILE B 544 50.53 27.69 11.37
CA ILE B 544 51.66 27.57 10.45
C ILE B 544 52.93 27.66 11.28
N VAL B 545 53.87 26.77 11.00
CA VAL B 545 55.11 26.67 11.73
C VAL B 545 56.25 26.78 10.74
N VAL B 546 57.34 27.43 11.15
CA VAL B 546 58.51 27.56 10.31
C VAL B 546 59.67 26.87 11.01
N PHE B 547 60.30 25.92 10.31
CA PHE B 547 61.44 25.16 10.86
C PHE B 547 62.71 25.49 10.10
N GLN B 548 63.83 25.01 10.65
CA GLN B 548 65.15 25.18 10.07
C GLN B 548 66.01 24.02 10.56
N TYR B 549 66.52 23.21 9.63
CA TYR B 549 67.40 22.09 9.98
C TYR B 549 68.78 22.39 9.43
N SER B 550 69.68 22.86 10.29
CA SER B 550 71.00 23.20 9.80
C SER B 550 72.15 22.80 10.71
N ASP B 551 71.87 22.30 11.92
CA ASP B 551 72.92 21.76 12.77
C ASP B 551 72.37 20.52 13.47
N GLY B 552 72.05 19.50 12.68
CA GLY B 552 71.49 18.25 13.20
C GLY B 552 70.27 18.42 14.08
N LYS B 553 69.75 19.64 14.16
CA LYS B 553 68.69 20.00 15.09
C LYS B 553 67.63 20.81 14.35
N LEU B 554 66.37 20.45 14.60
CA LEU B 554 65.23 21.20 14.11
C LEU B 554 64.97 22.40 15.03
N GLN B 555 64.94 23.60 14.47
CA GLN B 555 64.73 24.81 15.25
C GLN B 555 63.48 25.47 14.72
N THR B 556 62.55 25.81 15.63
CA THR B 556 61.26 26.41 15.29
C THR B 556 61.42 27.93 15.12
N VAL B 557 61.44 28.40 13.86
CA VAL B 557 61.65 29.82 13.53
C VAL B 557 60.29 30.55 13.57
N ALA B 558 59.68 30.64 14.76
CA ALA B 558 58.37 31.25 14.99
C ALA B 558 57.21 30.46 14.37
N GLU B 559 56.01 30.68 14.90
CA GLU B 559 54.78 30.06 14.44
C GLU B 559 53.76 31.16 14.13
N LYS B 560 52.55 30.75 13.69
CA LYS B 560 51.44 31.67 13.40
C LYS B 560 50.15 30.88 13.59
N GLU B 561 49.50 31.04 14.75
CA GLU B 561 48.26 30.34 15.06
C GLU B 561 47.12 30.92 14.23
N VAL B 562 46.68 30.14 13.25
CA VAL B 562 45.60 30.52 12.36
C VAL B 562 44.28 30.00 12.93
N LYS B 563 43.17 30.43 12.34
CA LYS B 563 41.82 30.08 12.81
C LYS B 563 41.15 29.16 11.79
N GLY B 564 41.70 27.97 11.68
CA GLY B 564 41.24 26.98 10.72
C GLY B 564 42.34 25.99 10.39
N ALA B 565 42.13 25.28 9.29
CA ALA B 565 43.01 24.22 8.80
C ALA B 565 43.89 24.75 7.69
N VAL B 566 45.18 24.50 7.80
CA VAL B 566 46.11 24.92 6.74
C VAL B 566 46.18 23.77 5.75
N TYR B 567 45.16 23.67 4.89
CA TYR B 567 45.03 22.51 4.01
C TYR B 567 46.22 22.39 3.05
N SER B 568 46.59 23.49 2.41
CA SER B 568 47.68 23.50 1.44
C SER B 568 48.48 24.79 1.59
N MET B 569 49.77 24.69 1.31
CA MET B 569 50.67 25.83 1.22
C MET B 569 51.58 25.65 0.02
N VAL B 570 51.89 26.77 -0.64
CA VAL B 570 52.88 26.81 -1.70
C VAL B 570 53.67 28.09 -1.54
N GLU B 571 54.97 28.04 -1.85
CA GLU B 571 55.71 29.27 -2.00
C GLU B 571 55.14 30.06 -3.17
N PHE B 572 55.05 31.38 -3.02
CA PHE B 572 54.52 32.26 -4.08
C PHE B 572 55.47 33.45 -4.26
N ASN B 573 56.45 33.29 -5.14
CA ASN B 573 57.38 34.37 -5.49
C ASN B 573 58.06 34.94 -4.25
N GLY B 574 58.74 34.07 -3.50
CA GLY B 574 59.38 34.46 -2.27
C GLY B 574 58.43 34.75 -1.14
N LYS B 575 57.13 34.58 -1.36
CA LYS B 575 56.09 34.68 -0.34
C LYS B 575 55.56 33.28 -0.02
N LEU B 576 54.55 33.22 0.83
CA LEU B 576 53.92 31.96 1.23
C LEU B 576 52.42 32.13 1.08
N LEU B 577 51.79 31.28 0.24
CA LEU B 577 50.35 31.28 0.00
C LEU B 577 49.75 30.08 0.72
N ALA B 578 49.07 30.35 1.84
CA ALA B 578 48.43 29.30 2.63
C ALA B 578 46.92 29.38 2.45
N SER B 579 46.26 28.23 2.35
CA SER B 579 44.81 28.21 2.44
C SER B 579 44.41 27.84 3.86
N ILE B 580 43.49 28.62 4.41
CA ILE B 580 42.94 28.39 5.74
C ILE B 580 41.43 28.33 5.55
N ASN B 581 40.89 27.12 5.55
CA ASN B 581 39.47 26.85 5.37
C ASN B 581 39.12 27.44 4.03
N SER B 582 38.14 28.34 3.96
CA SER B 582 37.79 28.95 2.67
C SER B 582 38.49 30.25 2.27
N THR B 583 39.73 30.42 2.71
CA THR B 583 40.47 31.66 2.51
C THR B 583 41.84 31.36 1.91
N VAL B 584 42.15 31.95 0.77
CA VAL B 584 43.50 31.90 0.22
C VAL B 584 44.23 33.15 0.71
N ARG B 585 45.11 32.97 1.69
CA ARG B 585 45.85 34.07 2.30
C ARG B 585 47.24 34.13 1.71
N LEU B 586 47.74 35.33 1.44
CA LEU B 586 49.13 35.50 1.06
C LEU B 586 49.93 36.07 2.24
N TYR B 587 51.12 35.51 2.46
CA TYR B 587 51.97 35.92 3.58
C TYR B 587 53.30 36.43 3.03
N GLU B 588 53.94 37.31 3.80
CA GLU B 588 55.29 37.76 3.51
C GLU B 588 56.18 37.45 4.70
N TRP B 589 57.48 37.30 4.44
CA TRP B 589 58.47 37.00 5.49
C TRP B 589 59.11 38.33 5.89
N THR B 590 58.90 38.75 7.14
CA THR B 590 59.34 40.07 7.56
C THR B 590 60.77 40.04 8.08
N THR B 591 61.36 41.22 8.12
CA THR B 591 62.79 41.34 8.44
C THR B 591 63.11 40.69 9.78
N GLU B 592 62.19 40.82 10.74
CA GLU B 592 62.40 40.23 12.08
C GLU B 592 61.92 38.78 12.05
N LYS B 593 61.98 38.13 10.88
CA LYS B 593 61.61 36.70 10.78
C LYS B 593 60.19 36.32 11.22
N GLU B 594 59.18 37.01 10.70
CA GLU B 594 57.77 36.67 11.01
C GLU B 594 56.87 36.75 9.78
N LEU B 595 55.86 35.88 9.70
CA LEU B 595 54.90 35.92 8.56
C LEU B 595 53.94 37.09 8.79
N ARG B 596 53.54 37.78 7.72
CA ARG B 596 52.54 38.87 7.88
C ARG B 596 51.57 38.87 6.71
N THR B 597 50.28 39.05 6.99
CA THR B 597 49.27 39.05 5.93
C THR B 597 49.46 40.23 5.00
N GLU B 598 49.57 39.96 3.70
CA GLU B 598 49.49 41.02 2.70
C GLU B 598 48.08 41.22 2.21
N CYS B 599 47.44 40.14 1.76
CA CYS B 599 46.10 40.19 1.19
C CYS B 599 45.34 38.94 1.59
N ASN B 600 44.03 39.01 1.43
CA ASN B 600 43.16 37.88 1.75
C ASN B 600 42.16 37.72 0.62
N HIS B 601 41.88 36.47 0.27
CA HIS B 601 40.81 36.13 -0.67
C HIS B 601 39.92 35.06 -0.06
N TYR B 602 38.71 35.44 0.31
CA TYR B 602 37.79 34.51 0.92
C TYR B 602 36.92 33.90 -0.18
N ASN B 603 36.82 32.58 -0.19
CA ASN B 603 36.05 31.85 -1.19
C ASN B 603 34.78 31.29 -0.58
N ASN B 604 33.94 30.73 -1.48
CA ASN B 604 32.72 30.03 -1.12
C ASN B 604 32.91 28.52 -1.16
N ILE B 605 34.14 28.07 -1.39
CA ILE B 605 34.49 26.65 -1.33
C ILE B 605 35.64 26.51 -0.33
N MET B 606 35.77 25.29 0.21
CA MET B 606 36.88 25.01 1.14
C MET B 606 38.15 24.88 0.30
N ALA B 607 39.08 25.84 0.42
CA ALA B 607 40.32 25.79 -0.38
C ALA B 607 41.12 24.54 -0.01
N LEU B 608 40.81 23.42 -0.65
CA LEU B 608 41.51 22.13 -0.36
C LEU B 608 42.82 22.08 -1.14
N TYR B 609 42.74 22.30 -2.46
CA TYR B 609 43.93 22.18 -3.33
C TYR B 609 44.45 23.58 -3.65
N LEU B 610 45.79 23.75 -3.64
CA LEU B 610 46.40 25.05 -3.96
C LEU B 610 47.54 24.84 -4.96
N LYS B 611 47.34 25.22 -6.22
CA LYS B 611 48.38 25.10 -7.23
C LYS B 611 48.66 26.47 -7.84
N THR B 612 49.93 26.69 -8.22
CA THR B 612 50.38 28.01 -8.65
C THR B 612 51.41 27.90 -9.78
N LYS B 613 51.20 28.68 -10.83
CA LYS B 613 52.12 28.78 -11.96
C LYS B 613 52.39 30.26 -12.15
N GLY B 614 53.46 30.75 -11.53
CA GLY B 614 53.88 32.14 -11.66
C GLY B 614 53.09 33.12 -10.84
N ASP B 615 52.00 33.64 -11.41
CA ASP B 615 51.11 34.55 -10.70
C ASP B 615 49.67 34.07 -10.69
N PHE B 616 49.36 32.96 -11.37
CA PHE B 616 48.03 32.35 -11.37
C PHE B 616 47.89 31.40 -10.18
N ILE B 617 46.73 31.42 -9.53
CA ILE B 617 46.46 30.58 -8.38
C ILE B 617 45.28 29.70 -8.71
N LEU B 618 45.41 28.40 -8.46
CA LEU B 618 44.31 27.46 -8.67
C LEU B 618 43.80 26.98 -7.31
N VAL B 619 42.48 27.01 -7.14
CA VAL B 619 41.85 26.58 -5.91
C VAL B 619 40.88 25.46 -6.24
N GLY B 620 40.80 24.48 -5.35
CA GLY B 620 40.02 23.30 -5.60
C GLY B 620 39.35 22.81 -4.33
N ASP B 621 38.43 21.88 -4.51
CA ASP B 621 37.53 21.47 -3.45
C ASP B 621 37.04 20.09 -3.83
N LEU B 622 36.87 19.19 -2.85
CA LEU B 622 36.54 17.78 -3.11
C LEU B 622 35.57 17.61 -4.28
N MET B 623 34.54 18.45 -4.39
CA MET B 623 33.48 18.25 -5.38
C MET B 623 33.72 18.99 -6.70
N ARG B 624 34.89 18.73 -7.28
CA ARG B 624 35.36 19.41 -8.49
C ARG B 624 34.98 20.88 -8.50
N SER B 625 35.45 21.64 -7.52
CA SER B 625 35.16 23.07 -7.46
C SER B 625 36.45 23.78 -7.85
N VAL B 626 36.67 23.96 -9.16
CA VAL B 626 37.86 24.69 -9.61
C VAL B 626 37.57 26.18 -9.61
N LEU B 627 38.65 26.95 -9.51
CA LEU B 627 38.58 28.37 -9.27
C LEU B 627 39.95 28.99 -9.51
N LEU B 628 40.09 29.80 -10.55
CA LEU B 628 41.37 30.39 -10.89
C LEU B 628 41.41 31.83 -10.42
N LEU B 629 42.45 32.18 -9.64
CA LEU B 629 42.73 33.53 -9.12
C LEU B 629 44.01 34.09 -9.75
N ALA B 630 44.32 35.34 -9.40
CA ALA B 630 45.52 35.99 -9.91
C ALA B 630 45.88 37.14 -9.00
N TYR B 631 47.13 37.17 -8.54
CA TYR B 631 47.59 38.21 -7.60
C TYR B 631 48.05 39.41 -8.42
N LYS B 632 47.21 40.43 -8.49
CA LYS B 632 47.56 41.66 -9.19
C LYS B 632 48.70 42.34 -8.45
N PRO B 633 49.86 42.55 -9.08
CA PRO B 633 51.07 42.93 -8.33
C PRO B 633 50.98 44.29 -7.67
N MET B 634 50.84 45.35 -8.47
CA MET B 634 50.86 46.69 -7.91
C MET B 634 49.67 46.92 -6.98
N GLU B 635 48.55 46.22 -7.21
CA GLU B 635 47.38 46.37 -6.36
C GLU B 635 47.58 45.73 -4.99
N GLY B 636 48.28 44.60 -4.95
CA GLY B 636 48.48 43.90 -3.70
C GLY B 636 47.23 43.20 -3.20
N ASN B 637 46.53 42.48 -4.08
CA ASN B 637 45.36 41.68 -3.76
C ASN B 637 45.07 40.76 -4.96
N PHE B 638 44.28 39.70 -4.71
CA PHE B 638 43.91 38.73 -5.75
C PHE B 638 42.60 39.13 -6.43
N GLU B 639 42.48 38.74 -7.68
CA GLU B 639 41.25 38.90 -8.44
C GLU B 639 40.90 37.58 -9.10
N GLU B 640 39.62 37.25 -9.13
CA GLU B 640 39.18 35.98 -9.68
C GLU B 640 39.21 36.01 -11.21
N ILE B 641 39.76 34.97 -11.81
CA ILE B 641 39.79 34.90 -13.28
C ILE B 641 38.59 34.14 -13.81
N ALA B 642 38.32 32.96 -13.25
CA ALA B 642 37.18 32.14 -13.66
C ALA B 642 36.93 31.06 -12.61
N ARG B 643 35.72 30.50 -12.66
CA ARG B 643 35.33 29.37 -11.84
C ARG B 643 34.63 28.37 -12.75
N ASP B 644 34.53 27.14 -12.26
CA ASP B 644 33.73 26.11 -12.91
C ASP B 644 33.33 25.18 -11.78
N PHE B 645 32.04 24.90 -11.69
CA PHE B 645 31.48 24.05 -10.64
C PHE B 645 30.71 22.90 -11.29
N ASN B 646 31.34 21.73 -11.43
CA ASN B 646 30.65 20.54 -11.93
C ASN B 646 30.73 19.42 -10.91
N PRO B 647 29.78 19.33 -9.99
CA PRO B 647 29.98 18.54 -8.77
C PRO B 647 30.25 17.07 -9.06
N ASN B 648 31.32 16.55 -8.43
CA ASN B 648 31.79 15.17 -8.48
C ASN B 648 33.03 15.10 -7.59
N TRP B 649 33.34 13.96 -6.99
CA TRP B 649 34.49 13.86 -6.11
C TRP B 649 35.81 14.02 -6.87
N MET B 650 36.64 14.97 -6.46
CA MET B 650 37.97 15.25 -7.00
C MET B 650 39.04 14.97 -5.96
N SER B 651 40.12 14.29 -6.37
CA SER B 651 41.16 13.84 -5.45
C SER B 651 42.52 14.51 -5.66
N ALA B 652 42.81 15.02 -6.85
CA ALA B 652 44.09 15.66 -7.07
C ALA B 652 43.96 16.51 -8.32
N VAL B 653 44.81 17.53 -8.41
CA VAL B 653 44.68 18.53 -9.45
C VAL B 653 46.03 19.22 -9.64
N GLU B 654 46.22 19.84 -10.80
CA GLU B 654 47.52 20.35 -11.23
C GLU B 654 47.32 21.32 -12.38
N ILE B 655 48.32 22.18 -12.60
CA ILE B 655 48.31 23.11 -13.71
C ILE B 655 49.16 22.53 -14.83
N LEU B 656 48.58 22.39 -16.02
CA LEU B 656 49.38 22.07 -17.20
C LEU B 656 50.08 23.33 -17.69
N ASP B 657 49.32 24.30 -18.20
CA ASP B 657 49.86 25.61 -18.57
C ASP B 657 48.95 26.71 -18.02
N ASP B 658 49.17 27.95 -18.47
CA ASP B 658 48.42 29.08 -17.94
C ASP B 658 46.93 28.98 -18.19
N ASP B 659 46.48 28.11 -19.09
CA ASP B 659 45.08 28.03 -19.48
C ASP B 659 44.45 26.66 -19.25
N ASN B 660 45.23 25.61 -19.47
CA ASN B 660 44.68 24.23 -19.34
C ASN B 660 45.06 23.67 -17.97
N PHE B 661 44.10 23.04 -17.28
CA PHE B 661 44.35 22.49 -15.93
C PHE B 661 43.90 21.04 -15.90
N LEU B 662 44.59 20.18 -15.16
CA LEU B 662 44.26 18.73 -15.17
C LEU B 662 43.96 18.25 -13.75
N GLY B 663 43.06 17.28 -13.62
CA GLY B 663 42.75 16.71 -12.30
C GLY B 663 42.15 15.33 -12.43
N ALA B 664 42.03 14.60 -11.31
CA ALA B 664 41.39 13.26 -11.34
C ALA B 664 40.07 13.31 -10.58
N GLU B 665 39.06 12.57 -11.02
CA GLU B 665 37.73 12.70 -10.34
C GLU B 665 36.96 11.37 -10.25
N ASN B 666 36.34 11.10 -9.10
CA ASN B 666 35.48 9.89 -8.90
C ASN B 666 36.01 8.52 -9.33
N ALA B 667 35.31 7.88 -10.26
CA ALA B 667 35.65 6.50 -10.67
C ALA B 667 36.83 6.53 -11.64
N PHE B 668 38.04 6.74 -11.12
CA PHE B 668 39.26 6.65 -11.97
C PHE B 668 39.03 7.39 -13.28
N ASN B 669 38.86 8.72 -13.19
CA ASN B 669 38.54 9.51 -14.41
C ASN B 669 39.37 10.79 -14.46
N LEU B 670 40.22 10.95 -15.48
CA LEU B 670 40.93 12.20 -15.65
C LEU B 670 40.05 13.19 -16.40
N PHE B 671 40.38 14.48 -16.25
CA PHE B 671 39.68 15.53 -16.97
C PHE B 671 40.57 16.76 -17.08
N VAL B 672 40.41 17.49 -18.17
CA VAL B 672 41.13 18.75 -18.41
C VAL B 672 40.11 19.82 -18.74
N CYS B 673 40.17 20.95 -18.02
CA CYS B 673 39.38 22.12 -18.34
C CYS B 673 40.29 23.27 -18.76
N GLN B 674 39.67 24.29 -19.36
CA GLN B 674 40.41 25.30 -20.09
C GLN B 674 39.67 26.63 -20.01
N LYS B 675 40.42 27.72 -20.07
CA LYS B 675 39.84 29.06 -20.15
C LYS B 675 39.92 29.57 -21.59
N ASP B 676 39.08 30.57 -21.89
CA ASP B 676 38.89 31.07 -23.27
C ASP B 676 39.78 32.27 -23.60
N THR B 681 33.23 37.35 -24.72
CA THR B 681 32.71 38.53 -23.98
C THR B 681 33.38 38.53 -22.64
N ASP B 682 32.68 38.08 -21.60
CA ASP B 682 33.23 38.06 -20.22
C ASP B 682 32.37 37.20 -19.29
N GLU B 683 31.07 37.12 -19.57
CA GLU B 683 30.23 36.21 -18.75
C GLU B 683 30.80 34.84 -19.16
N GLU B 684 31.38 34.76 -20.35
CA GLU B 684 32.02 33.52 -20.77
C GLU B 684 33.46 33.35 -20.30
N ARG B 685 34.18 34.46 -20.12
CA ARG B 685 35.58 34.36 -19.72
C ARG B 685 35.71 33.97 -18.26
N GLN B 686 34.68 34.20 -17.45
CA GLN B 686 34.66 33.68 -16.08
C GLN B 686 34.07 32.27 -16.05
N HIS B 687 34.53 31.38 -16.93
CA HIS B 687 34.14 29.98 -16.82
C HIS B 687 35.11 29.10 -17.59
N LEU B 688 35.46 27.96 -17.00
CA LEU B 688 36.36 26.97 -17.59
C LEU B 688 35.54 25.85 -18.24
N GLN B 689 35.79 25.59 -19.52
CA GLN B 689 35.06 24.55 -20.23
C GLN B 689 35.89 23.27 -20.30
N GLU B 690 35.20 22.13 -20.15
CA GLU B 690 35.85 20.82 -20.16
C GLU B 690 36.33 20.45 -21.56
N VAL B 691 37.61 20.10 -21.68
CA VAL B 691 38.21 19.86 -22.99
C VAL B 691 38.99 18.55 -23.04
N GLY B 692 38.71 17.63 -22.10
CA GLY B 692 39.28 16.29 -22.12
C GLY B 692 38.74 15.34 -21.05
N LEU B 693 38.35 14.13 -21.44
CA LEU B 693 37.81 13.15 -20.50
C LEU B 693 38.46 11.81 -20.72
N PHE B 694 38.65 11.06 -19.64
CA PHE B 694 39.40 9.82 -19.75
C PHE B 694 39.24 8.90 -18.54
N HIS B 695 38.77 7.67 -18.77
CA HIS B 695 38.81 6.66 -17.72
C HIS B 695 40.24 6.15 -17.64
N LEU B 696 40.99 6.68 -16.68
CA LEU B 696 42.35 6.20 -16.49
C LEU B 696 42.36 4.80 -15.93
N GLY B 697 41.44 4.50 -15.03
CA GLY B 697 41.41 3.23 -14.37
C GLY B 697 42.16 3.19 -13.06
N GLU B 698 42.69 4.32 -12.62
CA GLU B 698 43.44 4.37 -11.38
C GLU B 698 42.93 5.51 -10.51
N PHE B 699 43.34 5.51 -9.24
CA PHE B 699 42.94 6.57 -8.30
C PHE B 699 44.14 7.46 -8.04
N VAL B 700 44.13 8.65 -8.64
CA VAL B 700 45.27 9.55 -8.59
C VAL B 700 45.28 10.35 -7.29
N ASN B 701 46.39 10.30 -6.56
CA ASN B 701 46.52 10.96 -5.28
C ASN B 701 47.37 12.22 -5.32
N VAL B 702 48.43 12.25 -6.13
CA VAL B 702 49.32 13.40 -6.25
C VAL B 702 49.73 13.56 -7.71
N PHE B 703 49.66 14.80 -8.22
CA PHE B 703 50.32 15.20 -9.47
C PHE B 703 51.61 15.93 -9.14
N CYS B 704 52.60 15.79 -10.02
CA CYS B 704 53.94 16.23 -9.68
C CYS B 704 54.69 16.50 -10.98
N HIS B 705 55.07 17.77 -11.20
CA HIS B 705 55.74 18.13 -12.44
C HIS B 705 57.19 17.65 -12.44
N GLY B 706 57.64 17.11 -13.57
CA GLY B 706 58.97 16.54 -13.65
C GLY B 706 59.03 15.30 -14.51
N SER B 707 60.22 15.01 -15.02
CA SER B 707 60.49 13.77 -15.73
C SER B 707 61.49 12.92 -14.97
N LEU B 708 61.61 11.68 -15.40
CA LEU B 708 62.62 10.78 -14.88
C LEU B 708 63.60 10.40 -15.98
N VAL B 709 63.63 11.19 -17.04
CA VAL B 709 64.43 10.93 -18.25
C VAL B 709 65.26 12.17 -18.47
N MET B 710 65.96 12.25 -19.61
CA MET B 710 66.79 13.44 -19.98
C MET B 710 68.00 13.51 -19.04
N PRO B 719 59.45 17.80 -28.97
CA PRO B 719 58.40 16.94 -29.54
C PRO B 719 57.05 17.11 -28.83
N THR B 720 56.79 16.27 -27.82
CA THR B 720 55.65 16.45 -26.93
C THR B 720 55.99 17.44 -25.83
N GLN B 721 54.97 18.16 -25.37
CA GLN B 721 55.13 19.27 -24.44
C GLN B 721 54.67 18.89 -23.04
N GLY B 722 55.41 19.36 -22.03
CA GLY B 722 55.03 19.20 -20.65
C GLY B 722 55.49 17.88 -20.06
N SER B 723 55.44 17.79 -18.73
CA SER B 723 55.64 16.51 -18.07
C SER B 723 55.00 16.53 -16.70
N VAL B 724 53.89 15.81 -16.55
CA VAL B 724 53.21 15.67 -15.26
C VAL B 724 53.17 14.20 -14.88
N LEU B 725 53.96 13.84 -13.88
CA LEU B 725 53.95 12.51 -13.28
C LEU B 725 52.85 12.41 -12.25
N PHE B 726 52.26 11.22 -12.13
CA PHE B 726 51.29 11.01 -11.06
C PHE B 726 51.49 9.63 -10.44
N GLY B 727 51.19 9.53 -9.15
CA GLY B 727 51.12 8.25 -8.49
C GLY B 727 49.71 7.97 -8.02
N THR B 728 49.41 6.69 -7.79
CA THR B 728 48.04 6.30 -7.52
C THR B 728 47.97 5.42 -6.27
N VAL B 729 46.75 5.00 -5.96
CA VAL B 729 46.51 4.11 -4.83
C VAL B 729 47.06 2.74 -5.11
N ASN B 730 46.97 2.28 -6.35
CA ASN B 730 47.46 0.97 -6.74
C ASN B 730 48.94 0.97 -7.04
N GLY B 731 49.67 2.02 -6.67
CA GLY B 731 51.10 2.11 -6.96
C GLY B 731 51.43 2.35 -8.41
N MET B 732 50.42 2.47 -9.27
CA MET B 732 50.60 2.84 -10.67
C MET B 732 51.22 4.22 -10.76
N ILE B 733 52.25 4.35 -11.57
CA ILE B 733 52.85 5.66 -11.82
C ILE B 733 52.68 5.98 -13.30
N GLY B 734 52.32 7.22 -13.59
CA GLY B 734 51.88 7.60 -14.92
C GLY B 734 52.39 8.97 -15.33
N LEU B 735 52.23 9.23 -16.62
CA LEU B 735 52.81 10.38 -17.29
C LEU B 735 51.74 11.05 -18.13
N VAL B 736 51.61 12.38 -18.01
CA VAL B 736 50.76 13.14 -18.91
C VAL B 736 51.64 14.17 -19.60
N THR B 737 51.48 14.29 -20.92
CA THR B 737 52.14 15.33 -21.70
C THR B 737 51.15 15.88 -22.73
N SER B 738 51.29 17.17 -23.03
CA SER B 738 50.37 17.88 -23.92
C SER B 738 50.85 17.80 -25.35
N LEU B 739 49.92 17.73 -26.28
CA LEU B 739 50.27 17.55 -27.66
C LEU B 739 49.97 18.81 -28.46
N SER B 740 50.37 18.76 -29.72
CA SER B 740 49.92 19.72 -30.71
C SER B 740 48.69 19.15 -31.41
N GLU B 741 47.89 20.05 -31.99
CA GLU B 741 46.58 19.64 -32.48
C GLU B 741 46.71 18.60 -33.58
N SER B 742 47.74 18.73 -34.43
CA SER B 742 47.93 17.72 -35.46
C SER B 742 48.29 16.38 -34.85
N TRP B 743 49.23 16.36 -33.88
CA TRP B 743 49.70 15.11 -33.32
C TRP B 743 48.55 14.32 -32.69
N TYR B 744 47.65 15.02 -32.00
CA TYR B 744 46.46 14.39 -31.43
C TYR B 744 45.64 13.69 -32.52
N ASN B 745 45.25 14.45 -33.55
CA ASN B 745 44.48 13.90 -34.66
C ASN B 745 45.14 12.64 -35.23
N LEU B 746 46.44 12.73 -35.53
CA LEU B 746 47.14 11.58 -36.11
C LEU B 746 47.09 10.39 -35.18
N LEU B 747 47.46 10.59 -33.92
CA LEU B 747 47.44 9.49 -32.96
C LEU B 747 46.03 8.94 -32.78
N LEU B 748 45.02 9.81 -32.87
CA LEU B 748 43.64 9.35 -32.76
C LEU B 748 43.32 8.31 -33.82
N ASP B 749 43.68 8.58 -35.07
CA ASP B 749 43.53 7.59 -36.12
C ASP B 749 44.30 6.32 -35.79
N MET B 750 45.54 6.48 -35.37
CA MET B 750 46.37 5.35 -34.97
C MET B 750 45.71 4.53 -33.87
N GLN B 751 45.08 5.22 -32.91
CA GLN B 751 44.29 4.53 -31.89
C GLN B 751 43.29 3.58 -32.52
N ASN B 752 42.34 4.11 -33.29
CA ASN B 752 41.32 3.29 -33.91
C ASN B 752 41.95 2.20 -34.75
N ARG B 753 42.92 2.58 -35.59
CA ARG B 753 43.59 1.60 -36.44
C ARG B 753 44.14 0.48 -35.59
N LEU B 754 44.78 0.83 -34.48
CA LEU B 754 45.36 -0.19 -33.61
C LEU B 754 44.29 -1.02 -32.92
N ASN B 755 43.12 -0.45 -32.61
CA ASN B 755 42.09 -1.23 -31.93
C ASN B 755 41.58 -2.38 -32.78
N LYS B 756 41.78 -2.31 -34.11
CA LYS B 756 41.36 -3.39 -34.99
C LYS B 756 42.30 -4.59 -34.87
N VAL B 757 43.60 -4.34 -34.75
CA VAL B 757 44.58 -5.43 -34.76
C VAL B 757 44.79 -6.00 -33.36
N ILE B 758 44.96 -5.15 -32.34
CA ILE B 758 45.28 -5.63 -31.00
C ILE B 758 44.02 -6.20 -30.36
N LYS B 759 44.05 -7.49 -30.02
CA LYS B 759 42.89 -8.20 -29.48
C LYS B 759 42.81 -8.01 -27.97
N SER B 760 41.59 -7.79 -27.47
CA SER B 760 41.34 -7.56 -26.05
C SER B 760 41.31 -8.89 -25.31
N VAL B 761 41.53 -8.83 -24.01
CA VAL B 761 41.57 -10.09 -23.24
C VAL B 761 40.18 -10.61 -22.89
N GLY B 762 39.19 -9.74 -22.78
CA GLY B 762 37.85 -10.23 -22.52
C GLY B 762 36.94 -10.02 -23.69
N LYS B 763 37.49 -9.69 -24.85
CA LYS B 763 36.76 -9.07 -25.95
C LYS B 763 36.12 -7.78 -25.47
N ILE B 764 36.95 -6.90 -24.88
CA ILE B 764 36.53 -5.63 -24.33
C ILE B 764 37.02 -4.51 -25.24
N GLU B 765 36.10 -3.67 -25.70
CA GLU B 765 36.45 -2.62 -26.64
C GLU B 765 37.18 -1.49 -25.92
N HIS B 766 38.36 -1.12 -26.45
CA HIS B 766 39.14 -0.03 -25.86
C HIS B 766 38.29 1.20 -25.58
N SER B 767 37.38 1.54 -26.51
CA SER B 767 36.64 2.78 -26.32
C SER B 767 35.70 2.71 -25.11
N PHE B 768 35.17 1.53 -24.79
CA PHE B 768 34.37 1.39 -23.59
C PHE B 768 35.23 1.54 -22.35
N TRP B 769 36.37 0.85 -22.32
CA TRP B 769 37.30 0.97 -21.21
C TRP B 769 37.55 2.43 -20.85
N ARG B 770 37.86 3.24 -21.88
CA ARG B 770 38.36 4.60 -21.68
C ARG B 770 37.26 5.63 -21.47
N SER B 771 36.05 5.35 -21.94
CA SER B 771 34.94 6.29 -21.78
C SER B 771 34.76 6.68 -20.33
N PHE B 772 34.55 7.98 -20.10
CA PHE B 772 34.44 8.55 -18.76
C PHE B 772 33.28 7.84 -18.08
N HIS B 773 33.55 7.06 -17.03
CA HIS B 773 32.52 6.24 -16.40
C HIS B 773 32.38 6.76 -14.99
N THR B 774 31.15 7.13 -14.64
CA THR B 774 30.73 7.43 -13.28
C THR B 774 29.46 6.63 -13.07
N GLU B 775 29.32 6.07 -11.87
CA GLU B 775 28.13 5.32 -11.50
C GLU B 775 26.90 6.04 -12.03
N ARG B 776 26.88 7.37 -11.85
CA ARG B 776 25.78 8.19 -12.33
C ARG B 776 25.62 8.08 -13.84
N LYS B 777 26.63 8.51 -14.61
CA LYS B 777 26.54 8.54 -16.06
C LYS B 777 27.92 8.24 -16.66
N THR B 778 27.93 7.58 -17.83
CA THR B 778 29.14 7.27 -18.59
C THR B 778 29.08 7.96 -19.97
N GLU B 779 30.14 8.74 -20.30
CA GLU B 779 30.38 9.53 -21.51
C GLU B 779 31.70 9.15 -22.19
N PRO B 780 31.83 9.38 -23.51
CA PRO B 780 33.04 8.95 -24.24
C PRO B 780 34.21 9.92 -24.08
N ALA B 781 35.42 9.36 -24.22
CA ALA B 781 36.62 10.07 -23.85
C ALA B 781 37.02 11.07 -24.92
N THR B 782 37.89 12.01 -24.55
CA THR B 782 38.27 13.12 -25.41
C THR B 782 39.51 13.80 -24.86
N GLY B 783 40.29 14.38 -25.76
CA GLY B 783 41.42 15.16 -25.32
C GLY B 783 42.57 14.32 -24.82
N PHE B 784 42.38 13.01 -24.74
CA PHE B 784 43.37 12.10 -24.22
C PHE B 784 43.65 11.02 -25.25
N ILE B 785 44.94 10.71 -25.41
CA ILE B 785 45.41 9.61 -26.24
C ILE B 785 46.08 8.59 -25.32
N ASP B 786 45.64 7.33 -25.43
CA ASP B 786 46.19 6.26 -24.63
C ASP B 786 47.54 5.87 -25.22
N GLY B 787 48.61 6.37 -24.63
CA GLY B 787 49.93 6.02 -25.11
C GLY B 787 50.20 4.53 -25.04
N ASP B 788 49.69 3.88 -23.99
CA ASP B 788 49.96 2.45 -23.81
C ASP B 788 49.49 1.66 -25.03
N LEU B 789 48.39 2.07 -25.64
CA LEU B 789 47.94 1.51 -26.91
C LEU B 789 48.86 1.95 -28.03
N ILE B 790 49.02 3.26 -28.18
CA ILE B 790 49.94 3.83 -29.17
C ILE B 790 51.31 3.17 -29.10
N GLU B 791 51.76 2.78 -27.90
CA GLU B 791 53.10 2.22 -27.79
C GLU B 791 53.18 0.76 -28.21
N SER B 792 52.05 0.04 -28.21
CA SER B 792 52.07 -1.37 -28.55
C SER B 792 52.26 -1.63 -30.04
N PHE B 793 52.17 -0.59 -30.87
CA PHE B 793 52.52 -0.70 -32.27
C PHE B 793 53.97 -1.17 -32.45
N LEU B 794 54.85 -0.86 -31.50
CA LEU B 794 56.20 -1.37 -31.55
C LEU B 794 56.27 -2.85 -31.29
N ASP B 795 55.25 -3.43 -30.66
CA ASP B 795 55.26 -4.83 -30.26
C ASP B 795 54.43 -5.72 -31.19
N ILE B 796 53.79 -5.18 -32.23
CA ILE B 796 52.97 -6.02 -33.12
C ILE B 796 53.84 -6.49 -34.26
N SER B 797 53.31 -7.40 -35.08
CA SER B 797 54.09 -7.99 -36.16
C SER B 797 54.37 -6.97 -37.25
N ARG B 798 55.46 -7.18 -37.97
CA ARG B 798 55.74 -6.35 -39.14
C ARG B 798 54.68 -6.43 -40.23
N PRO B 799 54.01 -7.57 -40.46
CA PRO B 799 52.82 -7.57 -41.34
C PRO B 799 51.69 -6.67 -40.88
N LYS B 800 51.22 -6.90 -39.64
CA LYS B 800 50.12 -6.12 -39.10
C LYS B 800 50.49 -4.65 -38.95
N MET B 801 51.78 -4.38 -38.69
CA MET B 801 52.30 -3.02 -38.68
C MET B 801 51.96 -2.28 -39.97
N GLN B 802 51.88 -3.01 -41.08
CA GLN B 802 51.48 -2.44 -42.35
C GLN B 802 49.97 -2.29 -42.46
N GLU B 803 49.21 -3.18 -41.80
CA GLU B 803 47.76 -3.10 -41.88
C GLU B 803 47.21 -1.84 -41.23
N VAL B 804 47.93 -1.26 -40.28
CA VAL B 804 47.43 -0.09 -39.55
C VAL B 804 47.88 1.20 -40.19
N VAL B 805 49.14 1.28 -40.62
CA VAL B 805 49.63 2.48 -41.28
C VAL B 805 49.02 2.66 -42.65
N ALA B 806 48.28 1.64 -43.11
CA ALA B 806 47.67 1.67 -44.46
C ALA B 806 46.92 2.98 -44.69
N ASN B 807 47.09 3.57 -45.87
CA ASN B 807 46.35 4.81 -46.25
C ASN B 807 46.24 5.86 -45.14
N LEU B 808 47.37 6.23 -44.54
CA LEU B 808 47.35 7.31 -43.51
C LEU B 808 47.60 8.70 -44.08
N GLU B 819 50.19 8.96 -48.06
CA GLU B 819 50.60 7.60 -47.71
C GLU B 819 51.80 7.64 -46.79
N ALA B 820 51.72 6.86 -45.71
CA ALA B 820 52.80 6.70 -44.75
C ALA B 820 53.07 5.22 -44.54
N THR B 821 54.34 4.84 -44.53
CA THR B 821 54.70 3.44 -44.44
C THR B 821 54.91 3.03 -42.99
N ALA B 822 55.06 1.72 -42.77
CA ALA B 822 55.23 1.21 -41.42
C ALA B 822 56.47 1.80 -40.75
N ASP B 823 57.55 2.00 -41.52
CA ASP B 823 58.83 2.39 -40.94
C ASP B 823 58.86 3.83 -40.47
N ASP B 824 58.04 4.71 -41.06
CA ASP B 824 57.96 6.08 -40.56
C ASP B 824 57.44 6.07 -39.13
N LEU B 825 56.37 5.32 -38.92
CA LEU B 825 55.63 5.35 -37.67
C LEU B 825 56.40 4.69 -36.54
N ILE B 826 57.19 3.65 -36.85
CA ILE B 826 58.06 3.05 -35.83
C ILE B 826 58.99 4.10 -35.25
N LYS B 827 59.46 5.03 -36.08
CA LYS B 827 60.30 6.12 -35.58
C LYS B 827 59.51 7.00 -34.62
N VAL B 828 58.25 7.27 -34.96
CA VAL B 828 57.42 8.18 -34.17
C VAL B 828 57.25 7.67 -32.75
N VAL B 829 56.67 6.48 -32.60
CA VAL B 829 56.48 5.90 -31.29
C VAL B 829 57.79 5.82 -30.53
N GLU B 830 58.89 5.51 -31.24
CA GLU B 830 60.17 5.30 -30.59
C GLU B 830 60.63 6.57 -29.87
N GLU B 831 60.34 7.74 -30.44
CA GLU B 831 60.57 8.97 -29.70
C GLU B 831 59.66 9.04 -28.49
N LEU B 832 58.42 8.55 -28.62
CA LEU B 832 57.48 8.58 -27.51
C LEU B 832 57.88 7.62 -26.40
N THR B 833 58.49 6.49 -26.73
CA THR B 833 59.00 5.63 -25.68
C THR B 833 60.07 6.35 -24.89
N ARG B 834 60.75 7.28 -25.53
CA ARG B 834 61.85 7.97 -24.88
C ARG B 834 61.25 9.03 -23.97
N ILE B 835 60.24 8.71 -23.17
CA ILE B 835 59.73 9.68 -22.22
C ILE B 835 59.56 9.04 -20.85
N HIS B 836 59.48 7.71 -20.73
CA HIS B 836 59.25 7.15 -19.40
C HIS B 836 60.27 6.07 -19.04
N SER C 3 -13.48 48.10 12.55
CA SER C 3 -13.70 47.19 11.43
C SER C 3 -13.09 47.72 10.11
N LEU C 4 -13.44 48.96 9.73
CA LEU C 4 -12.88 49.59 8.52
C LEU C 4 -11.47 50.15 8.78
N THR C 5 -10.97 49.75 9.95
CA THR C 5 -9.70 50.23 10.48
C THR C 5 -8.83 49.09 10.95
N THR C 6 -9.11 47.85 10.56
CA THR C 6 -8.30 46.72 10.94
C THR C 6 -7.46 46.33 9.73
N CYS C 7 -6.23 45.90 9.99
CA CYS C 7 -5.35 45.54 8.90
C CYS C 7 -5.61 44.09 8.48
N GLU C 8 -5.89 43.89 7.19
CA GLU C 8 -6.19 42.54 6.70
C GLU C 8 -5.06 41.56 6.97
N VAL C 9 -3.82 42.04 7.04
CA VAL C 9 -2.65 41.18 7.04
C VAL C 9 -2.19 40.84 8.44
N CYS C 10 -1.99 41.84 9.28
CA CYS C 10 -1.49 41.56 10.61
C CYS C 10 -2.55 41.64 11.68
N GLY C 11 -3.70 42.27 11.40
CA GLY C 11 -4.79 42.36 12.35
C GLY C 11 -4.84 43.64 13.17
N ALA C 12 -3.98 44.60 12.89
CA ALA C 12 -3.91 45.82 13.70
C ALA C 12 -5.14 46.70 13.45
N CYS C 13 -5.82 47.11 14.52
CA CYS C 13 -7.01 47.94 14.44
C CYS C 13 -6.63 49.37 14.82
N PHE C 14 -6.65 50.28 13.86
CA PHE C 14 -6.34 51.69 14.05
C PHE C 14 -7.59 52.46 14.44
N GLU C 15 -7.38 53.69 14.93
CA GLU C 15 -8.55 54.48 15.27
C GLU C 15 -9.10 55.22 14.06
N THR C 16 -8.23 55.46 13.08
CA THR C 16 -8.56 56.22 11.89
C THR C 16 -8.15 55.47 10.63
N ARG C 17 -9.05 55.49 9.64
CA ARG C 17 -8.72 54.90 8.34
C ARG C 17 -7.48 55.56 7.74
N LYS C 18 -7.35 56.88 7.89
CA LYS C 18 -6.24 57.67 7.33
C LYS C 18 -4.90 57.30 7.92
N GLY C 19 -4.89 56.36 8.88
CA GLY C 19 -3.73 55.83 9.56
C GLY C 19 -3.45 54.40 9.19
N LEU C 20 -4.50 53.59 9.15
CA LEU C 20 -4.43 52.25 8.56
C LEU C 20 -3.88 52.28 7.14
N SER C 21 -4.03 53.41 6.45
CA SER C 21 -3.42 53.57 5.13
C SER C 21 -1.92 53.73 5.24
N SER C 22 -1.47 54.50 6.23
CA SER C 22 -0.03 54.60 6.45
C SER C 22 0.55 53.28 6.90
N HIS C 23 -0.20 52.49 7.67
CA HIS C 23 0.27 51.14 7.95
C HIS C 23 0.30 50.30 6.69
N ALA C 24 -0.66 50.51 5.79
CA ALA C 24 -0.75 49.65 4.61
C ALA C 24 0.52 49.71 3.79
N ARG C 25 1.20 50.87 3.79
CA ARG C 25 2.52 50.97 3.16
C ARG C 25 3.48 49.94 3.73
N SER C 26 3.57 49.85 5.06
CA SER C 26 4.62 49.10 5.74
C SER C 26 4.71 47.62 5.29
N HIS C 27 3.69 47.07 4.64
CA HIS C 27 3.75 45.68 4.17
C HIS C 27 4.41 45.44 2.82
N LEU C 28 4.87 46.48 2.15
CA LEU C 28 5.69 46.32 0.95
C LEU C 28 6.80 47.36 0.96
N ASP D 6 -38.51 -23.06 15.76
CA ASP D 6 -38.56 -23.15 17.23
C ASP D 6 -37.22 -23.74 17.66
N ASP D 7 -36.95 -23.72 18.99
CA ASP D 7 -35.73 -24.30 19.55
C ASP D 7 -35.97 -24.91 20.94
N SER D 8 -37.16 -25.45 21.20
CA SER D 8 -37.50 -25.94 22.54
C SER D 8 -36.79 -27.26 22.84
N CYS D 9 -36.57 -27.50 24.13
CA CYS D 9 -35.95 -28.73 24.62
C CYS D 9 -37.06 -29.46 25.38
N GLN D 10 -37.83 -30.26 24.64
CA GLN D 10 -38.95 -31.00 25.20
C GLN D 10 -38.57 -32.46 25.39
N VAL D 11 -39.45 -33.20 26.04
CA VAL D 11 -39.20 -34.62 26.34
C VAL D 11 -40.43 -35.40 25.87
N ILE D 12 -40.29 -36.11 24.76
CA ILE D 12 -41.40 -36.73 24.05
C ILE D 12 -41.27 -38.24 24.12
N PRO D 13 -42.36 -38.98 24.24
CA PRO D 13 -42.29 -40.45 24.18
C PRO D 13 -42.10 -40.94 22.76
N VAL D 14 -41.40 -42.06 22.64
CA VAL D 14 -40.96 -42.60 21.36
C VAL D 14 -41.85 -43.77 20.98
N LEU D 15 -42.29 -43.80 19.71
CA LEU D 15 -42.86 -45.03 19.18
C LEU D 15 -41.84 -46.14 19.35
N PRO D 16 -42.07 -47.17 20.21
CA PRO D 16 -41.03 -48.16 20.47
C PRO D 16 -40.36 -48.85 19.28
N GLN D 17 -41.17 -49.48 18.45
CA GLN D 17 -40.61 -50.23 17.30
C GLN D 17 -40.73 -49.23 16.15
N VAL D 18 -39.69 -48.43 15.92
CA VAL D 18 -39.72 -47.42 14.83
C VAL D 18 -38.36 -47.32 14.12
N MET D 19 -38.39 -47.09 12.81
CA MET D 19 -37.14 -47.01 12.03
C MET D 19 -37.32 -46.02 10.84
N MET D 20 -38.45 -45.30 10.82
CA MET D 20 -38.74 -44.45 9.66
C MET D 20 -38.09 -43.06 9.60
N ILE D 21 -38.21 -42.37 8.47
CA ILE D 21 -37.70 -40.97 8.35
C ILE D 21 -38.98 -40.19 8.00
N LEU D 22 -39.79 -39.89 9.01
CA LEU D 22 -41.08 -39.19 8.75
C LEU D 22 -40.61 -37.80 8.31
N ILE D 23 -40.86 -37.44 7.05
CA ILE D 23 -40.52 -36.07 6.62
C ILE D 23 -41.73 -35.26 7.08
N PRO D 24 -41.55 -34.16 7.83
CA PRO D 24 -42.68 -33.40 8.33
C PRO D 24 -43.75 -33.32 7.28
N GLY D 25 -44.95 -33.81 7.58
CA GLY D 25 -46.07 -33.68 6.64
C GLY D 25 -46.56 -35.03 6.20
N GLN D 26 -45.64 -35.97 5.98
CA GLN D 26 -46.05 -37.34 5.58
C GLN D 26 -46.95 -37.93 6.66
N THR D 27 -47.92 -38.74 6.27
CA THR D 27 -48.77 -39.41 7.26
C THR D 27 -48.17 -40.76 7.54
N LEU D 28 -48.12 -41.16 8.81
CA LEU D 28 -47.54 -42.47 9.17
C LEU D 28 -48.67 -43.41 9.57
N PRO D 29 -49.03 -44.40 8.74
CA PRO D 29 -50.05 -45.36 9.12
C PRO D 29 -49.50 -46.25 10.21
N LEU D 30 -50.37 -46.81 11.04
CA LEU D 30 -49.90 -47.62 12.18
C LEU D 30 -51.01 -48.55 12.67
N GLN D 31 -50.66 -49.77 13.09
CA GLN D 31 -51.65 -50.73 13.64
C GLN D 31 -51.04 -51.36 14.90
N LEU D 32 -51.43 -50.90 16.08
CA LEU D 32 -50.81 -51.40 17.33
C LEU D 32 -51.58 -52.58 17.93
N PHE D 33 -50.92 -53.35 18.80
CA PHE D 33 -51.56 -54.53 19.44
C PHE D 33 -51.14 -54.68 20.90
N HIS D 34 -49.83 -54.73 21.15
CA HIS D 34 -49.32 -54.88 22.53
C HIS D 34 -49.87 -53.76 23.40
N PRO D 35 -50.28 -54.05 24.65
CA PRO D 35 -50.89 -53.03 25.51
C PRO D 35 -50.14 -51.74 25.78
N GLN D 36 -48.89 -51.84 26.25
CA GLN D 36 -48.09 -50.65 26.60
C GLN D 36 -48.14 -49.57 25.50
N GLU D 37 -48.19 -49.99 24.24
CA GLU D 37 -48.28 -49.04 23.11
C GLU D 37 -49.61 -48.33 23.28
N VAL D 38 -50.71 -49.07 23.15
CA VAL D 38 -52.06 -48.45 23.24
C VAL D 38 -52.15 -47.58 24.48
N SER D 39 -51.72 -48.10 25.63
CA SER D 39 -51.85 -47.33 26.89
C SER D 39 -51.24 -45.94 26.69
N MET D 40 -50.01 -45.89 26.20
CA MET D 40 -49.34 -44.59 25.93
C MET D 40 -50.22 -43.79 24.96
N VAL D 41 -50.57 -44.39 23.83
CA VAL D 41 -51.41 -43.68 22.83
C VAL D 41 -52.58 -43.02 23.55
N ARG D 42 -53.36 -43.79 24.30
CA ARG D 42 -54.54 -43.23 25.02
C ARG D 42 -54.11 -41.94 25.71
N ASN D 43 -53.16 -42.03 26.63
CA ASN D 43 -52.73 -40.82 27.38
C ASN D 43 -52.37 -39.73 26.37
N LEU D 44 -51.56 -40.06 25.37
CA LEU D 44 -51.13 -39.06 24.36
C LEU D 44 -52.37 -38.36 23.79
N ILE D 45 -53.33 -39.11 23.24
CA ILE D 45 -54.51 -38.46 22.59
C ILE D 45 -55.08 -37.43 23.57
N GLN D 46 -55.16 -37.78 24.85
CA GLN D 46 -55.74 -36.86 25.86
C GLN D 46 -54.78 -35.73 26.24
N LYS D 47 -53.66 -35.61 25.53
CA LYS D 47 -52.67 -34.55 25.80
C LYS D 47 -52.14 -33.84 24.55
N ASP D 48 -50.87 -34.08 24.20
CA ASP D 48 -50.27 -33.45 23.00
C ASP D 48 -50.48 -34.34 21.80
N ARG D 49 -50.84 -35.60 22.03
CA ARG D 49 -51.10 -36.56 20.92
C ARG D 49 -49.89 -36.61 19.98
N THR D 50 -48.68 -36.43 20.51
CA THR D 50 -47.49 -36.37 19.63
C THR D 50 -46.42 -37.30 20.15
N PHE D 51 -46.03 -38.29 19.34
CA PHE D 51 -44.93 -39.20 19.73
C PHE D 51 -43.71 -38.83 18.91
N ALA D 52 -42.63 -39.59 19.05
CA ALA D 52 -41.38 -39.25 18.33
C ALA D 52 -40.96 -40.39 17.40
N VAL D 53 -40.87 -40.11 16.11
CA VAL D 53 -40.37 -41.13 15.15
C VAL D 53 -38.85 -40.97 15.07
N LEU D 54 -38.10 -42.02 15.40
CA LEU D 54 -36.62 -41.92 15.44
C LEU D 54 -36.02 -42.40 14.11
N ALA D 55 -34.83 -41.92 13.78
CA ALA D 55 -34.15 -42.35 12.53
C ALA D 55 -32.70 -42.71 12.85
N TYR D 56 -32.12 -43.65 12.10
CA TYR D 56 -30.74 -44.10 12.37
C TYR D 56 -29.88 -44.10 11.11
N ALA D 64 -28.68 -44.06 15.05
CA ALA D 64 -28.30 -42.64 15.09
C ALA D 64 -29.21 -41.78 16.03
N GLN D 65 -29.17 -40.44 15.86
CA GLN D 65 -29.55 -39.51 16.93
C GLN D 65 -30.44 -38.35 16.46
N PHE D 66 -31.33 -38.57 15.50
CA PHE D 66 -32.28 -37.55 15.05
C PHE D 66 -33.65 -38.17 14.83
N GLY D 67 -34.67 -37.32 14.68
CA GLY D 67 -36.01 -37.83 14.46
C GLY D 67 -36.99 -36.71 14.19
N THR D 68 -38.25 -37.09 14.04
CA THR D 68 -39.34 -36.16 13.77
C THR D 68 -40.51 -36.54 14.64
N THR D 69 -41.12 -35.54 15.31
CA THR D 69 -42.35 -35.83 16.02
C THR D 69 -43.47 -36.12 15.05
N ALA D 70 -44.51 -36.78 15.55
CA ALA D 70 -45.64 -37.14 14.72
C ALA D 70 -46.91 -37.05 15.54
N GLU D 71 -47.92 -36.34 15.02
CA GLU D 71 -49.14 -36.07 15.77
C GLU D 71 -50.27 -37.00 15.30
N ILE D 72 -50.80 -37.77 16.25
CA ILE D 72 -51.94 -38.64 15.96
C ILE D 72 -53.13 -37.76 15.54
N TYR D 73 -53.73 -38.08 14.39
CA TYR D 73 -54.92 -37.40 13.92
C TYR D 73 -56.05 -38.36 13.57
N ALA D 74 -55.86 -39.67 13.77
CA ALA D 74 -56.95 -40.63 13.65
C ALA D 74 -56.74 -41.71 14.71
N TYR D 75 -57.84 -42.29 15.19
CA TYR D 75 -57.74 -43.35 16.19
C TYR D 75 -58.94 -44.27 16.03
N ARG D 76 -58.70 -45.53 15.64
CA ARG D 76 -59.76 -46.52 15.43
C ARG D 76 -59.40 -47.82 16.13
N GLU D 77 -60.26 -48.24 17.07
CA GLU D 77 -60.15 -49.52 17.77
C GLU D 77 -61.05 -50.57 17.09
N GLU D 78 -60.43 -51.64 16.56
CA GLU D 78 -61.18 -52.75 15.92
C GLU D 78 -61.03 -54.07 16.69
N GLY D 82 -58.68 -60.52 15.69
CA GLY D 82 -59.53 -61.06 16.73
C GLY D 82 -59.09 -60.63 18.12
N ILE D 83 -58.15 -59.69 18.18
CA ILE D 83 -57.68 -59.17 19.46
C ILE D 83 -58.04 -57.69 19.55
N GLU D 84 -57.40 -56.98 20.49
CA GLU D 84 -57.56 -55.53 20.64
C GLU D 84 -56.73 -54.83 19.57
N ILE D 85 -57.29 -54.77 18.37
CA ILE D 85 -56.65 -54.17 17.20
C ILE D 85 -56.90 -52.66 17.23
N VAL D 86 -55.81 -51.89 17.27
CA VAL D 86 -55.90 -50.43 17.31
C VAL D 86 -55.11 -49.89 16.14
N LYS D 87 -55.74 -49.06 15.34
CA LYS D 87 -55.09 -48.47 14.17
C LYS D 87 -55.13 -46.95 14.32
N VAL D 88 -53.97 -46.34 14.57
CA VAL D 88 -53.85 -44.89 14.61
C VAL D 88 -53.14 -44.42 13.35
N LYS D 89 -53.22 -43.13 13.08
CA LYS D 89 -52.49 -42.50 12.00
C LYS D 89 -51.96 -41.19 12.55
N ALA D 90 -50.73 -40.86 12.15
CA ALA D 90 -50.05 -39.69 12.65
C ALA D 90 -49.42 -38.96 11.48
N ILE D 91 -49.02 -37.72 11.72
CA ILE D 91 -48.43 -36.86 10.72
C ILE D 91 -47.19 -36.21 11.29
N GLY D 92 -46.18 -36.02 10.44
CA GLY D 92 -44.89 -35.49 10.88
C GLY D 92 -44.95 -34.01 11.24
N ARG D 93 -44.64 -33.69 12.49
CA ARG D 93 -44.74 -32.32 12.93
C ARG D 93 -43.45 -31.50 12.88
N GLN D 94 -42.54 -31.74 13.80
CA GLN D 94 -41.35 -30.92 13.92
C GLN D 94 -40.16 -31.88 14.01
N ARG D 95 -39.02 -31.46 13.48
CA ARG D 95 -37.81 -32.27 13.48
C ARG D 95 -37.03 -32.03 14.77
N PHE D 96 -36.12 -32.94 15.09
CA PHE D 96 -35.47 -32.91 16.39
C PHE D 96 -34.19 -33.76 16.40
N LYS D 97 -33.29 -33.37 17.31
CA LYS D 97 -32.06 -34.17 17.51
C LYS D 97 -32.17 -34.74 18.92
N VAL D 98 -31.82 -36.01 19.10
CA VAL D 98 -32.01 -36.63 20.45
C VAL D 98 -30.85 -36.21 21.35
N LEU D 99 -31.12 -35.99 22.63
CA LEU D 99 -30.06 -35.63 23.59
C LEU D 99 -29.98 -36.74 24.63
N GLU D 100 -31.02 -36.90 25.44
CA GLU D 100 -31.06 -38.02 26.41
C GLU D 100 -32.13 -39.02 25.92
N LEU D 101 -32.05 -40.27 26.36
CA LEU D 101 -32.99 -41.30 25.86
C LEU D 101 -33.24 -42.36 26.95
N ARG D 102 -33.39 -41.93 28.21
CA ARG D 102 -33.63 -42.89 29.28
C ARG D 102 -34.78 -43.84 28.93
N THR D 103 -34.62 -45.14 29.21
CA THR D 103 -35.63 -46.18 28.88
C THR D 103 -36.34 -46.70 30.14
N ILE D 108 -41.91 -49.14 27.16
CA ILE D 108 -41.77 -48.10 26.14
C ILE D 108 -40.49 -47.28 26.39
N GLN D 109 -40.44 -46.05 25.88
CA GLN D 109 -39.22 -45.25 25.97
C GLN D 109 -39.56 -43.77 25.76
N GLN D 110 -39.04 -42.91 26.64
CA GLN D 110 -39.14 -41.46 26.45
C GLN D 110 -37.84 -40.93 25.83
N ALA D 111 -37.84 -39.65 25.47
CA ALA D 111 -36.66 -39.09 24.81
C ALA D 111 -36.58 -37.59 25.03
N LYS D 112 -35.43 -37.12 25.52
CA LYS D 112 -35.14 -35.71 25.53
C LYS D 112 -34.75 -35.29 24.13
N VAL D 113 -35.24 -34.12 23.73
CA VAL D 113 -35.41 -33.77 22.33
C VAL D 113 -35.10 -32.29 22.18
N GLN D 114 -34.31 -31.94 21.16
CA GLN D 114 -34.04 -30.54 20.86
C GLN D 114 -34.68 -30.27 19.51
N ILE D 115 -35.78 -29.52 19.49
CA ILE D 115 -36.46 -29.29 18.24
C ILE D 115 -35.53 -28.57 17.28
N LEU D 116 -35.44 -29.07 16.05
CA LEU D 116 -34.54 -28.44 15.09
C LEU D 116 -35.13 -27.11 14.63
N PRO D 117 -34.28 -26.19 14.16
CA PRO D 117 -34.76 -24.84 13.81
C PRO D 117 -35.41 -24.79 12.44
N GLU D 118 -36.57 -24.13 12.36
CA GLU D 118 -37.20 -23.78 11.08
C GLU D 118 -37.24 -22.26 10.99
N CYS D 119 -36.25 -21.67 10.32
CA CYS D 119 -35.99 -20.23 10.37
C CYS D 119 -36.80 -19.52 9.29
N VAL D 120 -37.77 -18.73 9.71
CA VAL D 120 -38.65 -18.02 8.78
C VAL D 120 -38.06 -16.64 8.53
N LEU D 121 -37.85 -16.31 7.27
CA LEU D 121 -37.14 -15.10 6.94
C LEU D 121 -38.05 -14.07 6.27
N PRO D 122 -37.72 -12.80 6.40
CA PRO D 122 -38.45 -11.75 5.68
C PRO D 122 -38.04 -11.71 4.21
N SER D 123 -38.78 -10.89 3.45
CA SER D 123 -38.40 -10.66 2.07
C SER D 123 -37.04 -10.00 2.03
N THR D 124 -36.20 -10.42 1.06
CA THR D 124 -34.85 -9.89 0.94
C THR D 124 -34.84 -8.36 0.89
N MET D 125 -35.92 -7.75 0.40
CA MET D 125 -35.98 -6.30 0.22
C MET D 125 -36.62 -5.56 1.40
N SER D 126 -37.16 -6.27 2.38
CA SER D 126 -37.89 -5.60 3.44
C SER D 126 -37.02 -4.59 4.16
N ALA D 127 -35.72 -4.87 4.29
CA ALA D 127 -34.80 -3.93 4.95
C ALA D 127 -34.62 -2.65 4.15
N VAL D 128 -34.32 -2.78 2.86
CA VAL D 128 -34.06 -1.61 2.02
C VAL D 128 -35.33 -1.04 1.39
N GLN D 129 -36.49 -1.63 1.65
CA GLN D 129 -37.73 -1.19 1.02
C GLN D 129 -37.96 0.30 1.29
N LEU D 130 -37.92 1.12 0.24
CA LEU D 130 -38.20 2.55 0.37
C LEU D 130 -39.65 2.78 0.77
N GLU D 131 -39.86 3.69 1.71
CA GLU D 131 -41.19 3.88 2.27
C GLU D 131 -42.19 4.36 1.21
N SER D 132 -41.74 5.13 0.22
CA SER D 132 -42.67 5.60 -0.81
C SER D 132 -43.05 4.47 -1.76
N LEU D 133 -42.17 3.45 -1.90
CA LEU D 133 -42.41 2.26 -2.72
C LEU D 133 -43.19 1.18 -1.99
N ASN D 134 -43.21 1.20 -0.65
CA ASN D 134 -44.10 0.35 0.14
C ASN D 134 -45.50 0.31 -0.48
N LYS D 135 -45.95 1.47 -0.97
CA LYS D 135 -47.36 1.68 -1.35
C LYS D 135 -47.83 0.65 -2.36
N CYS D 136 -47.10 0.47 -3.45
CA CYS D 136 -47.50 -0.48 -4.49
C CYS D 136 -46.63 -1.75 -4.47
N GLN D 137 -46.15 -2.14 -3.29
CA GLN D 137 -45.46 -3.41 -3.16
C GLN D 137 -46.42 -4.59 -3.35
N ILE D 138 -47.73 -4.35 -3.31
CA ILE D 138 -48.72 -5.38 -3.58
C ILE D 138 -48.94 -5.45 -5.09
N PHE D 139 -48.85 -6.68 -5.65
CA PHE D 139 -48.98 -6.96 -7.09
C PHE D 139 -50.36 -7.48 -7.44
N PRO D 140 -50.94 -7.09 -8.58
CA PRO D 140 -52.23 -7.67 -8.97
C PRO D 140 -52.12 -9.18 -9.20
N SER D 141 -53.29 -9.80 -9.32
CA SER D 141 -53.41 -11.25 -9.39
C SER D 141 -52.64 -11.79 -10.60
N LYS D 142 -52.14 -13.03 -10.45
CA LYS D 142 -51.26 -13.65 -11.45
C LYS D 142 -52.06 -14.52 -12.40
N PRO D 143 -52.22 -14.13 -13.68
CA PRO D 143 -53.00 -14.95 -14.61
C PRO D 143 -52.28 -16.21 -15.06
N VAL D 144 -53.05 -17.26 -15.34
CA VAL D 144 -52.47 -18.50 -15.84
C VAL D 144 -52.57 -18.58 -17.36
N SER D 151 -48.81 -14.97 -18.83
CA SER D 151 -47.74 -15.89 -19.19
C SER D 151 -46.59 -15.90 -18.18
N TYR D 152 -45.36 -16.09 -18.67
CA TYR D 152 -44.17 -16.03 -17.85
C TYR D 152 -43.54 -14.64 -17.80
N LYS D 153 -44.01 -13.71 -18.63
CA LYS D 153 -43.57 -12.32 -18.53
C LYS D 153 -44.09 -11.67 -17.26
N TRP D 154 -45.09 -12.28 -16.60
CA TRP D 154 -45.44 -11.88 -15.25
C TRP D 154 -44.24 -11.97 -14.31
N TRP D 155 -43.51 -13.10 -14.38
CA TRP D 155 -42.38 -13.33 -13.48
C TRP D 155 -41.18 -12.47 -13.83
N GLN D 156 -41.17 -11.83 -15.00
CA GLN D 156 -40.16 -10.81 -15.27
C GLN D 156 -40.57 -9.48 -14.63
N LYS D 157 -41.82 -9.07 -14.82
CA LYS D 157 -42.36 -7.93 -14.09
C LYS D 157 -42.26 -8.15 -12.58
N TYR D 158 -42.59 -9.37 -12.13
CA TYR D 158 -42.44 -9.71 -10.73
C TYR D 158 -41.06 -9.35 -10.22
N GLN D 159 -40.01 -9.82 -10.90
CA GLN D 159 -38.64 -9.52 -10.46
C GLN D 159 -38.34 -8.02 -10.48
N LYS D 160 -38.75 -7.31 -11.56
CA LYS D 160 -38.43 -5.89 -11.65
C LYS D 160 -39.07 -5.09 -10.51
N ARG D 161 -40.31 -5.41 -10.14
CA ARG D 161 -40.97 -4.65 -9.08
C ARG D 161 -40.48 -5.07 -7.68
N LYS D 162 -40.59 -6.37 -7.34
CA LYS D 162 -40.32 -6.83 -5.97
C LYS D 162 -38.90 -6.52 -5.52
N PHE D 163 -37.94 -6.74 -6.41
CA PHE D 163 -36.53 -6.50 -6.12
C PHE D 163 -36.05 -5.20 -6.75
N HIS D 164 -36.87 -4.15 -6.69
CA HIS D 164 -36.51 -2.85 -7.26
C HIS D 164 -35.40 -2.23 -6.43
N CYS D 165 -35.68 -1.89 -5.16
CA CYS D 165 -34.65 -1.23 -4.32
C CYS D 165 -33.75 -2.43 -3.98
N ALA D 166 -33.24 -3.10 -4.99
CA ALA D 166 -32.10 -3.98 -4.73
C ALA D 166 -31.01 -3.12 -5.29
N ASN D 167 -31.36 -1.92 -5.81
CA ASN D 167 -30.36 -0.99 -6.29
C ASN D 167 -29.65 -0.29 -5.15
N LEU D 168 -30.31 -0.18 -4.00
CA LEU D 168 -29.67 0.36 -2.83
C LEU D 168 -28.57 -0.55 -2.31
N THR D 169 -28.57 -1.80 -2.74
CA THR D 169 -27.72 -2.86 -2.25
C THR D 169 -26.65 -3.15 -3.28
N SER D 170 -25.68 -4.00 -2.89
CA SER D 170 -24.51 -4.25 -3.72
C SER D 170 -24.66 -5.49 -4.58
N TRP D 171 -25.89 -5.99 -4.75
CA TRP D 171 -26.20 -7.18 -5.53
C TRP D 171 -27.33 -6.86 -6.51
N PRO D 172 -27.43 -7.62 -7.61
CA PRO D 172 -28.49 -7.37 -8.60
C PRO D 172 -29.76 -8.17 -8.35
N ARG D 173 -30.83 -7.68 -8.97
CA ARG D 173 -32.15 -8.29 -8.95
C ARG D 173 -32.08 -9.81 -9.04
N TRP D 174 -31.49 -10.30 -10.14
CA TRP D 174 -31.57 -11.73 -10.43
C TRP D 174 -31.00 -12.59 -9.32
N LEU D 175 -30.07 -12.04 -8.51
CA LEU D 175 -29.52 -12.83 -7.41
C LEU D 175 -30.51 -12.91 -6.25
N TYR D 176 -31.24 -11.83 -5.97
CA TYR D 176 -32.27 -11.89 -4.94
C TYR D 176 -33.42 -12.78 -5.36
N SER D 177 -33.62 -12.97 -6.67
CA SER D 177 -34.58 -13.96 -7.15
C SER D 177 -34.12 -15.36 -6.82
N LEU D 178 -32.81 -15.61 -6.91
CA LEU D 178 -32.27 -16.94 -6.63
C LEU D 178 -32.63 -17.38 -5.23
N TYR D 179 -32.63 -16.46 -4.26
CA TYR D 179 -32.96 -16.77 -2.89
C TYR D 179 -34.41 -16.42 -2.53
N ASP D 180 -35.30 -16.27 -3.51
CA ASP D 180 -36.68 -15.85 -3.23
C ASP D 180 -37.63 -17.03 -3.16
N ALA D 181 -38.34 -17.16 -2.04
CA ALA D 181 -39.22 -18.30 -1.84
C ALA D 181 -40.17 -18.49 -3.00
N GLU D 182 -40.97 -17.47 -3.32
CA GLU D 182 -42.00 -17.64 -4.33
C GLU D 182 -41.42 -17.96 -5.71
N THR D 183 -40.29 -17.33 -6.07
CA THR D 183 -39.63 -17.66 -7.33
C THR D 183 -39.18 -19.10 -7.33
N LEU D 184 -38.51 -19.53 -6.26
CA LEU D 184 -38.01 -20.89 -6.17
C LEU D 184 -39.14 -21.91 -6.31
N MET D 185 -40.20 -21.76 -5.52
CA MET D 185 -41.31 -22.70 -5.56
C MET D 185 -41.91 -22.81 -6.96
N ASP D 186 -42.05 -21.69 -7.68
CA ASP D 186 -42.54 -21.75 -9.06
C ASP D 186 -41.63 -22.59 -9.96
N ARG D 187 -40.30 -22.50 -9.76
CA ARG D 187 -39.34 -23.25 -10.57
C ARG D 187 -39.42 -24.75 -10.30
N ILE D 188 -39.48 -25.13 -9.03
CA ILE D 188 -39.66 -26.53 -8.66
C ILE D 188 -40.94 -27.08 -9.30
N LYS D 189 -42.01 -26.30 -9.24
CA LYS D 189 -43.26 -26.75 -9.86
C LYS D 189 -43.06 -26.99 -11.34
N LYS D 190 -42.46 -26.04 -12.05
CA LYS D 190 -42.26 -26.18 -13.49
C LYS D 190 -41.58 -27.51 -13.83
N GLN D 191 -40.57 -27.90 -13.05
CA GLN D 191 -39.87 -29.16 -13.26
C GLN D 191 -40.76 -30.36 -12.95
N LEU D 192 -41.49 -30.28 -11.83
CA LEU D 192 -42.50 -31.29 -11.52
C LEU D 192 -43.51 -31.44 -12.66
N ARG D 193 -43.86 -30.34 -13.33
CA ARG D 193 -44.83 -30.39 -14.42
C ARG D 193 -44.39 -31.31 -15.54
N GLU D 194 -43.07 -31.48 -15.74
CA GLU D 194 -42.66 -32.40 -16.79
C GLU D 194 -42.85 -33.87 -16.41
N TRP D 195 -43.04 -34.17 -15.12
CA TRP D 195 -43.33 -35.55 -14.70
C TRP D 195 -44.78 -35.99 -14.54
N ASP D 196 -45.56 -35.22 -13.78
CA ASP D 196 -46.98 -35.50 -13.55
C ASP D 196 -47.64 -34.27 -14.13
N GLU D 197 -47.97 -34.29 -15.42
CA GLU D 197 -48.65 -33.15 -16.01
C GLU D 197 -49.93 -33.26 -15.18
N ASN D 198 -50.22 -32.21 -14.40
CA ASN D 198 -51.31 -32.27 -13.45
C ASN D 198 -51.26 -30.88 -12.80
N LEU D 199 -52.01 -30.63 -11.74
CA LEU D 199 -52.33 -29.27 -11.34
C LEU D 199 -51.45 -28.44 -10.41
N LYS D 200 -51.57 -27.12 -10.50
CA LYS D 200 -50.76 -26.21 -9.65
C LYS D 200 -51.67 -25.63 -8.57
N ASP D 201 -52.84 -26.25 -8.37
CA ASP D 201 -53.81 -25.73 -7.38
C ASP D 201 -53.58 -26.44 -6.04
N ASP D 202 -54.64 -27.02 -5.46
CA ASP D 202 -54.52 -27.73 -4.17
C ASP D 202 -53.38 -28.74 -4.14
N SER D 203 -52.93 -29.18 -5.32
CA SER D 203 -51.81 -30.15 -5.42
C SER D 203 -50.66 -29.89 -4.44
N LEU D 204 -50.07 -28.70 -4.49
CA LEU D 204 -48.87 -28.43 -3.66
C LEU D 204 -49.20 -27.27 -2.71
N PRO D 205 -48.63 -27.24 -1.49
CA PRO D 205 -48.95 -26.20 -0.50
C PRO D 205 -48.29 -24.87 -0.84
N SER D 206 -48.62 -23.87 -0.03
CA SER D 206 -48.24 -22.49 -0.30
C SER D 206 -47.13 -22.05 0.65
N ASN D 207 -47.42 -22.03 1.95
CA ASN D 207 -46.42 -21.67 2.94
C ASN D 207 -45.14 -22.45 2.67
N PRO D 208 -44.03 -21.78 2.31
CA PRO D 208 -42.85 -22.52 1.82
C PRO D 208 -42.27 -23.49 2.82
N ILE D 209 -42.58 -23.33 4.12
CA ILE D 209 -42.14 -24.35 5.08
C ILE D 209 -42.69 -25.72 4.68
N ASP D 210 -43.98 -25.77 4.31
CA ASP D 210 -44.63 -27.03 3.94
C ASP D 210 -44.29 -27.45 2.51
N PHE D 211 -44.20 -26.50 1.59
CA PHE D 211 -43.85 -26.85 0.21
C PHE D 211 -42.52 -27.58 0.18
N SER D 212 -41.54 -27.08 0.91
CA SER D 212 -40.23 -27.71 0.96
C SER D 212 -40.33 -29.16 1.43
N TYR D 213 -41.07 -29.41 2.52
CA TYR D 213 -41.18 -30.78 3.01
C TYR D 213 -42.01 -31.65 2.09
N ARG D 214 -42.90 -31.06 1.30
CA ARG D 214 -43.65 -31.88 0.37
C ARG D 214 -42.81 -32.27 -0.86
N VAL D 215 -41.89 -31.40 -1.28
CA VAL D 215 -41.02 -31.78 -2.38
C VAL D 215 -40.04 -32.86 -1.96
N ALA D 216 -39.66 -32.91 -0.69
CA ALA D 216 -38.69 -33.92 -0.27
C ALA D 216 -39.31 -35.31 -0.24
N ALA D 217 -40.63 -35.40 -0.02
CA ALA D 217 -41.25 -36.72 -0.08
C ALA D 217 -41.82 -37.06 -1.45
N CYS D 218 -41.77 -36.17 -2.43
CA CYS D 218 -42.13 -36.53 -3.80
C CYS D 218 -40.94 -36.77 -4.70
N LEU D 219 -39.76 -36.37 -4.28
CA LEU D 219 -38.57 -36.57 -5.08
C LEU D 219 -38.12 -38.02 -4.97
N PRO D 220 -37.67 -38.62 -6.09
CA PRO D 220 -37.04 -39.95 -6.03
C PRO D 220 -35.63 -39.87 -5.46
N ILE D 221 -35.51 -39.68 -4.14
CA ILE D 221 -34.21 -39.53 -3.48
C ILE D 221 -34.11 -40.58 -2.39
N ASP D 222 -32.88 -40.95 -2.09
CA ASP D 222 -32.56 -41.92 -1.06
C ASP D 222 -32.63 -41.27 0.31
N ASP D 223 -32.47 -42.09 1.36
CA ASP D 223 -32.65 -41.61 2.73
C ASP D 223 -31.57 -40.61 3.16
N VAL D 224 -30.37 -40.66 2.58
CA VAL D 224 -29.35 -39.69 3.01
C VAL D 224 -29.72 -38.30 2.52
N LEU D 225 -30.27 -38.19 1.31
CA LEU D 225 -30.73 -36.88 0.88
C LEU D 225 -31.90 -36.44 1.73
N ARG D 226 -32.80 -37.37 2.06
CA ARG D 226 -33.95 -37.01 2.89
C ARG D 226 -33.52 -36.46 4.24
N ILE D 227 -32.56 -37.10 4.91
CA ILE D 227 -32.15 -36.58 6.21
C ILE D 227 -31.29 -35.34 6.07
N GLN D 228 -30.74 -35.07 4.89
CA GLN D 228 -30.00 -33.83 4.70
C GLN D 228 -30.94 -32.64 4.57
N LEU D 229 -31.99 -32.77 3.76
CA LEU D 229 -32.99 -31.72 3.66
C LEU D 229 -33.63 -31.47 5.01
N LEU D 230 -33.87 -32.54 5.78
CA LEU D 230 -34.47 -32.41 7.11
C LEU D 230 -33.57 -31.61 8.05
N LYS D 231 -32.26 -31.82 7.96
CA LYS D 231 -31.34 -31.10 8.81
C LYS D 231 -31.09 -29.66 8.36
N ILE D 232 -31.43 -29.31 7.10
CA ILE D 232 -31.33 -27.93 6.60
C ILE D 232 -32.26 -27.03 7.39
N GLY D 233 -31.71 -25.94 7.95
CA GLY D 233 -32.46 -25.01 8.79
C GLY D 233 -33.61 -24.30 8.10
N SER D 234 -33.34 -23.46 7.12
CA SER D 234 -34.38 -22.68 6.48
C SER D 234 -35.05 -23.42 5.33
N ALA D 235 -36.32 -23.09 5.09
CA ALA D 235 -37.04 -23.65 3.96
C ALA D 235 -36.48 -23.15 2.63
N ILE D 236 -35.94 -21.93 2.58
CA ILE D 236 -35.38 -21.42 1.32
C ILE D 236 -34.13 -22.20 0.95
N GLN D 237 -33.26 -22.47 1.93
CA GLN D 237 -32.11 -23.33 1.66
C GLN D 237 -32.55 -24.75 1.25
N ARG D 238 -33.69 -25.23 1.77
CA ARG D 238 -34.19 -26.56 1.42
C ARG D 238 -34.75 -26.60 0.00
N LEU D 239 -35.50 -25.56 -0.42
CA LEU D 239 -35.92 -25.43 -1.83
C LEU D 239 -34.73 -25.18 -2.75
N ARG D 240 -33.78 -24.36 -2.30
CA ARG D 240 -32.58 -24.18 -3.09
C ARG D 240 -31.83 -25.49 -3.25
N CYS D 241 -31.97 -26.38 -2.27
CA CYS D 241 -31.25 -27.63 -2.37
C CYS D 241 -32.02 -28.67 -3.17
N GLU D 242 -33.34 -28.80 -2.93
CA GLU D 242 -34.13 -29.71 -3.76
C GLU D 242 -34.04 -29.32 -5.23
N LEU D 243 -34.00 -28.02 -5.48
CA LEU D 243 -33.83 -27.57 -6.84
C LEU D 243 -32.47 -27.98 -7.36
N ASP D 244 -31.48 -28.14 -6.49
CA ASP D 244 -30.19 -28.63 -6.95
C ASP D 244 -30.21 -30.12 -7.18
N ILE D 245 -30.96 -30.84 -6.35
CA ILE D 245 -31.09 -32.28 -6.53
C ILE D 245 -31.61 -32.56 -7.95
N MET D 246 -32.80 -32.05 -8.28
CA MET D 246 -33.38 -32.31 -9.60
C MET D 246 -32.47 -31.84 -10.73
N ASN D 247 -31.79 -30.73 -10.54
CA ASN D 247 -30.97 -30.21 -11.63
C ASN D 247 -29.64 -30.97 -11.77
N LYS D 248 -29.13 -31.60 -10.69
CA LYS D 248 -27.79 -32.19 -10.68
C LYS D 248 -27.77 -33.72 -10.50
N CYS D 249 -28.70 -34.31 -9.77
CA CYS D 249 -28.83 -35.78 -9.62
C CYS D 249 -29.75 -36.31 -10.70
N THR D 250 -29.21 -36.43 -11.90
CA THR D 250 -30.00 -36.72 -13.09
C THR D 250 -29.97 -38.18 -13.49
N SER D 251 -29.26 -39.00 -12.72
CA SER D 251 -29.04 -40.41 -13.00
C SER D 251 -29.36 -41.20 -11.73
N LEU D 252 -30.20 -42.24 -11.87
CA LEU D 252 -30.62 -43.06 -10.74
C LEU D 252 -29.94 -44.43 -10.79
N CYS D 253 -29.30 -44.82 -9.70
CA CYS D 253 -28.41 -45.97 -9.62
C CYS D 253 -28.87 -46.97 -8.57
N CYS D 254 -28.29 -48.17 -8.62
CA CYS D 254 -28.56 -49.19 -7.61
C CYS D 254 -27.98 -48.76 -6.27
N LYS D 255 -28.79 -48.80 -5.21
CA LYS D 255 -28.31 -48.32 -3.92
C LYS D 255 -27.26 -49.24 -3.32
N GLN D 256 -27.34 -50.55 -3.64
CA GLN D 256 -26.54 -51.59 -2.99
C GLN D 256 -25.11 -51.65 -3.51
N CYS D 257 -24.94 -51.47 -4.82
CA CYS D 257 -23.64 -51.57 -5.42
C CYS D 257 -23.11 -50.26 -6.01
N GLN D 258 -23.97 -49.25 -6.24
CA GLN D 258 -23.57 -47.91 -6.72
C GLN D 258 -22.69 -47.94 -7.95
N GLU D 259 -23.08 -48.72 -8.95
CA GLU D 259 -22.22 -48.89 -10.10
C GLU D 259 -23.04 -48.92 -11.37
N THR D 260 -24.24 -49.44 -11.27
CA THR D 260 -25.12 -49.50 -12.43
C THR D 260 -26.11 -48.34 -12.41
N GLU D 261 -26.15 -47.62 -13.53
CA GLU D 261 -27.17 -46.61 -13.78
C GLU D 261 -28.47 -47.29 -14.15
N ILE D 262 -29.50 -47.11 -13.32
CA ILE D 262 -30.78 -47.76 -13.59
C ILE D 262 -31.61 -46.94 -14.58
N THR D 263 -31.87 -45.68 -14.26
CA THR D 263 -32.66 -44.83 -15.14
C THR D 263 -32.14 -43.40 -15.05
N THR D 264 -32.86 -42.46 -15.67
CA THR D 264 -32.43 -41.08 -15.78
C THR D 264 -33.65 -40.17 -15.71
N LYS D 265 -33.41 -38.93 -15.30
CA LYS D 265 -34.51 -38.01 -14.98
C LYS D 265 -35.54 -37.93 -16.10
N ASN D 266 -35.06 -37.69 -17.33
CA ASN D 266 -35.96 -37.37 -18.43
C ASN D 266 -36.92 -38.50 -18.78
N GLU D 267 -36.69 -39.73 -18.31
CA GLU D 267 -37.66 -40.81 -18.47
C GLU D 267 -38.72 -40.85 -17.37
N ILE D 268 -38.61 -40.00 -16.35
CA ILE D 268 -39.60 -40.06 -15.28
C ILE D 268 -40.94 -39.59 -15.81
N PHE D 269 -42.00 -40.34 -15.49
CA PHE D 269 -43.34 -40.07 -16.00
C PHE D 269 -44.39 -40.60 -15.04
N SER D 270 -45.59 -40.07 -15.17
CA SER D 270 -46.68 -40.38 -14.27
C SER D 270 -47.75 -41.14 -15.04
N LEU D 271 -47.83 -42.43 -14.81
CA LEU D 271 -48.89 -43.23 -15.40
C LEU D 271 -50.22 -42.82 -14.79
N SER D 272 -50.31 -42.92 -13.48
CA SER D 272 -51.50 -42.52 -12.76
C SER D 272 -51.54 -41.01 -12.62
N LEU D 273 -52.72 -40.50 -12.29
CA LEU D 273 -52.82 -39.12 -11.82
C LEU D 273 -52.06 -38.93 -10.51
N CYS D 274 -51.83 -40.02 -9.76
CA CYS D 274 -51.41 -39.91 -8.37
C CYS D 274 -50.00 -39.32 -8.23
N GLY D 275 -49.14 -39.55 -9.20
CA GLY D 275 -47.79 -39.01 -9.13
C GLY D 275 -46.90 -39.72 -10.10
N PRO D 276 -45.65 -39.29 -10.19
CA PRO D 276 -44.65 -40.11 -10.87
C PRO D 276 -44.17 -41.18 -9.93
N MET D 277 -43.76 -40.75 -8.74
CA MET D 277 -43.57 -41.62 -7.59
C MET D 277 -44.77 -41.43 -6.68
N ALA D 278 -45.49 -42.51 -6.42
CA ALA D 278 -46.60 -42.53 -5.48
C ALA D 278 -46.46 -43.81 -4.67
N ALA D 279 -47.09 -43.88 -3.51
CA ALA D 279 -46.83 -44.95 -2.56
C ALA D 279 -47.87 -46.06 -2.64
N TYR D 280 -47.54 -47.18 -3.27
CA TYR D 280 -48.48 -48.27 -3.44
C TYR D 280 -48.28 -49.36 -2.39
N VAL D 281 -49.32 -50.17 -2.16
CA VAL D 281 -49.29 -51.23 -1.15
C VAL D 281 -49.44 -52.60 -1.80
N ASN D 282 -48.47 -53.48 -1.53
CA ASN D 282 -48.47 -54.86 -2.01
C ASN D 282 -49.42 -55.69 -1.16
N PRO D 283 -49.79 -56.89 -1.62
CA PRO D 283 -50.82 -57.64 -0.91
C PRO D 283 -50.43 -58.08 0.49
N HIS D 284 -49.22 -57.79 0.94
CA HIS D 284 -48.78 -58.14 2.29
C HIS D 284 -48.57 -56.99 3.24
N GLY D 285 -48.83 -55.74 2.80
CA GLY D 285 -48.66 -54.55 3.62
C GLY D 285 -47.48 -53.67 3.25
N TYR D 286 -46.46 -54.23 2.64
CA TYR D 286 -45.31 -53.44 2.23
C TYR D 286 -45.75 -52.30 1.31
N VAL D 287 -45.33 -51.07 1.63
CA VAL D 287 -45.63 -49.92 0.79
C VAL D 287 -44.40 -49.56 -0.03
N HIS D 288 -44.58 -49.43 -1.35
CA HIS D 288 -43.49 -49.17 -2.29
C HIS D 288 -43.71 -47.84 -3.00
N GLU D 289 -43.02 -46.78 -2.57
CA GLU D 289 -42.96 -45.61 -3.41
C GLU D 289 -42.31 -46.15 -4.68
N THR D 290 -43.04 -46.20 -5.79
CA THR D 290 -42.52 -46.74 -7.05
C THR D 290 -42.57 -45.61 -8.06
N LEU D 291 -41.41 -45.00 -8.28
CA LEU D 291 -41.23 -44.09 -9.40
C LEU D 291 -41.47 -44.85 -10.71
N THR D 292 -42.36 -44.32 -11.54
CA THR D 292 -42.61 -44.89 -12.85
C THR D 292 -41.69 -44.21 -13.88
N VAL D 293 -40.83 -45.00 -14.54
CA VAL D 293 -39.96 -44.50 -15.60
C VAL D 293 -40.32 -45.20 -16.91
N TYR D 294 -39.96 -44.55 -18.02
CA TYR D 294 -40.31 -45.05 -19.36
C TYR D 294 -39.41 -46.18 -19.82
N LYS D 295 -38.10 -46.01 -19.60
CA LYS D 295 -37.10 -46.99 -20.01
C LYS D 295 -36.10 -47.10 -18.87
N ALA D 296 -35.96 -48.30 -18.29
CA ALA D 296 -34.93 -48.58 -17.30
C ALA D 296 -33.86 -49.51 -17.91
N CYS D 297 -32.66 -49.48 -17.32
CA CYS D 297 -31.51 -50.20 -17.87
C CYS D 297 -30.75 -50.92 -16.76
N ASN D 298 -29.98 -51.94 -17.15
CA ASN D 298 -29.17 -52.73 -16.21
C ASN D 298 -30.03 -53.52 -15.24
N LEU D 299 -31.21 -53.92 -15.65
CA LEU D 299 -32.07 -54.70 -14.77
C LEU D 299 -32.22 -56.10 -15.34
N ASN D 300 -32.21 -57.09 -14.48
CA ASN D 300 -32.50 -58.45 -14.87
C ASN D 300 -33.88 -58.83 -14.34
N LEU D 301 -34.69 -59.39 -15.22
CA LEU D 301 -36.04 -59.83 -14.88
C LEU D 301 -36.00 -61.20 -14.21
N ILE D 302 -36.77 -61.35 -13.13
CA ILE D 302 -36.86 -62.58 -12.35
C ILE D 302 -38.27 -63.12 -12.51
N GLY D 303 -38.42 -64.24 -13.21
CA GLY D 303 -39.70 -64.94 -13.33
C GLY D 303 -40.45 -64.68 -14.61
N ARG D 304 -41.78 -64.76 -14.54
CA ARG D 304 -42.62 -64.51 -15.71
C ARG D 304 -43.67 -63.48 -15.36
N PRO D 305 -44.13 -62.69 -16.37
CA PRO D 305 -45.11 -61.63 -16.09
C PRO D 305 -46.33 -62.14 -15.35
N SER D 306 -46.88 -61.30 -14.46
CA SER D 306 -48.05 -61.66 -13.63
C SER D 306 -48.93 -60.43 -13.47
N THR D 307 -50.21 -60.66 -13.14
CA THR D 307 -51.15 -59.56 -12.92
C THR D 307 -51.88 -59.67 -11.59
N GLU D 308 -51.48 -60.57 -10.69
CA GLU D 308 -52.04 -60.57 -9.34
C GLU D 308 -51.75 -59.24 -8.65
N HIS D 309 -52.79 -58.55 -8.21
CA HIS D 309 -52.63 -57.36 -7.37
C HIS D 309 -51.74 -56.32 -8.05
N SER D 310 -51.86 -56.20 -9.37
CA SER D 310 -51.09 -55.20 -10.08
C SER D 310 -51.56 -53.79 -9.70
N TRP D 311 -50.59 -52.90 -9.44
CA TRP D 311 -50.94 -51.53 -9.07
C TRP D 311 -51.34 -50.71 -10.27
N PHE D 312 -51.01 -51.16 -11.47
CA PHE D 312 -51.40 -50.48 -12.68
C PHE D 312 -52.25 -51.46 -13.48
N PRO D 313 -53.57 -51.40 -13.34
CA PRO D 313 -54.43 -52.37 -14.01
C PRO D 313 -54.20 -52.40 -15.52
N GLY D 314 -54.35 -53.61 -16.09
CA GLY D 314 -54.05 -53.84 -17.48
C GLY D 314 -52.57 -54.03 -17.78
N TYR D 315 -51.70 -53.82 -16.79
CA TYR D 315 -50.27 -54.04 -16.90
C TYR D 315 -49.90 -55.27 -16.10
N ALA D 316 -48.79 -55.90 -16.51
CA ALA D 316 -48.31 -57.11 -15.89
C ALA D 316 -46.90 -56.87 -15.39
N TRP D 317 -46.63 -57.25 -14.14
CA TRP D 317 -45.38 -56.95 -13.46
C TRP D 317 -44.45 -58.15 -13.44
N THR D 318 -43.24 -57.99 -13.95
CA THR D 318 -42.16 -58.95 -13.75
C THR D 318 -41.16 -58.31 -12.79
N VAL D 319 -40.75 -59.04 -11.74
CA VAL D 319 -39.81 -58.48 -10.77
C VAL D 319 -38.49 -58.22 -11.46
N ALA D 320 -37.86 -57.10 -11.12
CA ALA D 320 -36.55 -56.73 -11.65
C ALA D 320 -35.56 -56.54 -10.52
N GLN D 321 -34.28 -56.69 -10.85
CA GLN D 321 -33.19 -56.63 -9.91
C GLN D 321 -31.93 -56.21 -10.64
N CYS D 322 -30.93 -55.84 -9.87
CA CYS D 322 -29.71 -55.29 -10.42
C CYS D 322 -28.96 -56.35 -11.22
N LYS D 323 -28.51 -55.96 -12.43
CA LYS D 323 -27.73 -56.83 -13.31
C LYS D 323 -26.42 -57.23 -12.66
N ILE D 324 -26.14 -56.73 -11.45
CA ILE D 324 -24.84 -56.90 -10.83
C ILE D 324 -24.92 -57.49 -9.42
N CYS D 325 -25.44 -56.73 -8.47
CA CYS D 325 -25.56 -57.18 -7.09
C CYS D 325 -26.85 -57.97 -6.86
N ALA D 326 -27.71 -58.02 -7.88
CA ALA D 326 -28.99 -58.75 -7.85
C ALA D 326 -29.87 -58.32 -6.68
N SER D 327 -29.88 -57.00 -6.44
CA SER D 327 -30.75 -56.41 -5.46
C SER D 327 -32.04 -56.00 -6.14
N HIS D 328 -33.14 -56.19 -5.43
CA HIS D 328 -34.41 -55.86 -6.00
C HIS D 328 -34.48 -54.38 -6.26
N ILE D 329 -34.74 -54.00 -7.51
CA ILE D 329 -34.93 -52.60 -7.87
C ILE D 329 -36.42 -52.27 -8.04
N GLY D 330 -37.16 -53.12 -8.71
CA GLY D 330 -38.57 -52.89 -8.91
C GLY D 330 -39.25 -53.95 -9.75
N TRP D 331 -39.97 -53.51 -10.79
CA TRP D 331 -40.80 -54.36 -11.65
C TRP D 331 -40.83 -53.79 -13.06
N LYS D 332 -40.86 -54.66 -14.07
CA LYS D 332 -41.11 -54.23 -15.44
C LYS D 332 -42.55 -54.54 -15.79
N PHE D 333 -43.28 -53.51 -16.21
CA PHE D 333 -44.72 -53.58 -16.40
C PHE D 333 -45.06 -53.66 -17.89
N THR D 334 -45.71 -54.75 -18.28
CA THR D 334 -46.06 -55.08 -19.65
C THR D 334 -47.57 -55.03 -19.81
N ALA D 335 -48.03 -54.47 -20.92
CA ALA D 335 -49.45 -54.25 -21.14
C ALA D 335 -50.14 -55.55 -21.55
N THR D 336 -51.27 -55.87 -20.88
CA THR D 336 -52.09 -57.02 -21.32
C THR D 336 -52.62 -56.77 -22.73
N LYS D 337 -53.53 -55.80 -22.89
CA LYS D 337 -54.07 -55.50 -24.20
C LYS D 337 -52.98 -54.83 -25.05
N LYS D 338 -53.33 -54.49 -26.29
CA LYS D 338 -52.40 -53.86 -27.21
C LYS D 338 -52.65 -52.38 -27.40
N ASP D 339 -53.88 -51.91 -27.15
CA ASP D 339 -54.18 -50.48 -27.23
C ASP D 339 -53.41 -49.68 -26.20
N MET D 340 -53.08 -50.29 -25.04
CA MET D 340 -52.41 -49.60 -23.94
C MET D 340 -51.24 -48.76 -24.42
N SER D 341 -51.10 -47.56 -23.84
CA SER D 341 -50.02 -46.65 -24.19
C SER D 341 -49.68 -45.91 -22.90
N PRO D 342 -48.42 -46.01 -22.40
CA PRO D 342 -47.28 -46.70 -22.99
C PRO D 342 -47.39 -48.22 -22.92
N GLN D 343 -46.81 -48.93 -23.89
CA GLN D 343 -46.93 -50.38 -23.93
C GLN D 343 -46.16 -51.06 -22.79
N LYS D 344 -45.04 -50.46 -22.38
CA LYS D 344 -44.15 -51.00 -21.37
C LYS D 344 -43.62 -49.88 -20.49
N PHE D 345 -43.42 -50.16 -19.20
CA PHE D 345 -42.72 -49.22 -18.35
C PHE D 345 -42.10 -49.98 -17.20
N TRP D 346 -41.29 -49.28 -16.40
CA TRP D 346 -40.71 -49.84 -15.18
C TRP D 346 -41.21 -49.10 -13.95
N GLY D 347 -41.40 -49.82 -12.86
CA GLY D 347 -41.77 -49.23 -11.60
C GLY D 347 -40.72 -49.53 -10.55
N LEU D 348 -39.82 -48.57 -10.29
CA LEU D 348 -38.63 -48.76 -9.46
C LEU D 348 -38.89 -48.20 -8.06
N THR D 349 -38.77 -49.04 -7.03
CA THR D 349 -39.11 -48.57 -5.70
C THR D 349 -38.02 -47.66 -5.15
N ARG D 350 -38.43 -46.79 -4.22
CA ARG D 350 -37.57 -45.69 -3.82
C ARG D 350 -36.38 -46.16 -3.01
N SER D 351 -36.62 -47.12 -2.11
CA SER D 351 -35.59 -47.62 -1.20
C SER D 351 -34.44 -48.26 -1.94
N ALA D 352 -34.69 -48.73 -3.16
CA ALA D 352 -33.70 -49.43 -3.96
C ALA D 352 -32.84 -48.50 -4.79
N LEU D 353 -33.11 -47.20 -4.78
CA LEU D 353 -32.47 -46.27 -5.71
C LEU D 353 -31.55 -45.30 -4.98
N LEU D 354 -30.69 -44.68 -5.76
CA LEU D 354 -29.69 -43.78 -5.24
C LEU D 354 -29.34 -42.73 -6.29
N PRO D 355 -29.69 -41.46 -6.07
CA PRO D 355 -29.43 -40.42 -7.07
C PRO D 355 -27.95 -40.06 -7.13
N THR D 356 -27.49 -39.73 -8.34
CA THR D 356 -26.07 -39.48 -8.59
C THR D 356 -25.88 -38.38 -9.62
N ILE D 357 -24.70 -37.79 -9.61
CA ILE D 357 -24.34 -36.66 -10.47
C ILE D 357 -23.36 -37.16 -11.53
N PRO D 358 -23.76 -37.30 -12.80
CA PRO D 358 -22.92 -37.65 -13.96
C PRO D 358 -21.52 -37.01 -14.04
N VAL D 369 -18.50 -31.28 -8.68
CA VAL D 369 -19.83 -30.76 -8.37
C VAL D 369 -20.29 -31.22 -6.99
N ILE D 370 -20.97 -30.32 -6.27
CA ILE D 370 -21.52 -30.62 -4.95
C ILE D 370 -22.94 -30.07 -4.92
N LEU D 371 -23.80 -30.73 -4.13
CA LEU D 371 -25.19 -30.23 -3.98
C LEU D 371 -25.16 -28.97 -3.12
N CYS D 372 -25.56 -27.83 -3.67
CA CYS D 372 -25.43 -26.55 -2.92
C CYS D 372 -26.76 -26.17 -2.26
N LEU D 373 -26.77 -25.06 -1.51
CA LEU D 373 -28.00 -24.62 -0.80
C LEU D 373 -28.03 -23.08 -0.70
N SER E 2 -13.71 -11.54 20.04
CA SER E 2 -13.08 -10.28 20.46
C SER E 2 -14.12 -9.27 20.94
N TYR E 3 -13.66 -8.02 21.04
CA TYR E 3 -14.48 -6.91 21.49
C TYR E 3 -14.22 -5.73 20.56
N ASN E 4 -15.30 -5.06 20.16
CA ASN E 4 -15.17 -4.02 19.17
C ASN E 4 -15.99 -2.82 19.59
N TYR E 5 -15.83 -1.76 18.82
CA TYR E 5 -16.27 -0.43 19.24
C TYR E 5 -16.77 0.23 17.96
N VAL E 6 -18.10 0.37 17.81
CA VAL E 6 -18.65 1.05 16.64
C VAL E 6 -18.82 2.52 16.99
N VAL E 7 -18.43 3.40 16.06
CA VAL E 7 -18.69 4.82 16.19
C VAL E 7 -19.14 5.35 14.83
N THR E 8 -19.82 6.50 14.86
CA THR E 8 -20.39 7.14 13.69
C THR E 8 -19.46 8.25 13.22
N ALA E 9 -18.92 8.11 12.01
CA ALA E 9 -18.14 9.17 11.38
C ALA E 9 -18.99 10.08 10.51
N GLN E 10 -20.22 9.68 10.24
CA GLN E 10 -21.13 10.46 9.40
C GLN E 10 -22.53 10.00 9.75
N LYS E 11 -23.42 10.94 10.02
CA LYS E 11 -24.79 10.60 10.31
C LYS E 11 -25.49 10.19 9.01
N PRO E 12 -26.65 9.56 9.09
CA PRO E 12 -27.48 9.34 7.89
C PRO E 12 -27.69 10.63 7.10
N THR E 13 -27.50 10.57 5.80
CA THR E 13 -27.70 11.75 4.98
C THR E 13 -28.99 11.72 4.18
N ALA E 14 -29.60 10.55 4.01
CA ALA E 14 -30.78 10.41 3.18
C ALA E 14 -32.01 10.76 4.00
N VAL E 15 -32.97 11.41 3.34
CA VAL E 15 -34.19 11.90 3.97
C VAL E 15 -35.31 10.92 3.69
N ASN E 16 -35.95 10.42 4.76
CA ASN E 16 -37.04 9.47 4.62
C ASN E 16 -38.38 10.05 5.04
N GLY E 17 -38.40 11.16 5.74
CA GLY E 17 -39.64 11.76 6.18
C GLY E 17 -39.46 13.24 6.39
N CYS E 18 -40.51 14.00 6.08
CA CYS E 18 -40.45 15.45 6.22
C CYS E 18 -41.87 15.98 6.26
N VAL E 19 -42.17 16.80 7.27
CA VAL E 19 -43.49 17.39 7.48
C VAL E 19 -43.33 18.86 7.84
N THR E 20 -44.38 19.63 7.59
CA THR E 20 -44.51 21.01 7.99
C THR E 20 -45.39 21.13 9.24
N GLY E 21 -45.31 22.27 9.90
CA GLY E 21 -46.17 22.49 11.05
C GLY E 21 -45.67 23.64 11.90
N HIS E 22 -46.09 23.61 13.17
CA HIS E 22 -45.80 24.68 14.12
C HIS E 22 -45.44 24.02 15.46
N PHE E 23 -44.24 23.46 15.50
CA PHE E 23 -43.82 22.61 16.60
C PHE E 23 -43.14 23.40 17.72
N THR E 24 -42.38 24.43 17.32
CA THR E 24 -41.62 25.25 18.28
C THR E 24 -42.49 26.37 18.86
N SER E 25 -43.21 27.09 18.02
CA SER E 25 -44.15 28.12 18.47
C SER E 25 -45.29 28.20 17.46
N ALA E 26 -46.51 28.44 17.94
CA ALA E 26 -47.68 28.40 17.05
C ALA E 26 -47.57 29.39 15.88
N GLU E 27 -46.63 30.35 15.94
CA GLU E 27 -46.43 31.36 14.90
C GLU E 27 -45.15 31.15 14.10
N ASP E 28 -44.53 29.97 14.19
CA ASP E 28 -43.37 29.58 13.40
C ASP E 28 -43.81 28.58 12.34
N LEU E 29 -43.21 28.68 11.15
CA LEU E 29 -43.33 27.65 10.12
C LEU E 29 -42.14 26.71 10.25
N ASN E 30 -42.38 25.53 10.83
CA ASN E 30 -41.33 24.57 11.05
C ASN E 30 -41.26 23.58 9.89
N LEU E 31 -40.05 23.22 9.51
CA LEU E 31 -39.82 22.07 8.66
C LEU E 31 -39.11 21.03 9.51
N LEU E 32 -39.71 19.84 9.61
CA LEU E 32 -39.17 18.76 10.42
C LEU E 32 -38.67 17.67 9.48
N ILE E 33 -37.37 17.41 9.46
CA ILE E 33 -36.81 16.38 8.61
C ILE E 33 -36.36 15.20 9.46
N ALA E 34 -36.72 14.00 9.01
CA ALA E 34 -36.28 12.72 9.57
C ALA E 34 -35.28 12.09 8.61
N LYS E 35 -34.13 11.71 9.18
CA LYS E 35 -33.09 11.00 8.41
C LYS E 35 -32.74 9.75 9.22
N ASN E 36 -33.62 8.73 9.18
CA ASN E 36 -33.40 7.45 9.90
C ASN E 36 -33.41 7.64 11.42
N THR E 37 -32.25 7.90 12.02
CA THR E 37 -32.18 7.99 13.49
C THR E 37 -32.17 9.43 13.93
N ARG E 38 -32.07 10.36 12.97
CA ARG E 38 -31.95 11.79 13.35
C ARG E 38 -33.21 12.55 12.98
N LEU E 39 -33.52 13.62 13.72
CA LEU E 39 -34.68 14.45 13.45
C LEU E 39 -34.18 15.88 13.40
N GLU E 40 -34.34 16.51 12.24
CA GLU E 40 -33.92 17.89 12.05
C GLU E 40 -35.13 18.80 12.17
N ILE E 41 -34.96 19.90 12.92
CA ILE E 41 -36.02 20.89 13.14
C ILE E 41 -35.56 22.22 12.56
N TYR E 42 -36.35 22.77 11.66
CA TYR E 42 -36.03 24.02 10.99
C TYR E 42 -37.18 25.00 11.17
N VAL E 43 -36.86 26.28 11.12
CA VAL E 43 -37.84 27.34 10.98
C VAL E 43 -37.77 27.87 9.55
N VAL E 44 -38.91 27.89 8.88
CA VAL E 44 -38.95 28.34 7.49
C VAL E 44 -38.88 29.86 7.47
N THR E 45 -37.67 30.39 7.28
CA THR E 45 -37.57 31.84 7.14
C THR E 45 -37.98 32.25 5.73
N ALA E 46 -38.30 33.54 5.58
CA ALA E 46 -38.66 34.06 4.27
C ALA E 46 -37.51 33.86 3.28
N GLU E 47 -36.27 34.11 3.71
CA GLU E 47 -35.10 33.90 2.87
C GLU E 47 -34.85 32.42 2.59
N GLY E 48 -34.80 31.60 3.64
CA GLY E 48 -34.58 30.18 3.49
C GLY E 48 -34.95 29.40 4.74
N LEU E 49 -33.98 28.79 5.40
CA LEU E 49 -34.24 27.92 6.54
C LEU E 49 -33.26 28.18 7.66
N ARG E 50 -33.77 28.30 8.89
CA ARG E 50 -32.93 28.54 10.06
C ARG E 50 -32.91 27.30 10.93
N PRO E 51 -31.72 26.75 11.20
CA PRO E 51 -31.62 25.61 12.13
C PRO E 51 -32.20 25.94 13.49
N VAL E 52 -32.74 24.91 14.14
CA VAL E 52 -33.44 25.09 15.40
C VAL E 52 -32.96 24.06 16.41
N LYS E 53 -32.91 22.79 16.00
CA LYS E 53 -32.43 21.67 16.80
C LYS E 53 -32.31 20.45 15.89
N GLU E 54 -31.40 19.55 16.23
CA GLU E 54 -31.38 18.21 15.66
C GLU E 54 -31.19 17.21 16.78
N VAL E 55 -32.18 16.37 17.01
CA VAL E 55 -32.14 15.41 18.07
C VAL E 55 -31.76 14.05 17.47
N GLY E 56 -31.52 13.07 18.34
CA GLY E 56 -31.19 11.75 17.90
C GLY E 56 -31.95 10.72 18.70
N MET E 57 -32.68 9.86 18.01
CA MET E 57 -33.57 8.88 18.62
C MET E 57 -32.90 7.51 18.69
N TYR E 58 -33.27 6.73 19.72
CA TYR E 58 -32.84 5.34 19.84
C TYR E 58 -33.77 4.41 19.08
N GLY E 59 -34.08 4.79 17.85
CA GLY E 59 -34.92 3.97 17.01
C GLY E 59 -34.86 4.51 15.61
N LYS E 60 -35.37 3.72 14.67
CA LYS E 60 -35.52 4.23 13.30
C LYS E 60 -36.89 4.90 13.21
N ILE E 61 -36.89 6.20 12.97
CA ILE E 61 -38.12 6.97 12.81
C ILE E 61 -38.82 6.24 11.68
N ALA E 62 -39.94 5.59 11.99
CA ALA E 62 -40.72 4.84 11.02
C ALA E 62 -41.98 5.61 10.69
N VAL E 63 -42.51 6.33 11.68
CA VAL E 63 -43.62 7.24 11.51
C VAL E 63 -43.25 8.57 12.16
N MET E 64 -43.69 9.67 11.54
CA MET E 64 -43.42 11.01 12.06
C MET E 64 -44.52 11.92 11.56
N GLU E 65 -45.38 12.36 12.48
CA GLU E 65 -46.53 13.18 12.15
C GLU E 65 -46.73 14.24 13.21
N LEU E 66 -47.03 15.45 12.75
CA LEU E 66 -47.41 16.56 13.62
C LEU E 66 -48.93 16.60 13.81
N PHE E 67 -49.35 17.13 14.96
CA PHE E 67 -50.77 17.30 15.30
C PHE E 67 -50.87 18.22 16.49
N ARG E 68 -52.01 18.91 16.61
CA ARG E 68 -52.32 19.78 17.74
C ARG E 68 -53.66 19.39 18.35
N PRO E 69 -53.67 18.71 19.52
CA PRO E 69 -54.92 18.23 20.10
C PRO E 69 -55.84 19.39 20.48
N LYS E 70 -57.09 19.03 20.80
CA LYS E 70 -58.09 20.00 21.22
C LYS E 70 -57.60 20.81 22.42
N GLY E 71 -57.53 22.13 22.24
CA GLY E 71 -56.96 23.00 23.26
C GLY E 71 -55.50 22.79 23.57
N GLU E 72 -54.63 23.06 22.59
CA GLU E 72 -53.19 22.94 22.75
C GLU E 72 -52.46 24.15 22.18
N SER E 73 -51.49 24.68 22.94
CA SER E 73 -50.86 25.94 22.57
C SER E 73 -50.17 25.85 21.21
N LYS E 74 -49.44 24.75 20.95
CA LYS E 74 -48.71 24.55 19.69
C LYS E 74 -48.77 23.09 19.27
N ASP E 75 -48.17 22.77 18.11
CA ASP E 75 -48.23 21.44 17.53
C ASP E 75 -47.43 20.45 18.37
N LEU E 76 -47.87 19.18 18.33
CA LEU E 76 -47.18 18.06 18.97
C LEU E 76 -46.70 17.06 17.92
N LEU E 77 -45.66 16.31 18.28
CA LEU E 77 -45.00 15.42 17.34
C LEU E 77 -45.27 13.97 17.71
N PHE E 78 -45.81 13.19 16.77
CA PHE E 78 -45.92 11.74 16.95
C PHE E 78 -44.86 11.02 16.13
N ILE E 79 -44.17 10.08 16.77
CA ILE E 79 -43.06 9.36 16.17
C ILE E 79 -43.18 7.90 16.60
N LEU E 80 -43.23 7.00 15.64
CA LEU E 80 -43.30 5.56 15.88
C LEU E 80 -42.04 4.96 15.29
N THR E 81 -41.19 4.39 16.13
CA THR E 81 -39.91 3.89 15.66
C THR E 81 -40.08 2.52 15.04
N ALA E 82 -39.06 2.10 14.26
CA ALA E 82 -39.09 0.78 13.63
C ALA E 82 -39.27 -0.35 14.64
N LYS E 83 -38.67 -0.23 15.84
CA LYS E 83 -38.85 -1.20 16.94
C LYS E 83 -40.22 -1.18 17.54
N TYR E 84 -41.14 -0.39 16.98
CA TYR E 84 -42.50 -0.22 17.46
C TYR E 84 -42.55 0.68 18.69
N ASN E 85 -41.54 1.51 18.91
CA ASN E 85 -41.60 2.48 19.99
C ASN E 85 -42.41 3.67 19.52
N ALA E 86 -43.42 4.05 20.30
CA ALA E 86 -44.21 5.23 20.00
C ALA E 86 -43.95 6.28 21.06
N CYS E 87 -44.10 7.53 20.65
CA CYS E 87 -43.87 8.65 21.55
C CYS E 87 -44.61 9.86 21.01
N ILE E 88 -44.94 10.78 21.93
CA ILE E 88 -45.48 12.08 21.57
C ILE E 88 -44.61 13.15 22.22
N LEU E 89 -44.11 14.08 21.40
CA LEU E 89 -43.05 15.00 21.76
C LEU E 89 -43.53 16.44 21.69
N GLU E 90 -43.06 17.26 22.63
CA GLU E 90 -43.32 18.69 22.63
C GLU E 90 -42.02 19.48 22.67
N TYR E 91 -42.02 20.64 22.01
CA TYR E 91 -40.87 21.54 22.00
C TYR E 91 -40.93 22.45 23.24
N LYS E 92 -39.85 22.44 24.03
CA LYS E 92 -39.74 23.26 25.24
C LYS E 92 -38.44 24.05 25.19
N GLN E 93 -38.56 25.39 25.15
CA GLN E 93 -37.40 26.27 25.02
C GLN E 93 -37.35 27.19 26.24
N SER E 94 -36.31 27.04 27.04
CA SER E 94 -36.14 27.83 28.26
C SER E 94 -35.00 28.83 28.10
N GLY E 95 -35.13 29.66 27.06
CA GLY E 95 -34.14 30.68 26.75
C GLY E 95 -32.97 30.17 25.93
N GLU E 96 -32.12 29.33 26.52
CA GLU E 96 -31.03 28.71 25.78
C GLU E 96 -31.03 27.19 25.86
N SER E 97 -31.89 26.61 26.69
CA SER E 97 -31.97 25.16 26.89
C SER E 97 -33.12 24.62 26.04
N ILE E 98 -32.81 24.25 24.81
CA ILE E 98 -33.79 23.57 23.97
C ILE E 98 -33.83 22.11 24.37
N ASP E 99 -35.03 21.60 24.59
CA ASP E 99 -35.18 20.19 24.92
C ASP E 99 -36.50 19.70 24.36
N ILE E 100 -36.53 18.42 23.98
CA ILE E 100 -37.72 17.79 23.45
C ILE E 100 -38.28 16.85 24.51
N ILE E 101 -39.39 17.23 25.11
CA ILE E 101 -39.95 16.47 26.20
C ILE E 101 -40.85 15.36 25.65
N THR E 102 -41.04 14.32 26.46
CA THR E 102 -41.79 13.14 26.06
C THR E 102 -43.10 13.15 26.82
N ARG E 103 -44.12 13.78 26.23
CA ARG E 103 -45.42 13.85 26.87
C ARG E 103 -46.06 12.46 27.01
N ALA E 104 -45.77 11.54 26.09
CA ALA E 104 -46.28 10.17 26.20
C ALA E 104 -45.35 9.24 25.43
N HIS E 105 -45.27 7.98 25.87
CA HIS E 105 -44.37 7.01 25.25
C HIS E 105 -44.81 5.61 25.58
N GLY E 106 -44.64 4.71 24.62
CA GLY E 106 -44.94 3.31 24.85
C GLY E 106 -44.51 2.49 23.64
N ASN E 107 -44.66 1.19 23.79
CA ASN E 107 -44.33 0.26 22.73
C ASN E 107 -45.59 -0.44 22.25
N VAL E 108 -45.90 -0.29 20.98
CA VAL E 108 -47.12 -0.81 20.41
C VAL E 108 -46.90 -2.19 19.77
N GLN E 109 -45.84 -2.88 20.13
CA GLN E 109 -45.60 -4.21 19.57
C GLN E 109 -46.64 -5.19 20.07
N ASP E 110 -47.28 -5.93 19.15
CA ASP E 110 -48.18 -7.02 19.53
C ASP E 110 -47.39 -8.32 19.50
N ARG E 111 -47.76 -9.24 20.41
CA ARG E 111 -47.03 -10.51 20.52
C ARG E 111 -47.11 -11.29 19.23
N ILE E 112 -48.31 -11.65 18.84
CA ILE E 112 -48.55 -12.30 17.56
C ILE E 112 -49.01 -11.25 16.56
N GLY E 113 -48.69 -11.48 15.29
CA GLY E 113 -49.16 -10.60 14.24
C GLY E 113 -48.24 -10.59 13.04
N ARG E 114 -48.83 -10.53 11.83
CA ARG E 114 -48.06 -10.56 10.58
C ARG E 114 -47.74 -9.14 10.15
N PRO E 115 -46.46 -8.71 10.20
CA PRO E 115 -46.10 -7.37 9.69
C PRO E 115 -46.54 -7.16 8.26
N SER E 116 -47.40 -6.17 8.03
CA SER E 116 -48.09 -6.08 6.75
C SER E 116 -47.11 -5.82 5.60
N GLU E 117 -47.50 -6.29 4.42
CA GLU E 117 -46.64 -6.22 3.25
C GLU E 117 -46.34 -4.78 2.85
N THR E 118 -47.36 -3.94 2.74
CA THR E 118 -47.19 -2.54 2.35
C THR E 118 -46.57 -1.67 3.46
N GLY E 119 -46.25 -2.19 4.64
CA GLY E 119 -45.48 -1.43 5.62
C GLY E 119 -46.34 -0.73 6.66
N ILE E 120 -45.66 -0.01 7.56
CA ILE E 120 -46.32 0.67 8.68
C ILE E 120 -47.01 1.93 8.20
N ILE E 121 -48.32 2.03 8.41
CA ILE E 121 -49.07 3.24 8.11
C ILE E 121 -49.51 3.85 9.43
N GLY E 122 -48.97 5.03 9.74
CA GLY E 122 -49.47 5.83 10.85
C GLY E 122 -50.31 6.97 10.31
N ILE E 123 -51.48 7.15 10.92
CA ILE E 123 -52.42 8.20 10.56
C ILE E 123 -53.06 8.73 11.84
N ILE E 124 -53.44 10.02 11.83
CA ILE E 124 -54.11 10.65 13.00
C ILE E 124 -55.41 11.32 12.50
N ASP E 125 -56.50 11.19 13.25
CA ASP E 125 -57.81 11.72 12.77
C ASP E 125 -57.75 13.24 12.64
N PRO E 126 -58.30 13.84 11.56
CA PRO E 126 -58.32 15.28 11.42
C PRO E 126 -58.59 16.04 12.71
N GLU E 127 -59.65 15.67 13.41
CA GLU E 127 -59.99 16.34 14.70
C GLU E 127 -59.23 15.65 15.83
N CYS E 128 -57.95 15.37 15.62
CA CYS E 128 -57.14 14.62 16.63
C CYS E 128 -58.03 13.42 17.00
N ARG E 129 -58.49 13.33 18.25
CA ARG E 129 -59.42 12.23 18.66
C ARG E 129 -58.59 10.92 18.77
N MET E 130 -57.95 10.46 17.68
CA MET E 130 -57.25 9.15 17.77
C MET E 130 -56.06 9.01 16.80
N ILE E 131 -55.10 8.15 17.13
CA ILE E 131 -53.97 7.83 16.26
C ILE E 131 -54.24 6.45 15.66
N GLY E 132 -54.22 6.35 14.33
CA GLY E 132 -54.47 5.09 13.66
C GLY E 132 -53.18 4.50 13.12
N LEU E 133 -52.89 3.25 13.54
CA LEU E 133 -51.68 2.53 13.15
C LEU E 133 -52.05 1.23 12.45
N ARG E 134 -51.46 0.97 11.28
CA ARG E 134 -51.61 -0.34 10.63
C ARG E 134 -50.31 -1.09 10.80
N LEU E 135 -50.26 -1.96 11.80
CA LEU E 135 -49.04 -2.72 12.03
C LEU E 135 -49.08 -4.08 11.37
N TYR E 136 -50.25 -4.74 11.37
CA TYR E 136 -50.34 -6.13 10.96
C TYR E 136 -51.53 -6.34 10.04
N ASP E 137 -51.50 -7.45 9.31
CA ASP E 137 -52.57 -7.79 8.38
C ASP E 137 -53.80 -8.22 9.16
N GLY E 138 -54.94 -7.64 8.82
CA GLY E 138 -56.17 -7.92 9.52
C GLY E 138 -56.42 -7.08 10.76
N LEU E 139 -55.48 -6.23 11.17
CA LEU E 139 -55.56 -5.51 12.43
C LEU E 139 -55.40 -4.02 12.21
N PHE E 140 -55.99 -3.23 13.12
CA PHE E 140 -55.93 -1.77 13.06
C PHE E 140 -55.82 -1.23 14.49
N LYS E 141 -54.60 -0.91 14.92
CA LYS E 141 -54.39 -0.35 16.26
C LYS E 141 -54.96 1.07 16.31
N VAL E 142 -55.48 1.43 17.49
CA VAL E 142 -56.07 2.74 17.73
C VAL E 142 -55.51 3.24 19.06
N ILE E 143 -54.76 4.33 19.02
CA ILE E 143 -54.33 4.96 20.27
C ILE E 143 -55.32 6.06 20.56
N PRO E 144 -56.21 5.89 21.52
CA PRO E 144 -57.15 6.97 21.82
C PRO E 144 -56.41 8.21 22.32
N LEU E 145 -56.65 9.33 21.66
CA LEU E 145 -55.99 10.60 21.99
C LEU E 145 -56.74 11.28 23.12
N ASP E 146 -56.56 10.76 24.33
CA ASP E 146 -57.08 11.38 25.54
C ASP E 146 -55.91 11.79 26.43
N ARG E 147 -56.05 12.95 27.10
CA ARG E 147 -54.96 13.52 27.88
C ARG E 147 -54.41 12.53 28.91
N ASP E 148 -55.23 11.57 29.34
CA ASP E 148 -54.74 10.59 30.30
C ASP E 148 -53.71 9.65 29.67
N ASN E 149 -53.93 9.22 28.42
CA ASN E 149 -53.05 8.26 27.76
C ASN E 149 -51.67 8.89 27.84
N LYS E 150 -50.79 8.29 28.63
CA LYS E 150 -49.40 8.71 28.71
C LYS E 150 -48.57 7.49 28.32
N GLU E 151 -48.99 6.30 28.71
CA GLU E 151 -48.34 5.10 28.23
C GLU E 151 -48.85 4.67 26.87
N LEU E 152 -49.66 5.50 26.21
CA LEU E 152 -50.19 5.22 24.88
C LEU E 152 -50.84 3.84 24.82
N LYS E 153 -51.79 3.62 25.74
CA LYS E 153 -52.62 2.43 25.68
C LYS E 153 -53.37 2.37 24.35
N ALA E 154 -53.51 1.16 23.78
CA ALA E 154 -54.13 0.98 22.47
C ALA E 154 -54.99 -0.27 22.42
N PHE E 155 -55.92 -0.28 21.45
CA PHE E 155 -56.81 -1.42 21.23
C PHE E 155 -56.92 -1.71 19.73
N ASN E 156 -56.86 -2.99 19.38
CA ASN E 156 -56.97 -3.43 18.00
C ASN E 156 -58.42 -3.68 17.60
N ILE E 157 -58.74 -3.32 16.36
CA ILE E 157 -60.00 -3.70 15.71
C ILE E 157 -59.69 -4.75 14.66
N ARG E 158 -60.42 -5.86 14.67
CA ARG E 158 -60.26 -6.82 13.59
C ARG E 158 -60.65 -6.16 12.28
N LEU E 159 -59.88 -6.47 11.24
CA LEU E 159 -60.10 -5.91 9.90
C LEU E 159 -60.31 -7.10 8.95
N GLU E 160 -61.54 -7.23 8.43
CA GLU E 160 -61.87 -8.37 7.58
C GLU E 160 -60.99 -8.40 6.34
N GLU E 161 -60.77 -7.24 5.71
CA GLU E 161 -59.83 -7.14 4.60
C GLU E 161 -58.42 -7.18 5.18
N LEU E 162 -57.55 -8.00 4.59
CA LEU E 162 -56.20 -8.17 5.09
C LEU E 162 -55.13 -7.66 4.13
N HIS E 163 -55.52 -6.93 3.08
CA HIS E 163 -54.58 -6.50 2.03
C HIS E 163 -54.79 -5.02 1.71
N VAL E 164 -54.44 -4.18 2.68
CA VAL E 164 -54.63 -2.75 2.61
C VAL E 164 -53.44 -2.10 1.92
N ILE E 165 -53.69 -1.45 0.79
CA ILE E 165 -52.65 -0.69 0.10
C ILE E 165 -52.28 0.56 0.89
N ASP E 166 -53.24 1.48 1.08
CA ASP E 166 -53.05 2.79 1.72
C ASP E 166 -54.33 3.15 2.45
N VAL E 167 -54.24 3.55 3.72
CA VAL E 167 -55.38 4.05 4.49
C VAL E 167 -55.06 5.44 5.03
N LYS E 168 -56.04 6.33 4.95
CA LYS E 168 -55.89 7.69 5.41
C LYS E 168 -57.22 8.13 6.00
N PHE E 169 -57.21 8.69 7.22
CA PHE E 169 -58.44 9.23 7.81
C PHE E 169 -59.08 10.27 6.90
N LEU E 170 -60.40 10.38 6.95
CA LEU E 170 -61.14 11.26 6.05
C LEU E 170 -61.50 12.60 6.70
N TYR E 171 -61.39 13.67 5.91
CA TYR E 171 -61.87 14.97 6.34
C TYR E 171 -63.38 15.06 6.10
N GLY E 172 -64.05 15.85 6.94
CA GLY E 172 -65.47 16.11 6.73
C GLY E 172 -66.42 15.06 7.29
N CYS E 173 -65.90 13.97 7.83
CA CYS E 173 -66.74 12.93 8.41
C CYS E 173 -67.39 13.42 9.69
N GLN E 174 -68.57 12.89 9.99
CA GLN E 174 -69.22 13.21 11.26
C GLN E 174 -68.47 12.57 12.44
N ALA E 175 -68.30 11.24 12.39
CA ALA E 175 -67.51 10.46 13.31
C ALA E 175 -66.25 10.01 12.60
N PRO E 176 -65.20 9.60 13.32
CA PRO E 176 -63.92 9.27 12.66
C PRO E 176 -64.08 8.17 11.61
N THR E 177 -63.49 8.41 10.43
CA THR E 177 -63.66 7.53 9.27
C THR E 177 -62.37 7.36 8.49
N ILE E 178 -62.06 6.11 8.14
CA ILE E 178 -60.86 5.75 7.39
C ILE E 178 -61.25 5.26 6.01
N CYS E 179 -60.47 5.70 5.03
CA CYS E 179 -60.63 5.31 3.64
C CYS E 179 -59.41 4.49 3.25
N PHE E 180 -59.62 3.22 2.93
CA PHE E 180 -58.52 2.32 2.62
C PHE E 180 -58.76 1.68 1.25
N VAL E 181 -57.68 1.53 0.49
CA VAL E 181 -57.64 0.74 -0.76
C VAL E 181 -57.22 -0.68 -0.39
N TYR E 182 -57.93 -1.67 -0.93
CA TYR E 182 -57.64 -3.06 -0.66
C TYR E 182 -57.69 -3.84 -1.97
N GLN E 183 -57.03 -5.00 -1.97
CA GLN E 183 -56.98 -5.85 -3.13
C GLN E 183 -57.34 -7.24 -2.67
N ASP E 184 -58.45 -7.77 -3.17
CA ASP E 184 -58.80 -9.16 -2.88
C ASP E 184 -58.86 -9.89 -4.23
N PRO E 185 -59.11 -11.22 -4.27
CA PRO E 185 -59.22 -11.92 -5.56
C PRO E 185 -59.98 -11.19 -6.66
N GLN E 186 -61.06 -10.51 -6.26
CA GLN E 186 -61.93 -9.82 -7.26
C GLN E 186 -61.16 -8.67 -7.92
N GLY E 187 -60.21 -8.08 -7.19
CA GLY E 187 -59.41 -6.98 -7.76
C GLY E 187 -59.13 -5.89 -6.74
N ARG E 188 -58.79 -4.70 -7.20
CA ARG E 188 -58.47 -3.58 -6.28
C ARG E 188 -59.72 -2.70 -6.13
N HIS E 189 -60.15 -2.47 -4.89
CA HIS E 189 -61.37 -1.68 -4.64
C HIS E 189 -61.15 -0.73 -3.47
N VAL E 190 -62.08 0.20 -3.25
CA VAL E 190 -61.99 1.16 -2.15
C VAL E 190 -63.18 0.96 -1.22
N LYS E 191 -62.92 0.95 0.10
CA LYS E 191 -63.98 0.92 1.11
C LYS E 191 -63.66 1.87 2.27
N THR E 192 -64.68 2.21 3.04
CA THR E 192 -64.55 3.13 4.16
C THR E 192 -65.27 2.57 5.37
N TYR E 193 -64.60 2.62 6.51
CA TYR E 193 -65.18 2.26 7.79
C TYR E 193 -65.13 3.46 8.72
N GLU E 194 -66.06 3.49 9.66
CA GLU E 194 -66.08 4.46 10.75
C GLU E 194 -65.55 3.82 12.02
N VAL E 195 -65.06 4.66 12.94
CA VAL E 195 -64.34 4.20 14.13
C VAL E 195 -65.07 4.69 15.38
N SER E 196 -65.59 3.76 16.17
CA SER E 196 -66.23 4.05 17.44
C SER E 196 -65.27 3.65 18.56
N LEU E 197 -64.72 4.65 19.25
CA LEU E 197 -63.88 4.34 20.41
C LEU E 197 -64.72 3.76 21.54
N ARG E 198 -65.94 4.30 21.75
CA ARG E 198 -66.78 3.79 22.83
C ARG E 198 -67.27 2.38 22.54
N GLU E 199 -67.70 2.11 21.30
CA GLU E 199 -68.00 0.74 20.92
C GLU E 199 -66.73 -0.09 20.67
N LYS E 200 -65.55 0.54 20.64
CA LYS E 200 -64.27 -0.13 20.41
C LYS E 200 -64.33 -1.08 19.22
N GLU E 201 -65.16 -0.77 18.23
CA GLU E 201 -65.21 -1.59 17.02
C GLU E 201 -65.41 -0.66 15.84
N PHE E 202 -65.76 -1.25 14.69
CA PHE E 202 -66.00 -0.50 13.47
C PHE E 202 -67.50 -0.28 13.24
N ASN E 203 -67.80 0.70 12.38
CA ASN E 203 -69.15 0.96 11.89
C ASN E 203 -69.07 1.22 10.38
N LYS E 204 -70.09 0.79 9.65
CA LYS E 204 -70.08 0.86 8.18
C LYS E 204 -69.95 2.30 7.69
N GLY E 205 -68.99 2.54 6.79
CA GLY E 205 -68.68 3.89 6.36
C GLY E 205 -69.66 4.43 5.33
N PRO E 206 -69.49 5.73 4.98
CA PRO E 206 -70.36 6.34 3.98
C PRO E 206 -70.35 5.83 2.55
N TRP E 207 -69.19 5.67 1.90
CA TRP E 207 -69.11 5.38 0.48
C TRP E 207 -68.12 4.24 0.24
N LYS E 208 -68.31 3.52 -0.88
CA LYS E 208 -67.41 2.45 -1.29
C LYS E 208 -67.38 2.41 -2.82
N GLN E 209 -66.33 1.81 -3.37
CA GLN E 209 -66.14 1.74 -4.82
C GLN E 209 -65.78 0.33 -5.19
N GLU E 210 -66.60 -0.29 -6.03
CA GLU E 210 -66.52 -1.74 -6.23
C GLU E 210 -65.26 -2.14 -6.99
N ASN E 211 -64.73 -1.27 -7.85
CA ASN E 211 -63.64 -1.69 -8.72
C ASN E 211 -62.93 -0.46 -9.25
N VAL E 212 -61.65 -0.31 -8.90
CA VAL E 212 -60.84 0.85 -9.25
C VAL E 212 -59.56 0.30 -9.89
N GLU E 213 -58.71 1.22 -10.38
CA GLU E 213 -57.53 0.85 -11.16
C GLU E 213 -56.73 -0.24 -10.46
N ALA E 214 -56.21 -1.19 -11.25
CA ALA E 214 -55.48 -2.33 -10.70
C ALA E 214 -54.17 -1.93 -10.05
N GLU E 215 -53.63 -0.76 -10.37
CA GLU E 215 -52.44 -0.22 -9.71
C GLU E 215 -52.79 1.03 -8.91
N ALA E 216 -53.96 1.02 -8.28
CA ALA E 216 -54.29 1.98 -7.24
C ALA E 216 -53.36 1.78 -6.05
N SER E 217 -52.71 2.86 -5.62
CA SER E 217 -51.67 2.76 -4.59
C SER E 217 -51.69 3.86 -3.55
N MET E 218 -52.34 5.00 -3.75
CA MET E 218 -52.18 6.16 -2.90
C MET E 218 -53.55 6.73 -2.53
N VAL E 219 -53.75 7.02 -1.25
CA VAL E 219 -55.00 7.59 -0.75
C VAL E 219 -54.72 8.95 -0.17
N ILE E 220 -55.41 9.96 -0.68
CA ILE E 220 -55.23 11.33 -0.24
C ILE E 220 -56.56 11.82 0.28
N ALA E 221 -56.56 12.32 1.51
CA ALA E 221 -57.77 12.87 2.09
C ALA E 221 -57.95 14.33 1.67
N VAL E 222 -59.01 14.62 0.94
CA VAL E 222 -59.27 15.99 0.51
C VAL E 222 -59.82 16.79 1.70
N PRO E 223 -59.30 18.00 1.96
CA PRO E 223 -59.70 18.75 3.15
C PRO E 223 -61.14 19.23 3.09
N GLU E 224 -61.55 19.82 4.21
CA GLU E 224 -62.91 20.16 4.57
C GLU E 224 -63.73 20.81 3.47
N PRO E 225 -63.17 21.66 2.60
CA PRO E 225 -63.95 22.16 1.45
C PRO E 225 -64.63 21.11 0.57
N PHE E 226 -63.85 20.19 -0.04
CA PHE E 226 -64.40 19.24 -1.02
C PHE E 226 -64.84 17.97 -0.28
N GLY E 227 -63.95 17.40 0.53
CA GLY E 227 -64.20 16.14 1.20
C GLY E 227 -63.82 14.94 0.35
N GLY E 228 -63.79 13.78 0.99
CA GLY E 228 -63.57 12.57 0.22
C GLY E 228 -62.08 12.27 0.09
N ALA E 229 -61.76 11.38 -0.86
CA ALA E 229 -60.38 10.94 -1.07
C ALA E 229 -60.07 10.85 -2.56
N ILE E 230 -58.82 11.16 -2.90
CA ILE E 230 -58.28 10.99 -4.25
C ILE E 230 -57.44 9.71 -4.26
N ILE E 231 -57.69 8.85 -5.25
CA ILE E 231 -56.99 7.57 -5.41
C ILE E 231 -56.10 7.72 -6.64
N ILE E 232 -54.79 7.87 -6.42
CA ILE E 232 -53.82 7.99 -7.51
C ILE E 232 -53.29 6.60 -7.83
N GLY E 233 -53.44 6.19 -9.08
CA GLY E 233 -52.96 4.88 -9.46
C GLY E 233 -51.71 4.89 -10.31
N GLN E 234 -51.76 4.09 -11.38
CA GLN E 234 -50.65 4.04 -12.33
C GLN E 234 -50.83 5.15 -13.36
N GLU E 235 -51.91 5.08 -14.12
CA GLU E 235 -52.17 5.95 -15.26
C GLU E 235 -53.44 6.76 -15.09
N SER E 236 -54.10 6.68 -13.93
CA SER E 236 -55.40 7.32 -13.73
C SER E 236 -55.56 7.76 -12.29
N ILE E 237 -55.77 9.07 -12.11
CA ILE E 237 -56.11 9.67 -10.83
C ILE E 237 -57.63 9.82 -10.76
N THR E 238 -58.23 9.32 -9.69
CA THR E 238 -59.68 9.28 -9.53
C THR E 238 -60.07 9.86 -8.18
N TYR E 239 -61.04 10.78 -8.20
CA TYR E 239 -61.60 11.37 -6.98
C TYR E 239 -62.95 10.73 -6.65
N HIS E 240 -63.15 10.41 -5.37
CA HIS E 240 -64.39 9.81 -4.91
C HIS E 240 -64.86 10.55 -3.67
N ASN E 241 -66.19 10.71 -3.56
CA ASN E 241 -66.81 11.27 -2.35
C ASN E 241 -68.31 11.01 -2.34
N GLY E 242 -68.74 9.84 -1.86
CA GLY E 242 -70.15 9.51 -1.90
C GLY E 242 -70.59 9.22 -3.31
N ASP E 243 -71.67 9.88 -3.75
CA ASP E 243 -72.12 9.74 -5.14
C ASP E 243 -71.08 10.30 -6.10
N LYS E 244 -70.33 11.32 -5.67
CA LYS E 244 -69.35 11.98 -6.52
C LYS E 244 -68.22 11.04 -6.92
N TYR E 245 -67.87 11.05 -8.21
CA TYR E 245 -66.80 10.21 -8.75
C TYR E 245 -66.26 10.87 -10.01
N LEU E 246 -65.00 11.32 -9.97
CA LEU E 246 -64.31 11.96 -11.08
C LEU E 246 -63.02 11.19 -11.38
N ALA E 247 -62.67 11.05 -12.68
CA ALA E 247 -61.53 10.24 -13.12
C ALA E 247 -60.81 10.93 -14.28
N ILE E 248 -59.50 11.21 -14.14
CA ILE E 248 -58.69 11.61 -15.29
C ILE E 248 -57.71 10.49 -15.62
N ALA E 249 -57.32 10.43 -16.89
CA ALA E 249 -56.25 9.54 -17.34
C ALA E 249 -55.21 10.38 -18.05
N PRO E 250 -54.54 11.29 -17.34
CA PRO E 250 -53.60 12.20 -17.98
C PRO E 250 -52.49 11.43 -18.65
N PRO E 251 -52.08 11.85 -19.84
CA PRO E 251 -51.03 11.11 -20.55
C PRO E 251 -49.63 11.33 -19.98
N ILE E 252 -49.39 12.46 -19.33
CA ILE E 252 -48.05 12.77 -18.85
C ILE E 252 -47.66 11.82 -17.73
N ILE E 253 -48.54 11.60 -16.76
CA ILE E 253 -48.24 10.69 -15.65
C ILE E 253 -48.21 9.22 -16.05
N LYS E 254 -48.59 8.91 -17.29
CA LYS E 254 -48.56 7.53 -17.79
C LYS E 254 -47.14 7.18 -18.27
N GLN E 255 -46.13 7.58 -17.49
CA GLN E 255 -44.74 7.34 -17.85
C GLN E 255 -43.87 6.96 -16.65
N SER E 256 -44.32 7.19 -15.42
CA SER E 256 -43.76 6.63 -14.19
C SER E 256 -44.84 6.77 -13.13
N THR E 257 -44.65 6.08 -12.01
CA THR E 257 -45.67 6.07 -10.97
C THR E 257 -45.40 7.18 -9.96
N ILE E 258 -46.48 7.84 -9.54
CA ILE E 258 -46.43 8.82 -8.47
C ILE E 258 -46.17 8.11 -7.16
N VAL E 259 -45.08 8.45 -6.48
CA VAL E 259 -44.75 7.79 -5.23
C VAL E 259 -44.96 8.68 -4.01
N CYS E 260 -44.81 9.99 -4.13
CA CYS E 260 -45.03 10.87 -2.99
C CYS E 260 -45.94 12.02 -3.35
N HIS E 261 -46.74 12.43 -2.37
CA HIS E 261 -47.68 13.53 -2.54
C HIS E 261 -47.51 14.48 -1.37
N ASN E 262 -48.11 15.66 -1.52
CA ASN E 262 -48.07 16.71 -0.52
C ASN E 262 -49.16 17.71 -0.88
N ARG E 263 -49.88 18.18 0.13
CA ARG E 263 -50.94 19.17 -0.09
C ARG E 263 -50.36 20.58 -0.01
N VAL E 264 -50.55 21.37 -1.06
CA VAL E 264 -50.02 22.72 -1.09
C VAL E 264 -50.79 23.69 -0.21
N ASP E 265 -52.03 24.00 -0.58
CA ASP E 265 -52.80 24.89 0.27
C ASP E 265 -53.56 23.94 1.20
N PRO E 266 -53.73 24.30 2.46
CA PRO E 266 -54.55 23.48 3.35
C PRO E 266 -56.02 23.37 2.94
N ASN E 267 -56.38 24.03 1.83
CA ASN E 267 -57.73 23.94 1.31
C ASN E 267 -58.00 22.63 0.54
N GLY E 268 -57.03 22.17 -0.24
CA GLY E 268 -57.16 20.99 -1.05
C GLY E 268 -57.18 21.22 -2.54
N SER E 269 -57.07 22.47 -2.99
CA SER E 269 -57.22 22.74 -4.41
C SER E 269 -55.96 22.37 -5.19
N ARG E 270 -54.78 22.68 -4.65
CA ARG E 270 -53.53 22.40 -5.34
C ARG E 270 -52.72 21.38 -4.53
N TYR E 271 -52.27 20.32 -5.21
CA TYR E 271 -51.53 19.20 -4.65
C TYR E 271 -50.25 18.98 -5.47
N LEU E 272 -49.21 18.44 -4.83
CA LEU E 272 -47.92 18.24 -5.48
C LEU E 272 -47.61 16.75 -5.64
N LEU E 273 -47.16 16.37 -6.83
CA LEU E 273 -46.92 14.96 -7.15
C LEU E 273 -45.49 14.72 -7.61
N GLY E 274 -44.93 13.61 -7.20
CA GLY E 274 -43.61 13.27 -7.66
C GLY E 274 -43.50 11.81 -8.03
N ASP E 275 -42.79 11.53 -9.13
CA ASP E 275 -42.62 10.16 -9.58
C ASP E 275 -41.20 9.68 -9.29
N MET E 276 -40.87 8.47 -9.77
CA MET E 276 -39.61 7.86 -9.41
C MET E 276 -38.49 8.27 -10.35
N GLU E 277 -38.70 9.28 -11.19
CA GLU E 277 -37.66 9.80 -12.05
C GLU E 277 -37.52 11.31 -11.89
N GLY E 278 -37.99 11.84 -10.78
CA GLY E 278 -37.75 13.22 -10.43
C GLY E 278 -38.78 14.20 -10.95
N ARG E 279 -39.80 13.75 -11.67
CA ARG E 279 -40.76 14.69 -12.22
C ARG E 279 -41.68 15.19 -11.11
N LEU E 280 -41.88 16.50 -11.08
CA LEU E 280 -42.73 17.18 -10.12
C LEU E 280 -43.98 17.66 -10.86
N PHE E 281 -45.11 16.96 -10.65
CA PHE E 281 -46.38 17.42 -11.20
C PHE E 281 -47.23 18.16 -10.17
N MET E 282 -48.17 18.94 -10.68
CA MET E 282 -49.08 19.71 -9.86
C MET E 282 -50.51 19.21 -10.15
N LEU E 283 -51.14 18.61 -9.15
CA LEU E 283 -52.55 18.24 -9.25
C LEU E 283 -53.39 19.43 -8.81
N LEU E 284 -54.23 19.95 -9.72
CA LEU E 284 -55.18 21.00 -9.40
C LEU E 284 -56.58 20.41 -9.34
N LEU E 285 -57.35 20.78 -8.31
CA LEU E 285 -58.76 20.45 -8.21
C LEU E 285 -59.53 21.69 -8.64
N GLU E 286 -59.90 21.75 -9.93
CA GLU E 286 -60.66 22.88 -10.46
C GLU E 286 -62.03 22.97 -9.78
N LYS E 287 -62.24 24.02 -8.98
CA LYS E 287 -63.41 24.13 -8.11
C LYS E 287 -64.48 25.02 -8.75
N GLU E 288 -65.65 25.14 -8.09
CA GLU E 288 -66.82 25.78 -8.69
C GLU E 288 -67.68 26.43 -7.61
N GLU E 289 -67.73 27.77 -7.59
CA GLU E 289 -68.44 28.56 -6.57
C GLU E 289 -69.89 28.78 -6.98
N GLN E 290 -70.80 27.89 -6.57
CA GLN E 290 -72.19 28.05 -7.06
C GLN E 290 -72.76 29.35 -6.45
N MET E 291 -73.77 29.94 -7.09
CA MET E 291 -74.43 31.14 -6.51
C MET E 291 -74.82 30.79 -5.07
N ASP E 292 -75.60 29.73 -4.89
CA ASP E 292 -75.87 29.27 -3.50
C ASP E 292 -74.45 29.06 -3.00
N GLY E 293 -74.19 29.23 -1.71
CA GLY E 293 -72.82 29.14 -1.15
C GLY E 293 -72.11 27.87 -1.59
N THR E 294 -72.85 26.83 -1.97
CA THR E 294 -72.28 25.53 -2.39
C THR E 294 -71.16 25.58 -3.40
N VAL E 295 -70.04 24.94 -3.09
CA VAL E 295 -68.90 24.76 -3.98
C VAL E 295 -68.73 23.29 -4.35
N THR E 296 -68.46 23.02 -5.63
CA THR E 296 -68.32 21.65 -6.13
C THR E 296 -67.03 21.51 -6.92
N LEU E 297 -66.77 20.29 -7.41
CA LEU E 297 -65.54 19.95 -8.13
C LEU E 297 -65.83 19.83 -9.61
N LYS E 298 -65.34 20.79 -10.39
CA LYS E 298 -65.47 20.76 -11.85
C LYS E 298 -64.65 19.63 -12.44
N ASP E 299 -63.33 19.68 -12.28
CA ASP E 299 -62.45 18.78 -12.99
C ASP E 299 -61.21 18.53 -12.15
N LEU E 300 -60.23 17.88 -12.78
CA LEU E 300 -58.94 17.56 -12.17
C LEU E 300 -57.88 17.72 -13.27
N ARG E 301 -56.88 18.55 -13.01
CA ARG E 301 -55.83 18.82 -13.97
C ARG E 301 -54.47 18.43 -13.38
N VAL E 302 -53.52 18.15 -14.28
CA VAL E 302 -52.16 17.76 -13.90
C VAL E 302 -51.16 18.54 -14.75
N GLU E 303 -50.21 19.18 -14.09
CA GLU E 303 -49.18 19.98 -14.74
C GLU E 303 -47.81 19.48 -14.32
N LEU E 304 -46.90 19.37 -15.30
CA LEU E 304 -45.53 18.94 -15.06
C LEU E 304 -44.65 20.17 -14.88
N LEU E 305 -44.23 20.43 -13.64
CA LEU E 305 -43.46 21.63 -13.34
C LEU E 305 -42.02 21.50 -13.80
N GLY E 306 -41.35 20.43 -13.42
CA GLY E 306 -39.97 20.22 -13.84
C GLY E 306 -39.44 18.88 -13.39
N GLU E 307 -38.12 18.83 -13.23
CA GLU E 307 -37.44 17.67 -12.68
C GLU E 307 -36.71 18.09 -11.43
N THR E 308 -36.81 17.28 -10.38
CA THR E 308 -36.07 17.55 -9.15
C THR E 308 -35.27 16.28 -8.90
N SER E 309 -34.82 16.08 -7.68
CA SER E 309 -34.29 14.76 -7.31
C SER E 309 -35.35 13.70 -7.12
N ILE E 310 -34.93 12.45 -7.31
CA ILE E 310 -35.78 11.29 -7.12
C ILE E 310 -36.24 11.45 -5.68
N ALA E 311 -37.52 11.76 -5.51
CA ALA E 311 -38.00 12.34 -4.27
C ALA E 311 -38.60 11.20 -3.47
N GLU E 312 -38.18 11.10 -2.21
CA GLU E 312 -38.78 10.19 -1.27
C GLU E 312 -39.97 10.86 -0.60
N CYS E 313 -39.73 11.99 0.04
CA CYS E 313 -40.78 12.77 0.66
C CYS E 313 -40.79 14.16 0.03
N LEU E 314 -41.97 14.74 -0.13
CA LEU E 314 -42.10 16.10 -0.64
C LEU E 314 -42.87 16.97 0.34
N THR E 315 -42.51 18.24 0.40
CA THR E 315 -43.23 19.16 1.27
C THR E 315 -43.06 20.57 0.71
N TYR E 316 -44.19 21.25 0.47
CA TYR E 316 -44.14 22.62 0.01
C TYR E 316 -44.01 23.51 1.23
N LEU E 317 -43.09 24.48 1.15
CA LEU E 317 -42.86 25.38 2.26
C LEU E 317 -43.66 26.68 2.22
N ASP E 318 -43.31 27.60 1.32
CA ASP E 318 -44.02 28.86 1.17
C ASP E 318 -43.29 29.71 0.13
N ASN E 319 -44.00 30.69 -0.41
CA ASN E 319 -43.39 31.63 -1.36
C ASN E 319 -42.77 30.91 -2.55
N GLY E 320 -43.27 29.72 -2.84
CA GLY E 320 -42.87 28.97 -3.99
C GLY E 320 -41.88 27.85 -3.73
N VAL E 321 -41.30 27.77 -2.53
CA VAL E 321 -40.15 26.88 -2.31
C VAL E 321 -40.61 25.54 -1.76
N VAL E 322 -40.31 24.47 -2.51
CA VAL E 322 -40.66 23.10 -2.18
C VAL E 322 -39.42 22.40 -1.64
N PHE E 323 -39.56 21.67 -0.54
CA PHE E 323 -38.46 20.85 -0.07
C PHE E 323 -38.58 19.46 -0.69
N VAL E 324 -37.50 18.99 -1.29
CA VAL E 324 -37.43 17.66 -1.89
C VAL E 324 -36.58 16.80 -0.96
N GLY E 325 -37.21 15.83 -0.30
CA GLY E 325 -36.49 14.86 0.48
C GLY E 325 -36.14 13.68 -0.39
N SER E 326 -34.84 13.35 -0.50
CA SER E 326 -34.37 12.36 -1.47
C SER E 326 -33.51 11.32 -0.76
N ARG E 327 -33.79 10.04 -1.09
CA ARG E 327 -33.03 8.89 -0.63
C ARG E 327 -31.97 8.42 -1.62
N LEU E 328 -32.11 8.78 -2.89
CA LEU E 328 -31.16 8.39 -3.94
C LEU E 328 -30.15 9.49 -4.28
N GLY E 329 -30.59 10.74 -4.37
CA GLY E 329 -29.65 11.82 -4.62
C GLY E 329 -29.62 12.85 -3.52
N ASP E 330 -29.13 14.04 -3.82
CA ASP E 330 -29.17 15.10 -2.83
C ASP E 330 -30.61 15.51 -2.58
N SER E 331 -30.94 15.75 -1.31
CA SER E 331 -32.13 16.49 -1.00
C SER E 331 -31.92 17.92 -1.44
N GLN E 332 -33.02 18.64 -1.64
CA GLN E 332 -32.85 19.96 -2.22
C GLN E 332 -34.10 20.82 -2.02
N LEU E 333 -33.87 22.14 -1.96
CA LEU E 333 -34.92 23.16 -2.05
C LEU E 333 -35.09 23.57 -3.50
N VAL E 334 -36.33 23.71 -3.94
CA VAL E 334 -36.62 24.21 -5.27
C VAL E 334 -37.62 25.36 -5.17
N LYS E 335 -37.37 26.44 -5.88
CA LYS E 335 -38.34 27.49 -6.09
C LYS E 335 -39.19 27.15 -7.31
N LEU E 336 -40.51 27.32 -7.19
CA LEU E 336 -41.41 27.11 -8.31
C LEU E 336 -41.77 28.48 -8.89
N ASN E 337 -41.21 28.81 -10.04
CA ASN E 337 -41.58 30.04 -10.74
C ASN E 337 -42.86 29.80 -11.55
N VAL E 338 -43.61 30.89 -11.78
CA VAL E 338 -44.84 30.79 -12.58
C VAL E 338 -44.49 31.01 -14.04
N ASP E 339 -43.20 31.03 -14.35
CA ASP E 339 -42.72 31.27 -15.71
C ASP E 339 -41.73 30.19 -16.11
N SER E 340 -42.00 29.55 -17.25
CA SER E 340 -41.08 28.55 -17.79
C SER E 340 -39.72 29.16 -18.07
N ASN E 341 -38.67 28.41 -17.74
CA ASN E 341 -37.32 28.90 -17.98
C ASN E 341 -36.83 28.42 -19.35
N GLU E 342 -35.52 28.41 -19.56
CA GLU E 342 -34.96 27.94 -20.82
C GLU E 342 -35.34 26.49 -21.07
N GLN E 343 -35.15 25.62 -20.07
CA GLN E 343 -35.53 24.22 -20.15
C GLN E 343 -37.05 24.00 -19.97
N GLY E 344 -37.86 25.05 -20.03
CA GLY E 344 -39.31 24.92 -19.80
C GLY E 344 -39.68 24.35 -18.45
N SER E 345 -38.86 24.57 -17.43
CA SER E 345 -39.03 23.97 -16.10
C SER E 345 -39.39 25.10 -15.13
N TYR E 346 -40.68 25.21 -14.81
CA TYR E 346 -41.11 26.13 -13.75
C TYR E 346 -40.39 25.85 -12.42
N VAL E 347 -39.85 24.65 -12.24
CA VAL E 347 -39.01 24.36 -11.08
C VAL E 347 -37.60 24.85 -11.34
N VAL E 348 -37.02 25.49 -10.34
CA VAL E 348 -35.64 25.93 -10.36
C VAL E 348 -35.02 25.52 -9.04
N ALA E 349 -33.82 24.96 -9.07
CA ALA E 349 -33.25 24.52 -7.81
C ALA E 349 -32.68 25.72 -7.05
N MET E 350 -32.79 25.65 -5.73
CA MET E 350 -32.53 26.80 -4.86
C MET E 350 -31.45 26.48 -3.85
N GLU E 351 -31.34 25.21 -3.47
CA GLU E 351 -30.28 24.72 -2.60
C GLU E 351 -30.16 23.22 -2.84
N THR E 352 -29.13 22.62 -2.28
CA THR E 352 -28.96 21.19 -2.42
C THR E 352 -28.31 20.67 -1.15
N PHE E 353 -28.88 19.63 -0.56
CA PHE E 353 -28.39 19.09 0.70
C PHE E 353 -27.81 17.71 0.47
N THR E 354 -26.53 17.54 0.82
CA THR E 354 -25.77 16.36 0.43
C THR E 354 -26.44 15.09 0.94
N ASN E 355 -26.43 14.07 0.10
CA ASN E 355 -26.86 12.73 0.48
C ASN E 355 -25.87 11.72 -0.08
N LEU E 356 -25.18 11.03 0.83
CA LEU E 356 -24.21 10.02 0.45
C LEU E 356 -24.87 8.70 0.04
N GLY E 357 -26.06 8.38 0.57
CA GLY E 357 -26.69 7.12 0.30
C GLY E 357 -27.34 7.05 -1.07
N PRO E 358 -27.56 5.82 -1.58
CA PRO E 358 -27.00 4.58 -1.03
C PRO E 358 -25.53 4.56 -1.35
N ILE E 359 -24.72 4.09 -0.40
CA ILE E 359 -23.31 3.83 -0.66
C ILE E 359 -23.16 2.34 -0.95
N VAL E 360 -22.92 2.01 -2.21
CA VAL E 360 -22.86 0.64 -2.65
C VAL E 360 -21.42 0.13 -2.76
N ASP E 361 -20.44 1.02 -2.85
CA ASP E 361 -19.04 0.64 -2.80
C ASP E 361 -18.24 1.84 -2.26
N MET E 362 -17.01 1.58 -1.86
CA MET E 362 -16.16 2.67 -1.42
C MET E 362 -14.74 2.14 -1.30
N CYS E 363 -13.78 3.06 -1.32
CA CYS E 363 -12.39 2.75 -1.05
C CYS E 363 -11.70 3.98 -0.44
N VAL E 364 -10.58 3.72 0.23
CA VAL E 364 -9.81 4.75 0.90
C VAL E 364 -8.58 5.05 0.05
N VAL E 365 -8.43 6.29 -0.40
CA VAL E 365 -7.31 6.71 -1.24
C VAL E 365 -6.72 7.97 -0.65
N ASP E 366 -5.44 7.93 -0.30
CA ASP E 366 -4.72 9.11 0.21
C ASP E 366 -4.34 10.02 -0.98
N LEU E 367 -5.35 10.67 -1.55
CA LEU E 367 -5.20 11.26 -2.88
C LEU E 367 -4.15 12.37 -2.91
N GLU E 368 -3.99 13.09 -1.80
CA GLU E 368 -2.96 14.12 -1.70
C GLU E 368 -1.71 13.63 -1.01
N ARG E 369 -1.69 12.35 -0.58
CA ARG E 369 -0.50 11.70 -0.04
C ARG E 369 0.00 12.38 1.23
N GLN E 370 -0.93 12.99 1.99
CA GLN E 370 -0.62 13.64 3.26
C GLN E 370 -0.83 12.72 4.46
N GLY E 371 -0.70 11.40 4.26
CA GLY E 371 -0.91 10.42 5.31
C GLY E 371 -2.33 10.34 5.83
N GLN E 372 -3.18 11.30 5.48
CA GLN E 372 -4.55 11.39 5.96
C GLN E 372 -5.61 10.42 5.47
N GLY E 373 -5.66 10.22 4.16
CA GLY E 373 -6.69 9.40 3.56
C GLY E 373 -7.94 10.21 3.27
N GLN E 374 -8.60 9.86 2.17
CA GLN E 374 -9.88 10.42 1.81
C GLN E 374 -10.69 9.15 1.59
N LEU E 375 -12.01 9.30 1.43
CA LEU E 375 -12.88 8.18 1.10
C LEU E 375 -13.62 8.50 -0.19
N VAL E 376 -13.58 7.59 -1.16
CA VAL E 376 -14.35 7.76 -2.40
C VAL E 376 -15.41 6.67 -2.46
N THR E 377 -16.65 7.05 -2.83
CA THR E 377 -17.85 6.20 -2.74
C THR E 377 -18.64 6.20 -4.04
N CYS E 378 -19.17 5.03 -4.40
CA CYS E 378 -20.20 4.87 -5.45
C CYS E 378 -21.53 5.17 -4.81
N SER E 379 -21.98 6.43 -4.92
CA SER E 379 -23.14 6.92 -4.21
C SER E 379 -24.33 7.14 -5.13
N GLY E 380 -25.53 6.95 -4.57
CA GLY E 380 -26.75 7.24 -5.28
C GLY E 380 -27.09 6.15 -6.27
N ALA E 381 -28.13 6.44 -7.05
CA ALA E 381 -28.56 5.50 -8.10
C ALA E 381 -29.21 6.29 -9.24
N PHE E 382 -29.34 5.66 -10.40
CA PHE E 382 -30.01 6.31 -11.57
C PHE E 382 -29.41 7.69 -11.82
N LYS E 383 -30.26 8.65 -12.19
CA LYS E 383 -29.76 10.01 -12.55
C LYS E 383 -28.95 10.61 -11.40
N GLU E 384 -29.18 10.14 -10.18
CA GLU E 384 -28.49 10.76 -9.03
C GLU E 384 -27.15 10.04 -8.79
N GLY E 385 -26.76 9.14 -9.67
CA GLY E 385 -25.53 8.41 -9.41
C GLY E 385 -24.34 9.35 -9.36
N SER E 386 -23.52 9.22 -8.33
CA SER E 386 -22.47 10.20 -8.09
C SER E 386 -21.23 9.50 -7.54
N LEU E 387 -20.13 10.24 -7.51
CA LEU E 387 -18.93 9.87 -6.75
C LEU E 387 -18.71 10.92 -5.67
N ARG E 388 -18.58 10.47 -4.42
CA ARG E 388 -18.38 11.38 -3.30
C ARG E 388 -16.98 11.17 -2.72
N ILE E 389 -16.24 12.26 -2.48
CA ILE E 389 -14.89 12.18 -1.91
C ILE E 389 -14.87 12.92 -0.59
N ILE E 390 -14.63 12.19 0.49
CA ILE E 390 -14.92 12.61 1.87
C ILE E 390 -13.63 12.70 2.65
N ARG E 391 -13.37 13.84 3.26
CA ARG E 391 -12.11 14.02 3.98
C ARG E 391 -12.31 14.85 5.25
N ASN E 392 -11.38 14.70 6.18
CA ASN E 392 -11.41 15.50 7.39
C ASN E 392 -10.65 16.82 7.19
N LEU E 406 -15.58 17.09 8.31
CA LEU E 406 -15.81 16.29 7.09
C LEU E 406 -16.20 17.15 5.91
N HIS E 407 -15.61 16.87 4.74
CA HIS E 407 -15.78 17.70 3.54
C HIS E 407 -15.99 16.79 2.34
N ILE E 408 -17.04 17.06 1.55
CA ILE E 408 -17.57 16.14 0.54
C ILE E 408 -17.61 16.82 -0.83
N ARG E 409 -16.88 16.27 -1.79
CA ARG E 409 -16.91 16.71 -3.19
C ARG E 409 -17.78 15.74 -3.97
N THR E 410 -18.63 16.26 -4.84
CA THR E 410 -19.61 15.43 -5.54
C THR E 410 -19.32 15.39 -7.02
N VAL E 411 -19.20 14.19 -7.57
CA VAL E 411 -19.03 13.98 -9.01
C VAL E 411 -20.32 13.38 -9.53
N PRO E 412 -21.22 14.17 -10.07
CA PRO E 412 -22.40 13.60 -10.74
C PRO E 412 -21.98 12.76 -11.93
N LEU E 413 -22.65 11.60 -12.06
CA LEU E 413 -22.45 10.70 -13.18
C LEU E 413 -23.73 10.46 -13.98
N TYR E 414 -24.90 10.76 -13.42
CA TYR E 414 -26.17 10.68 -14.12
C TYR E 414 -26.55 9.26 -14.52
N GLU E 415 -25.83 8.27 -13.96
CA GLU E 415 -26.09 6.84 -14.08
C GLU E 415 -25.56 6.18 -12.81
N SER E 416 -25.90 4.91 -12.62
CA SER E 416 -25.62 4.26 -11.33
C SER E 416 -24.19 3.73 -11.29
N PRO E 417 -23.34 4.19 -10.36
CA PRO E 417 -22.09 3.50 -10.09
C PRO E 417 -22.30 2.31 -9.17
N ARG E 418 -21.64 1.21 -9.51
CA ARG E 418 -21.75 -0.06 -8.78
C ARG E 418 -20.50 -0.44 -8.00
N LYS E 419 -19.31 -0.46 -8.62
CA LYS E 419 -18.09 -0.81 -7.89
C LYS E 419 -16.94 0.09 -8.29
N ILE E 420 -15.96 0.26 -7.38
CA ILE E 420 -14.89 1.25 -7.51
C ILE E 420 -13.56 0.72 -6.99
N CYS E 421 -12.48 1.16 -7.62
CA CYS E 421 -11.12 0.81 -7.24
C CYS E 421 -10.17 1.88 -7.77
N TYR E 422 -8.97 1.91 -7.19
CA TYR E 422 -7.99 2.96 -7.48
C TYR E 422 -6.69 2.36 -7.98
N GLN E 423 -6.14 2.96 -9.04
CA GLN E 423 -4.96 2.49 -9.73
C GLN E 423 -3.94 3.62 -9.69
N GLU E 424 -3.03 3.59 -8.69
CA GLU E 424 -2.04 4.65 -8.55
C GLU E 424 -1.15 4.74 -9.78
N VAL E 425 -0.61 3.61 -10.22
CA VAL E 425 0.17 3.48 -11.45
C VAL E 425 -0.42 4.27 -12.61
N SER E 426 -1.75 4.27 -12.75
CA SER E 426 -2.41 5.02 -13.80
C SER E 426 -2.96 6.36 -13.32
N GLN E 427 -2.92 6.62 -12.02
CA GLN E 427 -3.43 7.88 -11.44
C GLN E 427 -4.91 8.08 -11.74
N CYS E 428 -5.67 6.99 -11.76
CA CYS E 428 -7.06 7.05 -12.10
C CYS E 428 -7.83 6.00 -11.32
N PHE E 429 -9.14 6.09 -11.39
CA PHE E 429 -10.05 5.17 -10.73
C PHE E 429 -10.75 4.32 -11.77
N GLY E 430 -11.01 3.06 -11.42
CA GLY E 430 -11.86 2.20 -12.21
C GLY E 430 -13.25 2.09 -11.59
N VAL E 431 -14.29 2.44 -12.34
CA VAL E 431 -15.63 2.40 -11.80
C VAL E 431 -16.54 1.62 -12.75
N LEU E 432 -17.32 0.70 -12.19
CA LEU E 432 -18.32 -0.04 -12.95
C LEU E 432 -19.66 0.66 -12.83
N SER E 433 -20.35 0.80 -13.96
CA SER E 433 -21.59 1.56 -14.01
C SER E 433 -22.64 0.78 -14.80
N SER E 434 -23.89 1.20 -14.63
CA SER E 434 -24.99 0.68 -15.43
C SER E 434 -25.91 1.83 -15.80
N ARG E 435 -26.28 1.88 -17.06
CA ARG E 435 -27.11 2.93 -17.61
C ARG E 435 -28.39 2.29 -18.12
N ILE E 436 -29.50 2.99 -18.01
CA ILE E 436 -30.77 2.43 -18.42
C ILE E 436 -31.16 3.09 -19.73
N GLU E 437 -31.39 2.26 -20.73
CA GLU E 437 -31.87 2.67 -22.04
C GLU E 437 -33.20 1.98 -22.31
N VAL E 438 -33.95 2.55 -23.25
CA VAL E 438 -35.21 1.99 -23.69
C VAL E 438 -35.06 1.57 -25.13
N GLN E 439 -35.57 0.39 -25.46
CA GLN E 439 -35.54 -0.12 -26.83
C GLN E 439 -36.10 0.88 -27.86
N THR E 441 -36.77 2.19 -31.06
CA THR E 441 -37.66 1.72 -32.13
C THR E 441 -36.91 1.04 -33.28
N SER E 442 -35.81 1.64 -33.73
CA SER E 442 -35.10 1.16 -34.91
C SER E 442 -34.23 -0.05 -34.55
N GLY E 443 -34.90 -1.10 -34.06
CA GLY E 443 -34.25 -2.30 -33.60
C GLY E 443 -33.11 -2.02 -32.65
N GLY E 444 -33.26 -1.03 -31.80
CA GLY E 444 -32.15 -0.61 -30.96
C GLY E 444 -32.60 0.19 -29.78
N THR E 445 -31.73 0.20 -28.77
CA THR E 445 -31.95 0.95 -27.54
C THR E 445 -31.35 2.35 -27.66
N THR E 446 -32.08 3.31 -27.14
CA THR E 446 -31.66 4.70 -27.09
C THR E 446 -31.54 5.12 -25.63
N ALA E 447 -30.51 5.90 -25.31
CA ALA E 447 -30.35 6.34 -23.93
C ALA E 447 -31.48 7.30 -23.53
N LEU E 448 -31.58 7.56 -22.21
CA LEU E 448 -32.63 8.43 -21.66
C LEU E 448 -32.13 9.78 -21.23
N ARG E 449 -30.83 9.92 -20.93
CA ARG E 449 -30.21 11.09 -20.34
C ARG E 449 -28.71 10.99 -20.59
N PRO E 450 -28.01 12.09 -20.79
CA PRO E 450 -26.57 12.05 -21.05
C PRO E 450 -25.76 11.65 -19.84
N SER E 451 -25.65 10.37 -19.53
CA SER E 451 -24.93 9.97 -18.34
C SER E 451 -23.41 9.98 -18.60
N ALA E 452 -22.61 9.43 -17.69
CA ALA E 452 -21.15 9.54 -17.80
C ALA E 452 -20.56 8.65 -18.88
N SER E 453 -21.18 7.49 -19.13
CA SER E 453 -20.65 6.59 -20.14
C SER E 453 -20.97 7.10 -21.53
N THR E 454 -22.12 7.75 -21.73
CA THR E 454 -22.41 8.29 -23.05
C THR E 454 -21.42 9.41 -23.39
N GLN E 455 -21.19 10.35 -22.46
CA GLN E 455 -20.30 11.49 -22.73
C GLN E 455 -18.88 11.25 -22.19
N ALA E 456 -18.25 10.17 -22.65
CA ALA E 456 -16.86 9.91 -22.29
C ALA E 456 -15.94 10.42 -23.41
N LEU E 457 -14.64 10.47 -23.10
CA LEU E 457 -13.63 10.90 -24.08
C LEU E 457 -13.25 9.75 -25.01
N SER E 458 -12.56 8.73 -24.48
CA SER E 458 -12.43 7.48 -25.22
C SER E 458 -13.68 6.65 -25.00
N SER E 459 -13.99 5.77 -25.95
CA SER E 459 -15.05 4.80 -25.72
C SER E 459 -14.79 3.55 -26.54
N SER E 460 -14.59 2.42 -25.84
CA SER E 460 -14.40 1.10 -26.45
C SER E 460 -15.65 0.23 -26.24
N VAL E 461 -15.91 -0.65 -27.20
CA VAL E 461 -17.04 -1.58 -27.14
C VAL E 461 -16.51 -3.00 -27.28
N SER E 462 -16.84 -3.86 -26.32
CA SER E 462 -16.21 -5.16 -26.21
C SER E 462 -16.59 -6.06 -27.37
N SER E 463 -15.67 -6.96 -27.69
CA SER E 463 -15.79 -7.84 -28.85
C SER E 463 -15.13 -9.16 -28.49
N SER E 464 -15.94 -10.18 -28.19
CA SER E 464 -15.47 -11.52 -27.87
C SER E 464 -16.00 -12.60 -28.80
N LYS E 465 -17.29 -12.53 -29.14
CA LYS E 465 -17.97 -13.60 -29.87
C LYS E 465 -17.76 -14.94 -29.18
N LEU E 466 -17.76 -14.93 -27.84
CA LEU E 466 -17.58 -16.13 -27.04
C LEU E 466 -18.89 -16.85 -26.74
N PHE E 467 -20.03 -16.20 -27.00
CA PHE E 467 -21.34 -16.76 -26.69
C PHE E 467 -22.39 -16.36 -27.73
N THR E 476 -35.88 -9.77 -28.74
CA THR E 476 -36.76 -10.43 -27.78
C THR E 476 -37.45 -9.38 -26.90
N SER E 477 -36.96 -8.15 -26.93
CA SER E 477 -37.54 -7.03 -26.19
C SER E 477 -38.19 -6.03 -27.15
N PHE E 478 -39.36 -5.51 -26.74
CA PHE E 478 -40.20 -4.70 -27.63
C PHE E 478 -40.61 -3.39 -26.96
N GLY E 479 -39.63 -2.61 -26.51
CA GLY E 479 -39.88 -1.28 -25.99
C GLY E 479 -39.59 -1.09 -24.51
N GLU E 480 -39.11 -2.14 -23.81
CA GLU E 480 -38.92 -2.10 -22.37
C GLU E 480 -37.60 -1.40 -22.02
N GLU E 481 -37.15 -1.54 -20.78
CA GLU E 481 -35.88 -0.96 -20.34
C GLU E 481 -34.78 -2.03 -20.37
N VAL E 482 -33.54 -1.57 -20.50
CA VAL E 482 -32.40 -2.47 -20.57
C VAL E 482 -31.19 -1.82 -19.91
N GLU E 483 -30.26 -2.65 -19.47
CA GLU E 483 -29.07 -2.18 -18.78
C GLU E 483 -27.88 -2.22 -19.72
N VAL E 484 -26.92 -1.31 -19.47
CA VAL E 484 -25.72 -1.18 -20.29
C VAL E 484 -24.53 -0.99 -19.36
N HIS E 485 -23.83 -2.06 -19.01
CA HIS E 485 -22.74 -1.97 -18.04
C HIS E 485 -21.45 -1.52 -18.72
N ASN E 486 -20.81 -0.50 -18.18
CA ASN E 486 -19.49 -0.10 -18.67
C ASN E 486 -18.50 -0.06 -17.52
N LEU E 487 -17.22 -0.22 -17.85
CA LEU E 487 -16.12 0.16 -16.99
C LEU E 487 -15.76 1.59 -17.35
N LEU E 488 -15.67 2.45 -16.34
CA LEU E 488 -15.31 3.85 -16.50
C LEU E 488 -13.90 4.06 -16.00
N ILE E 489 -13.07 4.69 -16.82
CA ILE E 489 -11.75 5.13 -16.39
C ILE E 489 -11.89 6.60 -16.02
N ILE E 490 -11.78 6.90 -14.72
CA ILE E 490 -12.02 8.24 -14.21
C ILE E 490 -10.72 8.78 -13.62
N ASP E 491 -10.39 10.02 -13.98
CA ASP E 491 -9.07 10.59 -13.74
C ASP E 491 -9.03 11.24 -12.37
N GLN E 492 -8.14 10.77 -11.51
CA GLN E 492 -8.20 11.15 -10.11
C GLN E 492 -8.18 12.66 -9.90
N HIS E 493 -7.68 13.42 -10.86
CA HIS E 493 -7.61 14.85 -10.57
C HIS E 493 -8.85 15.58 -11.04
N THR E 494 -9.22 15.37 -12.30
CA THR E 494 -10.37 16.04 -12.89
C THR E 494 -11.68 15.38 -12.49
N PHE E 495 -11.66 14.07 -12.20
CA PHE E 495 -12.86 13.25 -12.08
C PHE E 495 -13.71 13.34 -13.34
N GLU E 496 -13.04 13.10 -14.46
CA GLU E 496 -13.62 13.12 -15.78
C GLU E 496 -13.51 11.73 -16.37
N VAL E 497 -14.51 11.36 -17.16
CA VAL E 497 -14.62 10.01 -17.72
C VAL E 497 -13.66 9.91 -18.91
N LEU E 498 -12.53 9.21 -18.73
CA LEU E 498 -11.50 9.14 -19.78
C LEU E 498 -11.86 8.11 -20.85
N HIS E 499 -12.25 6.90 -20.43
CA HIS E 499 -12.64 5.80 -21.29
C HIS E 499 -13.98 5.25 -20.79
N ALA E 500 -14.66 4.50 -21.65
CA ALA E 500 -15.93 3.89 -21.25
C ALA E 500 -16.15 2.61 -22.05
N HIS E 501 -15.72 1.48 -21.48
CA HIS E 501 -15.76 0.20 -22.18
C HIS E 501 -17.10 -0.48 -21.97
N GLN E 502 -17.92 -0.55 -23.01
CA GLN E 502 -19.22 -1.20 -22.91
C GLN E 502 -19.08 -2.71 -23.02
N PHE E 503 -19.39 -3.41 -21.94
CA PHE E 503 -19.28 -4.85 -21.94
C PHE E 503 -20.32 -5.47 -22.88
N LEU E 504 -20.23 -6.79 -23.01
CA LEU E 504 -21.01 -7.53 -23.98
C LEU E 504 -22.51 -7.39 -23.71
N GLN E 505 -23.28 -7.54 -24.78
CA GLN E 505 -24.73 -7.42 -24.67
C GLN E 505 -25.27 -8.57 -23.84
N ASN E 506 -26.12 -8.23 -22.87
CA ASN E 506 -26.59 -9.12 -21.83
C ASN E 506 -25.52 -9.55 -20.85
N GLU E 507 -24.31 -9.01 -20.96
CA GLU E 507 -23.31 -9.28 -19.95
C GLU E 507 -23.52 -8.34 -18.78
N TYR E 508 -23.30 -8.87 -17.59
CA TYR E 508 -23.52 -8.16 -16.35
C TYR E 508 -22.20 -8.13 -15.61
N ALA E 509 -21.75 -6.94 -15.22
CA ALA E 509 -20.47 -6.78 -14.54
C ALA E 509 -20.63 -6.80 -13.01
N LEU E 510 -19.92 -7.71 -12.32
CA LEU E 510 -20.09 -7.91 -10.88
C LEU E 510 -18.89 -7.52 -10.05
N SER E 511 -17.70 -8.02 -10.38
CA SER E 511 -16.54 -7.78 -9.53
C SER E 511 -15.53 -6.91 -10.26
N LEU E 512 -14.78 -6.14 -9.47
CA LEU E 512 -13.74 -5.27 -10.00
C LEU E 512 -12.56 -5.29 -9.04
N VAL E 513 -11.38 -5.12 -9.61
CA VAL E 513 -10.15 -5.16 -8.83
C VAL E 513 -9.06 -4.51 -9.66
N SER E 514 -8.04 -3.98 -8.98
CA SER E 514 -6.85 -3.43 -9.60
C SER E 514 -5.65 -4.06 -8.90
N CYS E 515 -4.77 -4.68 -9.68
CA CYS E 515 -3.56 -5.28 -9.13
C CYS E 515 -2.56 -5.56 -10.25
N LYS E 516 -1.32 -5.85 -9.83
CA LYS E 516 -0.30 -6.42 -10.69
C LYS E 516 -0.19 -7.89 -10.30
N LEU E 517 -0.38 -8.77 -11.28
CA LEU E 517 -0.43 -10.21 -11.07
C LEU E 517 0.84 -10.88 -11.59
N GLY E 518 1.25 -11.96 -10.91
CA GLY E 518 2.46 -12.64 -11.31
C GLY E 518 3.70 -11.79 -11.11
N LYS E 519 4.69 -11.99 -11.98
CA LYS E 519 5.84 -11.10 -12.00
C LYS E 519 5.66 -9.95 -12.98
N ASP E 520 4.60 -9.98 -13.77
CA ASP E 520 4.26 -8.89 -14.69
C ASP E 520 4.33 -7.54 -13.98
N PRO E 521 5.00 -6.54 -14.56
CA PRO E 521 5.18 -5.27 -13.84
C PRO E 521 3.96 -4.38 -13.94
N ASN E 522 3.22 -4.53 -15.02
CA ASN E 522 2.08 -3.69 -15.29
C ASN E 522 0.94 -4.00 -14.33
N THR E 523 0.11 -3.00 -14.06
CA THR E 523 -1.07 -3.13 -13.23
C THR E 523 -2.30 -3.19 -14.12
N TYR E 524 -3.20 -4.14 -13.82
CA TYR E 524 -4.33 -4.41 -14.70
C TYR E 524 -5.65 -4.29 -13.95
N PHE E 525 -6.68 -3.81 -14.66
CA PHE E 525 -8.06 -3.73 -14.17
C PHE E 525 -8.74 -5.05 -14.52
N ILE E 526 -8.99 -5.92 -13.54
CA ILE E 526 -9.65 -7.19 -13.79
C ILE E 526 -11.12 -7.09 -13.37
N VAL E 527 -12.00 -7.49 -14.28
CA VAL E 527 -13.44 -7.43 -14.12
C VAL E 527 -13.97 -8.86 -14.07
N GLY E 528 -15.02 -9.06 -13.30
CA GLY E 528 -15.73 -10.33 -13.27
C GLY E 528 -17.18 -10.12 -13.68
N THR E 529 -17.71 -11.01 -14.51
CA THR E 529 -19.00 -10.76 -15.13
C THR E 529 -19.88 -12.01 -15.08
N ALA E 530 -21.11 -11.85 -15.57
CA ALA E 530 -22.04 -12.96 -15.72
C ALA E 530 -22.96 -12.68 -16.90
N MET E 531 -23.00 -13.59 -17.87
CA MET E 531 -24.01 -13.50 -18.93
C MET E 531 -25.34 -13.90 -18.34
N VAL E 532 -26.32 -12.99 -18.39
CA VAL E 532 -27.63 -13.22 -17.77
C VAL E 532 -28.73 -13.03 -18.79
N TYR E 533 -29.75 -13.89 -18.73
CA TYR E 533 -30.88 -13.90 -19.65
C TYR E 533 -32.15 -14.14 -18.86
N PRO E 534 -33.30 -13.63 -19.34
CA PRO E 534 -34.49 -13.61 -18.48
C PRO E 534 -35.02 -14.98 -18.16
N GLU E 535 -34.74 -15.97 -19.01
CA GLU E 535 -35.14 -17.36 -18.78
C GLU E 535 -34.16 -18.08 -17.86
N GLU E 536 -32.86 -17.94 -18.16
CA GLU E 536 -31.80 -18.52 -17.33
C GLU E 536 -31.91 -18.00 -15.91
N ALA E 537 -32.26 -18.88 -14.98
CA ALA E 537 -32.39 -18.53 -13.59
C ALA E 537 -31.01 -18.36 -12.93
N GLU E 538 -30.28 -19.49 -12.75
CA GLU E 538 -28.94 -19.49 -12.20
C GLU E 538 -27.94 -19.17 -13.30
N PRO E 539 -26.91 -18.37 -13.01
CA PRO E 539 -25.95 -18.01 -14.08
C PRO E 539 -25.01 -19.18 -14.40
N LYS E 540 -24.88 -19.50 -15.71
CA LYS E 540 -24.06 -20.62 -16.13
C LYS E 540 -22.90 -20.26 -17.06
N GLN E 541 -22.71 -19.00 -17.41
CA GLN E 541 -21.50 -18.61 -18.12
C GLN E 541 -21.23 -17.15 -17.80
N GLY E 542 -19.96 -16.79 -17.73
CA GLY E 542 -19.54 -15.46 -17.39
C GLY E 542 -18.14 -15.26 -17.89
N ARG E 543 -17.45 -14.25 -17.37
CA ARG E 543 -16.21 -13.83 -18.01
C ARG E 543 -15.30 -13.09 -17.04
N ILE E 544 -14.05 -13.52 -16.98
CA ILE E 544 -12.97 -12.73 -16.36
C ILE E 544 -12.18 -12.08 -17.48
N VAL E 545 -12.05 -10.76 -17.42
CA VAL E 545 -11.35 -9.97 -18.45
C VAL E 545 -10.30 -9.12 -17.77
N VAL E 546 -9.12 -9.07 -18.37
CA VAL E 546 -8.02 -8.26 -17.89
C VAL E 546 -7.85 -7.08 -18.82
N PHE E 547 -7.79 -5.87 -18.26
CA PHE E 547 -7.63 -4.63 -19.01
C PHE E 547 -6.31 -3.97 -18.64
N GLN E 548 -6.02 -2.85 -19.32
CA GLN E 548 -4.93 -1.97 -18.96
C GLN E 548 -5.22 -0.55 -19.49
N TYR E 549 -5.27 0.42 -18.59
CA TYR E 549 -5.42 1.82 -19.09
C TYR E 549 -4.04 2.40 -19.17
N SER E 550 -3.20 2.06 -18.18
CA SER E 550 -1.79 2.57 -18.15
C SER E 550 -1.22 2.58 -19.56
N ASP E 551 -1.46 3.65 -20.32
CA ASP E 551 -1.00 3.75 -21.73
C ASP E 551 -1.59 5.01 -22.34
N GLY E 552 -2.91 5.05 -22.45
CA GLY E 552 -3.60 6.20 -23.07
C GLY E 552 -4.98 5.75 -23.47
N LYS E 553 -5.19 4.44 -23.55
CA LYS E 553 -6.52 3.89 -23.89
C LYS E 553 -6.71 2.54 -23.17
N LEU E 554 -7.88 1.93 -23.31
CA LEU E 554 -8.18 0.64 -22.63
C LEU E 554 -7.94 -0.51 -23.60
N GLN E 555 -7.13 -1.49 -23.19
CA GLN E 555 -6.85 -2.65 -24.01
C GLN E 555 -7.16 -3.91 -23.22
N THR E 556 -7.87 -4.84 -23.86
CA THR E 556 -8.19 -6.14 -23.28
C THR E 556 -6.96 -7.06 -23.33
N VAL E 557 -6.43 -7.45 -22.17
CA VAL E 557 -5.22 -8.26 -22.12
C VAL E 557 -5.50 -9.79 -22.07
N ALA E 558 -6.72 -10.22 -21.74
CA ALA E 558 -7.12 -11.64 -21.67
C ALA E 558 -8.60 -11.74 -21.35
N GLU E 559 -9.19 -12.91 -21.66
CA GLU E 559 -10.59 -13.19 -21.29
C GLU E 559 -10.70 -14.69 -21.00
N LYS E 560 -10.73 -15.06 -19.72
CA LYS E 560 -10.98 -16.45 -19.36
C LYS E 560 -12.48 -16.62 -19.19
N GLU E 561 -13.08 -17.45 -20.05
CA GLU E 561 -14.49 -17.79 -19.94
C GLU E 561 -14.68 -18.73 -18.76
N VAL E 562 -15.65 -18.41 -17.89
CA VAL E 562 -15.98 -19.23 -16.73
C VAL E 562 -17.44 -19.61 -16.86
N LYS E 563 -17.79 -20.80 -16.33
CA LYS E 563 -19.13 -21.35 -16.52
C LYS E 563 -20.03 -20.98 -15.34
N GLY E 564 -20.13 -19.68 -15.11
CA GLY E 564 -20.96 -19.16 -14.05
C GLY E 564 -20.67 -17.68 -13.84
N ALA E 565 -21.19 -17.16 -12.73
CA ALA E 565 -21.04 -15.75 -12.39
C ALA E 565 -19.76 -15.58 -11.60
N VAL E 566 -19.01 -14.52 -11.90
CA VAL E 566 -17.82 -14.20 -11.12
C VAL E 566 -18.25 -13.19 -10.07
N TYR E 567 -18.64 -13.66 -8.89
CA TYR E 567 -19.23 -12.78 -7.88
C TYR E 567 -18.18 -11.90 -7.21
N SER E 568 -16.96 -12.37 -7.07
CA SER E 568 -15.98 -11.61 -6.32
C SER E 568 -14.60 -11.92 -6.85
N MET E 569 -13.63 -11.05 -6.52
CA MET E 569 -12.20 -11.32 -6.75
C MET E 569 -11.37 -10.67 -5.66
N VAL E 570 -10.33 -11.35 -5.22
CA VAL E 570 -9.34 -10.76 -4.34
C VAL E 570 -7.97 -11.17 -4.87
N GLU E 571 -7.07 -10.18 -5.03
CA GLU E 571 -5.67 -10.47 -5.33
C GLU E 571 -5.09 -11.21 -4.13
N PHE E 572 -4.81 -12.50 -4.31
CA PHE E 572 -4.41 -13.39 -3.23
C PHE E 572 -2.97 -13.81 -3.45
N ASN E 573 -2.05 -13.02 -2.89
CA ASN E 573 -0.61 -13.29 -2.97
C ASN E 573 -0.11 -13.33 -4.41
N GLY E 574 -0.22 -12.18 -5.08
CA GLY E 574 0.21 -12.06 -6.46
C GLY E 574 -0.60 -12.83 -7.47
N LYS E 575 -1.48 -13.72 -7.03
CA LYS E 575 -2.41 -14.43 -7.88
C LYS E 575 -3.81 -13.91 -7.63
N LEU E 576 -4.73 -14.23 -8.53
CA LEU E 576 -6.12 -13.80 -8.45
C LEU E 576 -6.97 -14.92 -7.86
N LEU E 577 -7.78 -14.60 -6.85
CA LEU E 577 -8.71 -15.55 -6.24
C LEU E 577 -10.13 -15.09 -6.57
N ALA E 578 -10.79 -15.81 -7.46
CA ALA E 578 -12.13 -15.47 -7.91
C ALA E 578 -13.11 -16.51 -7.41
N SER E 579 -14.36 -16.10 -7.27
CA SER E 579 -15.44 -17.06 -7.04
C SER E 579 -16.32 -17.12 -8.29
N ILE E 580 -16.73 -18.34 -8.64
CA ILE E 580 -17.67 -18.62 -9.72
C ILE E 580 -18.78 -19.49 -9.11
N ASN E 581 -19.92 -18.87 -8.80
CA ASN E 581 -21.06 -19.58 -8.25
C ASN E 581 -20.44 -20.25 -7.03
N SER E 582 -20.62 -21.55 -6.86
CA SER E 582 -20.01 -22.26 -5.75
C SER E 582 -18.52 -22.46 -5.63
N THR E 583 -17.76 -22.11 -6.68
CA THR E 583 -16.37 -22.52 -6.82
C THR E 583 -15.46 -21.35 -6.48
N VAL E 584 -14.65 -21.52 -5.44
CA VAL E 584 -13.55 -20.60 -5.17
C VAL E 584 -12.29 -21.12 -5.86
N ARG E 585 -11.74 -20.30 -6.76
CA ARG E 585 -10.69 -20.71 -7.69
C ARG E 585 -9.52 -19.75 -7.61
N LEU E 586 -8.32 -20.30 -7.51
CA LEU E 586 -7.10 -19.51 -7.50
C LEU E 586 -6.54 -19.56 -8.92
N TYR E 587 -6.56 -18.43 -9.59
CA TYR E 587 -5.95 -18.31 -10.90
C TYR E 587 -4.51 -17.85 -10.78
N GLU E 588 -3.74 -18.03 -11.85
CA GLU E 588 -2.34 -17.63 -11.91
C GLU E 588 -2.05 -16.95 -13.23
N TRP E 589 -1.11 -15.99 -13.17
CA TRP E 589 -0.73 -15.15 -14.31
C TRP E 589 0.50 -15.77 -14.97
N THR E 590 0.32 -16.33 -16.17
CA THR E 590 1.41 -16.97 -16.89
C THR E 590 2.35 -15.92 -17.46
N THR E 591 3.61 -16.33 -17.61
CA THR E 591 4.57 -15.57 -18.38
C THR E 591 4.02 -15.24 -19.76
N GLU E 592 3.07 -16.04 -20.27
CA GLU E 592 2.38 -15.84 -21.53
C GLU E 592 1.19 -14.89 -21.43
N LYS E 593 1.12 -14.14 -20.32
CA LYS E 593 0.06 -13.17 -20.07
C LYS E 593 -1.32 -13.80 -20.29
N GLU E 594 -1.52 -14.95 -19.64
CA GLU E 594 -2.78 -15.68 -19.69
C GLU E 594 -3.19 -16.11 -18.28
N LEU E 595 -4.40 -16.65 -18.14
CA LEU E 595 -4.93 -17.08 -16.85
C LEU E 595 -5.02 -18.61 -16.83
N ARG E 596 -4.22 -19.22 -15.95
CA ARG E 596 -4.23 -20.66 -15.70
C ARG E 596 -4.73 -20.92 -14.28
N THR E 597 -5.61 -21.91 -14.13
CA THR E 597 -6.18 -22.20 -12.82
C THR E 597 -5.22 -23.06 -12.01
N GLU E 598 -4.87 -22.59 -10.81
CA GLU E 598 -3.96 -23.38 -9.96
C GLU E 598 -4.69 -24.50 -9.27
N CYS E 599 -5.56 -24.17 -8.29
CA CYS E 599 -6.28 -25.17 -7.51
C CYS E 599 -7.72 -24.73 -7.35
N ASN E 600 -8.59 -25.70 -7.05
CA ASN E 600 -10.01 -25.44 -6.94
C ASN E 600 -10.53 -25.85 -5.57
N HIS E 601 -11.68 -25.26 -5.23
CA HIS E 601 -12.47 -25.65 -4.07
C HIS E 601 -13.93 -25.49 -4.41
N TYR E 602 -14.69 -26.58 -4.31
CA TYR E 602 -16.12 -26.58 -4.61
C TYR E 602 -16.92 -26.63 -3.32
N ASN E 603 -17.85 -25.70 -3.17
CA ASN E 603 -18.58 -25.48 -1.93
C ASN E 603 -20.04 -25.90 -2.09
N ASN E 604 -20.74 -25.98 -0.96
CA ASN E 604 -22.19 -26.19 -0.91
C ASN E 604 -22.96 -24.89 -0.70
N ILE E 605 -22.25 -23.78 -0.50
CA ILE E 605 -22.85 -22.46 -0.53
C ILE E 605 -22.40 -21.77 -1.81
N MET E 606 -23.11 -20.71 -2.17
CA MET E 606 -22.71 -19.88 -3.30
C MET E 606 -21.71 -18.85 -2.81
N ALA E 607 -20.54 -18.79 -3.44
CA ALA E 607 -19.47 -17.87 -3.00
C ALA E 607 -19.79 -16.45 -3.45
N LEU E 608 -20.73 -15.82 -2.72
CA LEU E 608 -21.09 -14.42 -2.90
C LEU E 608 -20.01 -13.50 -2.35
N TYR E 609 -19.64 -13.70 -1.10
CA TYR E 609 -18.63 -12.87 -0.45
C TYR E 609 -17.30 -13.60 -0.41
N LEU E 610 -16.23 -12.83 -0.67
CA LEU E 610 -14.86 -13.32 -0.76
C LEU E 610 -13.97 -12.27 -0.16
N LYS E 611 -13.25 -12.61 0.91
CA LYS E 611 -12.28 -11.72 1.54
C LYS E 611 -11.11 -12.54 2.07
N THR E 612 -9.89 -12.00 1.94
CA THR E 612 -8.67 -12.68 2.33
C THR E 612 -7.81 -11.81 3.22
N LYS E 613 -7.21 -12.42 4.24
CA LYS E 613 -6.11 -11.82 4.99
C LYS E 613 -4.91 -12.73 4.78
N GLY E 614 -4.08 -12.37 3.79
CA GLY E 614 -2.91 -13.15 3.44
C GLY E 614 -3.44 -14.53 3.11
N ASP E 615 -3.08 -15.53 3.92
CA ASP E 615 -3.38 -16.94 3.71
C ASP E 615 -4.78 -17.48 3.86
N PHE E 616 -5.61 -16.80 4.64
CA PHE E 616 -6.97 -17.21 4.91
C PHE E 616 -7.93 -16.54 3.93
N ILE E 617 -9.02 -17.25 3.64
CA ILE E 617 -10.07 -16.80 2.73
C ILE E 617 -11.40 -16.98 3.46
N LEU E 618 -12.22 -15.93 3.48
CA LEU E 618 -13.55 -15.95 4.08
C LEU E 618 -14.63 -15.88 3.01
N VAL E 619 -15.46 -16.91 2.92
CA VAL E 619 -16.50 -17.00 1.90
C VAL E 619 -17.88 -16.88 2.52
N GLY E 620 -18.78 -16.18 1.84
CA GLY E 620 -20.09 -15.87 2.38
C GLY E 620 -21.18 -15.99 1.35
N ASP E 621 -22.40 -16.09 1.85
CA ASP E 621 -23.58 -16.53 1.12
C ASP E 621 -24.74 -15.72 1.67
N LEU E 622 -25.68 -15.32 0.80
CA LEU E 622 -26.69 -14.33 1.20
C LEU E 622 -27.25 -14.61 2.59
N MET E 623 -27.41 -15.89 2.95
CA MET E 623 -27.96 -16.26 4.25
C MET E 623 -26.95 -16.59 5.36
N ARG E 624 -26.09 -15.61 5.67
CA ARG E 624 -25.09 -15.64 6.74
C ARG E 624 -24.37 -16.99 6.78
N SER E 625 -24.21 -17.62 5.62
CA SER E 625 -23.41 -18.83 5.52
C SER E 625 -21.96 -18.38 5.44
N VAL E 626 -21.25 -18.42 6.57
CA VAL E 626 -19.80 -18.15 6.56
C VAL E 626 -19.06 -19.49 6.56
N LEU E 627 -17.75 -19.37 6.29
CA LEU E 627 -16.95 -20.48 5.83
C LEU E 627 -15.56 -19.87 5.76
N LEU E 628 -14.57 -20.55 6.33
CA LEU E 628 -13.21 -20.04 6.40
C LEU E 628 -12.37 -21.14 5.76
N LEU E 629 -11.57 -20.77 4.75
CA LEU E 629 -10.65 -21.66 4.04
C LEU E 629 -9.21 -21.17 4.19
N ALA E 630 -8.27 -22.11 3.94
CA ALA E 630 -6.84 -21.85 4.04
C ALA E 630 -6.15 -22.50 2.84
N TYR E 631 -5.47 -21.68 2.03
CA TYR E 631 -4.64 -22.15 0.92
C TYR E 631 -3.38 -22.79 1.52
N LYS E 632 -3.32 -24.12 1.52
CA LYS E 632 -2.13 -24.79 2.02
C LYS E 632 -1.08 -24.68 0.92
N PRO E 633 -0.02 -23.86 1.10
CA PRO E 633 0.90 -23.62 -0.02
C PRO E 633 1.56 -24.92 -0.49
N MET E 634 2.24 -25.59 0.45
CA MET E 634 2.91 -26.86 0.20
C MET E 634 2.02 -27.81 -0.58
N GLU E 635 0.87 -28.21 0.00
CA GLU E 635 -0.05 -29.11 -0.68
C GLU E 635 -0.53 -28.52 -2.01
N GLY E 636 -0.75 -27.22 -2.07
CA GLY E 636 -1.25 -26.60 -3.29
C GLY E 636 -2.74 -26.73 -3.55
N ASN E 637 -3.55 -26.81 -2.49
CA ASN E 637 -5.00 -26.81 -2.62
C ASN E 637 -5.56 -26.15 -1.36
N PHE E 638 -6.78 -25.61 -1.48
CA PHE E 638 -7.46 -25.03 -0.33
C PHE E 638 -7.90 -26.13 0.65
N GLU E 639 -7.79 -25.84 1.95
CA GLU E 639 -8.23 -26.74 3.00
C GLU E 639 -9.22 -26.02 3.90
N GLU E 640 -10.41 -26.60 4.09
CA GLU E 640 -11.43 -26.00 4.93
C GLU E 640 -11.01 -26.00 6.39
N ILE E 641 -11.32 -24.91 7.09
CA ILE E 641 -10.90 -24.76 8.47
C ILE E 641 -12.13 -24.88 9.38
N ALA E 642 -13.10 -24.01 9.17
CA ALA E 642 -14.31 -23.98 9.99
C ALA E 642 -15.42 -23.30 9.19
N ARG E 643 -16.59 -23.24 9.81
CA ARG E 643 -17.76 -22.58 9.24
C ARG E 643 -18.82 -22.42 10.32
N ASP E 644 -19.85 -21.63 9.99
CA ASP E 644 -21.06 -21.53 10.80
C ASP E 644 -22.19 -21.11 9.89
N PHE E 645 -23.30 -21.86 9.95
CA PHE E 645 -24.53 -21.55 9.21
C PHE E 645 -25.61 -21.14 10.21
N ASN E 646 -26.01 -19.88 10.16
CA ASN E 646 -27.12 -19.38 10.94
C ASN E 646 -27.96 -18.56 9.99
N PRO E 647 -29.00 -19.15 9.41
CA PRO E 647 -29.62 -18.58 8.21
C PRO E 647 -30.32 -17.26 8.51
N ASN E 648 -29.93 -16.23 7.78
CA ASN E 648 -30.40 -14.88 7.95
C ASN E 648 -29.76 -14.04 6.86
N TRP E 649 -30.48 -13.05 6.36
CA TRP E 649 -29.93 -12.27 5.25
C TRP E 649 -28.67 -11.53 5.71
N MET E 650 -27.61 -11.59 4.89
CA MET E 650 -26.30 -11.00 5.19
C MET E 650 -25.81 -10.18 4.01
N SER E 651 -25.63 -8.88 4.21
CA SER E 651 -25.42 -7.95 3.10
C SER E 651 -23.97 -7.58 2.85
N ALA E 652 -23.07 -7.89 3.79
CA ALA E 652 -21.68 -7.49 3.65
C ALA E 652 -20.89 -8.09 4.80
N VAL E 653 -19.65 -8.49 4.52
CA VAL E 653 -18.79 -9.20 5.47
C VAL E 653 -17.35 -8.76 5.27
N GLU E 654 -16.52 -9.03 6.28
CA GLU E 654 -15.14 -8.54 6.32
C GLU E 654 -14.36 -9.29 7.38
N ILE E 655 -13.09 -9.59 7.10
CA ILE E 655 -12.20 -10.20 8.09
C ILE E 655 -11.71 -9.09 9.02
N LEU E 656 -11.74 -9.34 10.33
CA LEU E 656 -11.25 -8.38 11.31
C LEU E 656 -9.79 -8.64 11.66
N ASP E 657 -9.50 -9.91 11.92
CA ASP E 657 -8.17 -10.42 12.19
C ASP E 657 -8.26 -11.94 12.01
N ASP E 658 -7.14 -12.63 12.26
CA ASP E 658 -7.05 -14.07 12.02
C ASP E 658 -8.17 -14.86 12.71
N ASP E 659 -8.75 -14.32 13.77
CA ASP E 659 -9.72 -15.07 14.55
C ASP E 659 -11.13 -14.51 14.53
N ASN E 660 -11.30 -13.20 14.41
CA ASN E 660 -12.63 -12.60 14.45
C ASN E 660 -12.99 -12.07 13.07
N PHE E 661 -14.26 -12.29 12.68
CA PHE E 661 -14.79 -11.85 11.39
C PHE E 661 -16.07 -11.07 11.62
N LEU E 662 -16.21 -9.92 10.93
CA LEU E 662 -17.33 -9.01 11.11
C LEU E 662 -18.24 -9.06 9.88
N GLY E 663 -19.54 -9.06 10.12
CA GLY E 663 -20.52 -9.12 9.05
C GLY E 663 -21.79 -8.38 9.42
N ALA E 664 -22.63 -8.14 8.39
CA ALA E 664 -23.86 -7.36 8.51
C ALA E 664 -25.04 -8.23 8.12
N GLU E 665 -26.01 -8.37 9.03
CA GLU E 665 -27.12 -9.32 8.77
C GLU E 665 -28.51 -8.72 9.04
N ASN E 666 -29.49 -9.02 8.17
CA ASN E 666 -30.91 -8.61 8.37
C ASN E 666 -31.26 -7.19 8.80
N ALA E 667 -31.95 -7.06 9.93
CA ALA E 667 -32.48 -5.74 10.39
C ALA E 667 -31.32 -4.93 10.97
N PHE E 668 -30.59 -4.20 10.12
CA PHE E 668 -29.56 -3.27 10.65
C PHE E 668 -28.85 -3.87 11.84
N ASN E 669 -28.20 -5.01 11.64
CA ASN E 669 -27.50 -5.70 12.73
C ASN E 669 -26.09 -6.08 12.31
N LEU E 670 -25.15 -5.98 13.25
CA LEU E 670 -23.79 -6.45 13.04
C LEU E 670 -23.55 -7.70 13.86
N PHE E 671 -22.56 -8.48 13.44
CA PHE E 671 -22.17 -9.67 14.17
C PHE E 671 -20.70 -9.95 13.94
N VAL E 672 -20.07 -10.52 14.95
CA VAL E 672 -18.69 -11.01 14.87
C VAL E 672 -18.67 -12.44 15.36
N CYS E 673 -17.91 -13.30 14.66
CA CYS E 673 -17.75 -14.69 15.05
C CYS E 673 -16.28 -15.05 14.99
N GLN E 674 -15.89 -15.99 15.84
CA GLN E 674 -14.50 -16.18 16.18
C GLN E 674 -14.09 -17.63 15.98
N LYS E 675 -12.81 -17.83 15.67
CA LYS E 675 -12.27 -19.16 15.43
C LYS E 675 -11.96 -19.81 16.77
N ASP E 676 -12.80 -20.75 17.22
CA ASP E 676 -12.61 -21.44 18.49
C ASP E 676 -11.30 -22.16 18.16
N SER E 677 -10.19 -21.67 18.72
CA SER E 677 -8.84 -22.16 18.39
C SER E 677 -8.64 -23.39 19.28
N ALA E 678 -9.31 -23.41 20.44
CA ALA E 678 -9.26 -24.58 21.33
C ALA E 678 -9.71 -25.76 20.48
N ALA E 679 -8.78 -26.70 20.21
CA ALA E 679 -9.12 -27.88 19.39
C ALA E 679 -9.50 -28.98 20.39
N THR E 680 -10.07 -28.56 21.54
CA THR E 680 -10.68 -29.46 22.54
C THR E 680 -11.61 -30.49 22.07
N THR E 681 -12.55 -30.02 21.21
CA THR E 681 -13.35 -30.86 20.26
C THR E 681 -12.96 -30.34 18.89
N ASP E 682 -12.49 -31.24 18.04
CA ASP E 682 -12.36 -30.90 16.62
C ASP E 682 -13.66 -30.30 16.10
N GLU E 683 -14.81 -30.70 16.67
CA GLU E 683 -16.07 -30.06 16.37
C GLU E 683 -16.01 -28.57 16.66
N GLU E 684 -15.44 -28.18 17.80
CA GLU E 684 -15.34 -26.77 18.14
C GLU E 684 -14.38 -26.03 17.21
N ARG E 685 -13.24 -26.66 16.85
CA ARG E 685 -12.28 -26.03 15.96
C ARG E 685 -12.92 -25.70 14.61
N GLN E 686 -13.72 -26.61 14.05
CA GLN E 686 -14.40 -26.39 12.78
C GLN E 686 -15.77 -25.72 12.94
N HIS E 687 -15.92 -24.87 13.94
CA HIS E 687 -17.13 -24.06 14.09
C HIS E 687 -16.72 -22.67 14.53
N LEU E 688 -17.31 -21.68 13.88
CA LEU E 688 -17.10 -20.27 14.20
C LEU E 688 -18.15 -19.84 15.21
N GLN E 689 -17.74 -19.67 16.47
CA GLN E 689 -18.66 -19.26 17.52
C GLN E 689 -18.90 -17.76 17.41
N GLU E 690 -20.16 -17.37 17.38
CA GLU E 690 -20.51 -15.95 17.43
C GLU E 690 -20.11 -15.40 18.79
N VAL E 691 -19.62 -14.16 18.81
CA VAL E 691 -19.13 -13.54 20.04
C VAL E 691 -19.48 -12.05 20.03
N GLY E 692 -20.36 -11.63 19.14
CA GLY E 692 -20.74 -10.23 19.09
C GLY E 692 -22.00 -9.89 18.32
N LEU E 693 -22.99 -9.33 19.01
CA LEU E 693 -24.24 -8.90 18.41
C LEU E 693 -24.47 -7.42 18.69
N PHE E 694 -25.06 -6.73 17.72
CA PHE E 694 -25.26 -5.30 17.84
C PHE E 694 -26.21 -4.84 16.74
N HIS E 695 -27.21 -4.06 17.15
CA HIS E 695 -28.14 -3.44 16.23
C HIS E 695 -27.52 -2.11 15.86
N LEU E 696 -26.91 -2.03 14.67
CA LEU E 696 -26.36 -0.75 14.22
C LEU E 696 -27.47 0.24 13.94
N GLY E 697 -28.59 -0.23 13.38
CA GLY E 697 -29.67 0.61 12.93
C GLY E 697 -29.60 0.96 11.46
N GLU E 698 -28.54 0.56 10.77
CA GLU E 698 -28.24 0.99 9.42
C GLU E 698 -27.89 -0.24 8.59
N PHE E 699 -28.14 -0.17 7.28
CA PHE E 699 -28.00 -1.33 6.41
C PHE E 699 -26.65 -1.22 5.70
N VAL E 700 -25.69 -2.08 6.09
CA VAL E 700 -24.32 -1.97 5.58
C VAL E 700 -24.23 -2.64 4.21
N ASN E 701 -23.61 -1.95 3.26
CA ASN E 701 -23.36 -2.52 1.95
C ASN E 701 -21.90 -2.82 1.67
N VAL E 702 -20.99 -2.14 2.37
CA VAL E 702 -19.56 -2.21 2.06
C VAL E 702 -18.77 -2.02 3.35
N PHE E 703 -17.94 -3.00 3.70
CA PHE E 703 -16.87 -2.81 4.68
C PHE E 703 -15.54 -2.65 3.95
N CYS E 704 -14.69 -1.77 4.46
CA CYS E 704 -13.32 -1.73 4.00
C CYS E 704 -12.39 -1.21 5.10
N HIS E 705 -11.21 -1.82 5.19
CA HIS E 705 -10.21 -1.32 6.13
C HIS E 705 -9.66 0.01 5.66
N GLY E 706 -9.26 0.83 6.62
CA GLY E 706 -8.78 2.18 6.33
C GLY E 706 -9.24 3.14 7.41
N SER E 707 -8.60 4.31 7.44
CA SER E 707 -8.95 5.37 8.38
C SER E 707 -8.80 6.68 7.65
N LEU E 708 -9.58 7.67 8.08
CA LEU E 708 -9.50 9.00 7.48
C LEU E 708 -8.65 9.95 8.33
N VAL E 709 -7.89 9.43 9.28
CA VAL E 709 -6.98 10.19 10.12
C VAL E 709 -5.57 9.63 9.93
N MET E 710 -4.59 10.35 10.48
CA MET E 710 -3.17 9.95 10.34
C MET E 710 -2.61 9.02 11.42
N PRO E 719 -4.53 1.74 22.49
CA PRO E 719 -5.94 1.88 22.91
C PRO E 719 -6.85 1.04 22.02
N THR E 720 -7.24 1.65 20.91
CA THR E 720 -7.89 0.91 19.83
C THR E 720 -6.85 0.16 19.02
N GLN E 721 -7.29 -0.92 18.39
CA GLN E 721 -6.50 -1.68 17.43
C GLN E 721 -7.39 -1.94 16.22
N GLY E 722 -6.95 -1.49 15.05
CA GLY E 722 -7.70 -1.73 13.84
C GLY E 722 -8.63 -0.58 13.44
N SER E 723 -9.15 -0.69 12.21
CA SER E 723 -9.90 0.39 11.62
C SER E 723 -10.66 -0.13 10.41
N VAL E 724 -11.93 -0.51 10.57
CA VAL E 724 -12.74 -0.92 9.42
C VAL E 724 -13.83 0.12 9.21
N LEU E 725 -13.92 0.61 7.99
CA LEU E 725 -14.94 1.56 7.63
C LEU E 725 -16.10 0.86 6.93
N PHE E 726 -17.29 1.45 7.05
CA PHE E 726 -18.42 0.91 6.32
C PHE E 726 -19.34 2.02 5.85
N GLY E 727 -19.75 1.92 4.57
CA GLY E 727 -20.86 2.68 4.04
C GLY E 727 -22.19 1.93 4.15
N THR E 728 -23.30 2.68 4.07
CA THR E 728 -24.62 2.13 4.30
C THR E 728 -25.62 2.74 3.32
N VAL E 729 -26.89 2.36 3.47
CA VAL E 729 -27.86 2.71 2.46
C VAL E 729 -28.45 4.08 2.69
N ASN E 730 -28.54 4.53 3.95
CA ASN E 730 -28.91 5.89 4.27
C ASN E 730 -27.71 6.84 4.29
N GLY E 731 -26.58 6.45 3.71
CA GLY E 731 -25.43 7.33 3.64
C GLY E 731 -24.60 7.46 4.91
N MET E 732 -25.05 6.90 6.04
CA MET E 732 -24.24 6.85 7.26
C MET E 732 -22.93 6.09 7.02
N ILE E 733 -21.83 6.63 7.53
CA ILE E 733 -20.52 5.99 7.46
C ILE E 733 -20.06 5.71 8.88
N GLY E 734 -19.61 4.50 9.14
CA GLY E 734 -19.23 4.12 10.49
C GLY E 734 -17.82 3.55 10.54
N LEU E 735 -17.36 3.32 11.77
CA LEU E 735 -16.04 2.78 12.01
C LEU E 735 -16.12 1.65 13.01
N VAL E 736 -15.39 0.57 12.76
CA VAL E 736 -15.21 -0.51 13.73
C VAL E 736 -13.73 -0.70 14.00
N THR E 737 -13.36 -0.65 15.28
CA THR E 737 -12.03 -0.95 15.77
C THR E 737 -12.14 -1.90 16.96
N SER E 738 -11.08 -2.68 17.18
CA SER E 738 -11.10 -3.70 18.23
C SER E 738 -10.55 -3.15 19.52
N LEU E 739 -10.88 -3.83 20.61
CA LEU E 739 -10.47 -3.43 21.94
C LEU E 739 -9.96 -4.66 22.68
N SER E 740 -9.49 -4.43 23.90
CA SER E 740 -9.05 -5.50 24.78
C SER E 740 -10.16 -5.90 25.74
N GLU E 741 -9.98 -7.06 26.41
CA GLU E 741 -10.87 -7.42 27.51
C GLU E 741 -10.91 -6.31 28.54
N SER E 742 -9.73 -5.79 28.92
CA SER E 742 -9.66 -4.67 29.85
C SER E 742 -10.44 -3.47 29.37
N TRP E 743 -10.23 -3.07 28.11
CA TRP E 743 -10.87 -1.86 27.61
C TRP E 743 -12.35 -2.07 27.29
N TYR E 744 -12.76 -3.30 26.98
CA TYR E 744 -14.17 -3.57 26.75
C TYR E 744 -14.95 -3.49 28.05
N ASN E 745 -14.43 -4.12 29.11
CA ASN E 745 -15.09 -4.08 30.41
C ASN E 745 -15.21 -2.66 30.93
N LEU E 746 -14.14 -1.87 30.80
CA LEU E 746 -14.16 -0.49 31.27
C LEU E 746 -15.27 0.31 30.59
N LEU E 747 -15.37 0.20 29.26
CA LEU E 747 -16.38 0.94 28.50
C LEU E 747 -17.75 0.28 28.61
N LEU E 748 -17.80 -1.02 28.89
CA LEU E 748 -19.08 -1.64 29.21
C LEU E 748 -19.64 -1.08 30.51
N ASP E 749 -18.81 -1.00 31.55
CA ASP E 749 -19.21 -0.32 32.79
C ASP E 749 -19.56 1.13 32.51
N MET E 750 -18.69 1.83 31.79
CA MET E 750 -18.89 3.24 31.47
C MET E 750 -20.18 3.48 30.66
N GLN E 751 -20.55 2.52 29.80
CA GLN E 751 -21.78 2.68 29.00
C GLN E 751 -23.01 2.68 29.90
N ASN E 752 -23.07 1.76 30.88
CA ASN E 752 -24.22 1.72 31.79
C ASN E 752 -24.35 3.03 32.53
N ARG E 753 -23.24 3.53 33.09
CA ARG E 753 -23.27 4.78 33.83
C ARG E 753 -23.83 5.90 32.98
N LEU E 754 -23.42 5.97 31.71
CA LEU E 754 -23.90 7.02 30.82
C LEU E 754 -25.40 6.88 30.54
N ASN E 755 -25.87 5.66 30.26
CA ASN E 755 -27.30 5.45 29.97
C ASN E 755 -28.18 5.97 31.10
N LYS E 756 -27.71 5.85 32.33
CA LYS E 756 -28.45 6.33 33.48
C LYS E 756 -28.65 7.83 33.43
N VAL E 757 -27.75 8.57 32.78
CA VAL E 757 -27.70 10.03 32.88
C VAL E 757 -28.09 10.75 31.60
N ILE E 758 -28.00 10.10 30.43
CA ILE E 758 -28.32 10.71 29.14
C ILE E 758 -29.80 10.53 28.85
N LYS E 759 -30.45 11.58 28.34
CA LYS E 759 -31.86 11.52 28.04
C LYS E 759 -32.10 10.97 26.64
N SER E 760 -33.14 10.14 26.49
CA SER E 760 -33.52 9.56 25.21
C SER E 760 -34.82 10.21 24.76
N VAL E 761 -34.89 10.53 23.46
CA VAL E 761 -35.99 11.36 22.96
C VAL E 761 -37.33 10.66 23.11
N GLY E 762 -37.36 9.34 22.92
CA GLY E 762 -38.67 8.78 23.15
C GLY E 762 -38.84 8.07 24.45
N LYS E 763 -37.85 8.18 25.34
CA LYS E 763 -37.71 7.32 26.51
C LYS E 763 -37.55 5.87 26.05
N ILE E 764 -36.65 5.66 25.10
CA ILE E 764 -36.29 4.35 24.60
C ILE E 764 -35.01 3.92 25.30
N GLU E 765 -35.05 2.81 26.02
CA GLU E 765 -33.84 2.36 26.68
C GLU E 765 -32.80 2.04 25.62
N HIS E 766 -31.58 2.53 25.85
CA HIS E 766 -30.48 2.24 24.94
C HIS E 766 -30.34 0.73 24.75
N SER E 767 -30.44 -0.01 25.84
CA SER E 767 -30.28 -1.46 25.78
C SER E 767 -31.29 -2.10 24.84
N PHE E 768 -32.55 -1.69 24.94
CA PHE E 768 -33.58 -2.16 24.00
C PHE E 768 -33.17 -1.87 22.57
N TRP E 769 -32.61 -0.67 22.34
CA TRP E 769 -32.35 -0.19 20.98
C TRP E 769 -31.23 -0.96 20.30
N ARG E 770 -30.07 -1.06 20.96
CA ARG E 770 -28.89 -1.71 20.41
C ARG E 770 -28.92 -3.23 20.53
N SER E 771 -29.95 -3.79 21.16
CA SER E 771 -30.11 -5.24 21.20
C SER E 771 -30.43 -5.77 19.83
N PHE E 772 -29.93 -6.97 19.55
CA PHE E 772 -29.94 -7.54 18.20
C PHE E 772 -31.36 -7.94 17.81
N HIS E 773 -31.97 -7.20 16.89
CA HIS E 773 -33.39 -7.34 16.61
C HIS E 773 -33.65 -8.01 15.27
N THR E 774 -34.65 -8.89 15.28
CA THR E 774 -35.27 -9.53 14.13
C THR E 774 -36.73 -9.79 14.51
N GLU E 775 -37.62 -9.81 13.50
CA GLU E 775 -39.04 -10.09 13.74
C GLU E 775 -39.24 -11.43 14.44
N ARG E 776 -38.27 -12.35 14.34
CA ARG E 776 -38.29 -13.66 14.97
C ARG E 776 -37.56 -13.67 16.31
N LYS E 777 -36.37 -13.08 16.40
CA LYS E 777 -35.60 -13.05 17.64
C LYS E 777 -35.11 -11.64 17.94
N THR E 778 -35.15 -11.26 19.22
CA THR E 778 -34.44 -10.07 19.70
C THR E 778 -33.65 -10.49 20.92
N GLU E 779 -32.31 -10.39 20.82
CA GLU E 779 -31.27 -10.75 21.78
C GLU E 779 -30.40 -9.53 22.10
N PRO E 780 -29.90 -9.42 23.34
CA PRO E 780 -29.14 -8.23 23.74
C PRO E 780 -27.85 -8.08 22.94
N ALA E 781 -27.23 -6.93 23.05
CA ALA E 781 -25.97 -6.77 22.36
C ALA E 781 -24.84 -7.37 23.19
N THR E 782 -23.67 -7.47 22.56
CA THR E 782 -22.50 -8.07 23.19
C THR E 782 -21.29 -7.78 22.31
N GLY E 783 -20.13 -7.63 22.95
CA GLY E 783 -18.90 -7.52 22.18
C GLY E 783 -18.79 -6.24 21.39
N PHE E 784 -19.73 -5.31 21.59
CA PHE E 784 -19.75 -4.03 20.89
C PHE E 784 -19.97 -2.90 21.90
N ILE E 785 -19.42 -1.73 21.59
CA ILE E 785 -19.48 -0.57 22.47
C ILE E 785 -19.94 0.64 21.66
N ASP E 786 -21.14 1.12 21.96
CA ASP E 786 -21.75 2.24 21.24
C ASP E 786 -20.69 3.29 21.54
N GLY E 787 -19.95 3.68 20.49
CA GLY E 787 -18.84 4.62 20.67
C GLY E 787 -19.45 5.99 20.60
N ASP E 788 -20.62 6.12 19.97
CA ASP E 788 -21.37 7.36 20.01
C ASP E 788 -21.85 7.64 21.42
N LEU E 789 -22.38 6.61 22.09
CA LEU E 789 -22.75 6.78 23.49
C LEU E 789 -21.57 7.23 24.32
N ILE E 790 -20.40 6.65 24.06
CA ILE E 790 -19.20 6.96 24.83
C ILE E 790 -18.74 8.39 24.59
N GLU E 791 -18.73 8.83 23.32
CA GLU E 791 -18.29 10.18 23.00
C GLU E 791 -19.25 11.24 23.51
N SER E 792 -20.50 10.88 23.78
CA SER E 792 -21.43 11.83 24.37
C SER E 792 -21.09 12.12 25.83
N PHE E 793 -20.30 11.26 26.48
CA PHE E 793 -19.82 11.56 27.83
C PHE E 793 -19.06 12.88 27.86
N LEU E 794 -18.25 13.17 26.84
CA LEU E 794 -17.48 14.41 26.81
C LEU E 794 -18.36 15.64 26.96
N ASP E 795 -19.59 15.58 26.48
CA ASP E 795 -20.44 16.76 26.47
C ASP E 795 -21.53 16.71 27.54
N ILE E 796 -21.18 16.41 28.79
CA ILE E 796 -22.17 16.50 29.87
C ILE E 796 -21.69 17.48 30.93
N SER E 797 -22.48 17.70 31.97
CA SER E 797 -22.15 18.67 33.02
C SER E 797 -21.10 18.10 33.96
N ARG E 798 -20.19 18.97 34.42
CA ARG E 798 -19.08 18.52 35.25
C ARG E 798 -19.52 17.79 36.52
N PRO E 799 -20.64 18.12 37.17
CA PRO E 799 -21.15 17.21 38.22
C PRO E 799 -21.53 15.84 37.67
N LYS E 800 -22.29 15.79 36.57
CA LYS E 800 -22.65 14.51 35.97
C LYS E 800 -21.41 13.69 35.61
N MET E 801 -20.40 14.33 35.03
CA MET E 801 -19.12 13.67 34.80
C MET E 801 -18.53 13.14 36.11
N GLN E 802 -18.40 14.00 37.12
CA GLN E 802 -17.88 13.59 38.43
C GLN E 802 -18.72 12.47 39.05
N GLU E 803 -20.01 12.39 38.71
CA GLU E 803 -20.91 11.35 39.24
C GLU E 803 -20.83 10.04 38.47
N VAL E 804 -20.82 10.12 37.14
CA VAL E 804 -20.72 8.92 36.32
C VAL E 804 -19.36 8.23 36.42
N VAL E 805 -18.40 8.85 37.11
CA VAL E 805 -17.08 8.24 37.28
C VAL E 805 -16.86 7.69 38.69
N ALA E 806 -17.79 7.92 39.61
CA ALA E 806 -17.66 7.42 40.98
C ALA E 806 -17.53 5.90 40.99
N ASN E 807 -16.89 5.38 42.03
CA ASN E 807 -16.73 3.94 42.25
C ASN E 807 -16.11 3.22 41.05
N LEU E 808 -14.99 3.76 40.57
CA LEU E 808 -14.32 3.15 39.44
C LEU E 808 -12.89 3.68 39.40
N GLN E 809 -11.95 2.81 38.99
CA GLN E 809 -10.54 3.17 38.96
C GLN E 809 -9.73 2.27 38.01
N ALA E 820 -11.25 6.84 39.85
CA ALA E 820 -10.88 7.59 38.65
C ALA E 820 -11.72 8.86 38.52
N THR E 821 -11.06 10.02 38.35
CA THR E 821 -11.74 11.30 38.28
C THR E 821 -12.21 11.60 36.87
N ALA E 822 -13.18 12.52 36.78
CA ALA E 822 -13.70 12.91 35.47
C ALA E 822 -12.59 13.33 34.52
N ASP E 823 -11.52 13.91 35.07
CA ASP E 823 -10.49 14.47 34.21
C ASP E 823 -9.67 13.39 33.53
N ASP E 824 -9.53 12.21 34.14
CA ASP E 824 -8.79 11.14 33.47
C ASP E 824 -9.64 10.36 32.48
N LEU E 825 -10.97 10.43 32.60
CA LEU E 825 -11.86 9.84 31.60
C LEU E 825 -12.11 10.78 30.42
N ILE E 826 -12.10 12.09 30.67
CA ILE E 826 -12.04 13.06 29.57
C ILE E 826 -10.89 12.74 28.64
N LYS E 827 -9.77 12.30 29.23
CA LYS E 827 -8.60 11.96 28.45
C LYS E 827 -8.88 10.77 27.54
N VAL E 828 -9.33 9.65 28.11
CA VAL E 828 -9.50 8.44 27.31
C VAL E 828 -10.59 8.63 26.26
N VAL E 829 -11.74 9.20 26.65
CA VAL E 829 -12.82 9.38 25.68
C VAL E 829 -12.42 10.36 24.59
N GLU E 830 -11.60 11.37 24.92
CA GLU E 830 -11.06 12.24 23.87
C GLU E 830 -10.25 11.44 22.87
N GLU E 831 -9.38 10.55 23.37
CA GLU E 831 -8.57 9.72 22.49
C GLU E 831 -9.41 8.87 21.56
N LEU E 832 -10.58 8.44 22.02
CA LEU E 832 -11.48 7.70 21.15
C LEU E 832 -11.98 8.59 20.01
N THR E 833 -12.23 9.89 20.26
CA THR E 833 -12.65 10.82 19.20
C THR E 833 -11.57 11.05 18.14
N ARG E 834 -10.39 10.46 18.28
CA ARG E 834 -9.31 10.68 17.33
C ARG E 834 -9.15 9.52 16.36
N ILE E 835 -10.05 8.53 16.39
CA ILE E 835 -10.07 7.52 15.33
C ILE E 835 -10.91 7.97 14.13
N HIS E 836 -11.71 9.01 14.29
CA HIS E 836 -12.42 9.62 13.17
C HIS E 836 -12.37 11.14 13.26
N SER F 3 -46.51 -70.67 -3.89
CA SER F 3 -47.22 -70.71 -2.61
C SER F 3 -46.28 -70.46 -1.41
N LEU F 4 -45.49 -71.46 -1.04
CA LEU F 4 -44.51 -71.33 0.03
C LEU F 4 -43.15 -70.82 -0.44
N THR F 5 -43.05 -70.42 -1.71
CA THR F 5 -41.80 -69.93 -2.28
C THR F 5 -41.98 -68.62 -3.03
N THR F 6 -43.06 -67.88 -2.75
CA THR F 6 -43.22 -66.52 -3.24
C THR F 6 -42.80 -65.53 -2.15
N CYS F 7 -42.31 -64.39 -2.59
CA CYS F 7 -41.70 -63.42 -1.69
C CYS F 7 -42.71 -62.37 -1.25
N GLU F 8 -42.71 -62.07 0.04
CA GLU F 8 -43.72 -61.18 0.58
C GLU F 8 -43.47 -59.73 0.20
N VAL F 9 -42.23 -59.36 -0.12
CA VAL F 9 -41.92 -57.95 -0.32
C VAL F 9 -42.14 -57.53 -1.76
N CYS F 10 -41.67 -58.30 -2.73
CA CYS F 10 -41.80 -57.89 -4.12
C CYS F 10 -42.65 -58.83 -4.95
N GLY F 11 -42.88 -60.06 -4.51
CA GLY F 11 -43.72 -60.99 -5.24
C GLY F 11 -42.99 -62.00 -6.11
N ALA F 12 -41.66 -62.00 -6.08
CA ALA F 12 -40.88 -62.95 -6.86
C ALA F 12 -41.17 -64.38 -6.42
N CYS F 13 -41.47 -65.24 -7.39
CA CYS F 13 -41.85 -66.61 -7.10
C CYS F 13 -40.70 -67.54 -7.45
N PHE F 14 -40.20 -68.25 -6.46
CA PHE F 14 -39.06 -69.14 -6.66
C PHE F 14 -39.49 -70.59 -6.75
N GLU F 15 -38.63 -71.41 -7.35
CA GLU F 15 -38.93 -72.82 -7.49
C GLU F 15 -38.51 -73.59 -6.24
N THR F 16 -37.49 -73.12 -5.55
CA THR F 16 -36.98 -73.81 -4.38
C THR F 16 -37.07 -72.90 -3.17
N ARG F 17 -37.24 -73.49 -2.00
CA ARG F 17 -37.21 -72.68 -0.80
C ARG F 17 -35.84 -72.01 -0.59
N LYS F 18 -34.76 -72.49 -1.23
CA LYS F 18 -33.49 -71.77 -1.15
C LYS F 18 -33.53 -70.51 -2.01
N GLY F 19 -34.20 -70.57 -3.16
CA GLY F 19 -34.41 -69.39 -3.96
C GLY F 19 -35.02 -68.25 -3.16
N LEU F 20 -35.99 -68.57 -2.31
CA LEU F 20 -36.55 -67.58 -1.43
C LEU F 20 -35.53 -67.13 -0.40
N SER F 21 -34.85 -68.07 0.26
CA SER F 21 -33.90 -67.67 1.29
C SER F 21 -32.88 -66.67 0.74
N SER F 22 -32.30 -66.97 -0.43
CA SER F 22 -31.32 -66.05 -1.01
C SER F 22 -31.94 -64.68 -1.28
N HIS F 23 -33.10 -64.65 -1.95
CA HIS F 23 -33.76 -63.39 -2.29
C HIS F 23 -34.07 -62.55 -1.04
N ALA F 24 -34.27 -63.20 0.10
CA ALA F 24 -34.49 -62.46 1.33
C ALA F 24 -33.28 -61.61 1.69
N ARG F 25 -32.08 -61.95 1.23
CA ARG F 25 -30.96 -61.04 1.40
C ARG F 25 -31.11 -59.80 0.52
N SER F 26 -31.49 -59.99 -0.75
CA SER F 26 -31.68 -58.87 -1.68
C SER F 26 -32.48 -57.74 -1.05
N HIS F 27 -33.48 -58.08 -0.24
CA HIS F 27 -34.41 -57.11 0.31
C HIS F 27 -33.96 -56.52 1.63
N LEU F 28 -32.87 -57.00 2.20
CA LEU F 28 -32.41 -56.38 3.43
C LEU F 28 -31.64 -55.11 3.05
N ARG F 29 -32.38 -54.11 2.59
CA ARG F 29 -31.95 -52.70 2.39
C ARG F 29 -32.59 -51.85 3.48
ZN ZN G . 13.39 48.29 10.47
S SO4 H . 27.93 21.59 13.95
O1 SO4 H . 26.94 22.68 13.59
O2 SO4 H . 28.44 20.98 12.67
O3 SO4 H . 29.11 22.13 14.76
O4 SO4 H . 27.20 20.55 14.77
C1 A1A5I I . -7.41 40.57 10.40
C2 A1A5I I . -8.21 40.48 11.51
C3 A1A5I I . -7.81 39.77 12.63
C12 A1A5I I . -3.66 37.06 13.62
C13 A1A5I I . -3.08 37.60 14.90
C14 A1A5I I . -2.13 36.59 15.51
C15 A1A5I I . -2.77 35.26 15.71
C17 A1A5I I . -4.21 35.66 13.77
C20 A1A5I I . -10.57 40.32 12.08
C21 A1A5I I . -11.37 39.82 10.90
C22 A1A5I I . -12.02 40.97 10.15
C23 A1A5I I . -12.78 41.92 11.08
C25 A1A5I I . -11.40 41.22 12.96
C26 A1A5I I . -12.56 43.35 13.05
C27 A1A5I I . -11.94 43.44 14.42
C28 A1A5I I . -13.41 43.08 10.34
C4 A1A5I I . -6.58 39.13 12.61
C5 A1A5I I . -5.76 39.22 11.50
C6 A1A5I I . -6.17 39.93 10.39
C7 A1A5I I . -5.95 38.25 13.65
C9 A1A5I I . -4.50 38.50 11.79
N16 A1A5I I . -3.75 34.91 14.82
N24 A1A5I I . -11.92 42.35 12.19
N8 A1A5I I . -4.66 37.93 13.01
O10 A1A5I I . -9.45 41.09 11.56
O11 A1A5I I . -3.49 38.43 11.12
O18 A1A5I I . -5.02 35.20 12.97
O19 A1A5I I . -2.47 34.49 16.62
ZN ZN J . -0.76 44.79 8.93
ZN ZN K . -26.45 -53.05 -7.88
S SO4 L . -34.66 -24.13 -13.39
O1 SO4 L . -34.58 -22.98 -12.40
O2 SO4 L . -33.74 -23.88 -14.57
O3 SO4 L . -34.22 -25.37 -12.63
O4 SO4 L . -36.07 -24.29 -13.91
C1 A1A5I M . -46.46 -61.01 -2.67
C2 A1A5I M . -47.31 -61.60 -3.60
C3 A1A5I M . -47.68 -60.91 -4.74
C12 A1A5I M . -46.63 -56.25 -6.40
C13 A1A5I M . -46.09 -56.38 -7.82
C14 A1A5I M . -46.19 -55.04 -8.53
C15 A1A5I M . -47.58 -54.48 -8.50
C17 A1A5I M . -48.00 -55.60 -6.37
C20 A1A5I M . -49.24 -63.05 -3.50
C21 A1A5I M . -49.78 -63.17 -2.10
C22 A1A5I M . -49.24 -64.42 -1.41
C23 A1A5I M . -49.46 -65.67 -2.26
C25 A1A5I M . -49.51 -64.31 -4.29
C26 A1A5I M . -48.98 -66.67 -4.45
C27 A1A5I M . -48.60 -66.42 -5.88
C28 A1A5I M . -48.90 -66.92 -1.60
C4 A1A5I M . -47.19 -59.62 -4.94
C5 A1A5I M . -46.35 -59.04 -4.03
C6 A1A5I M . -45.98 -59.73 -2.88
C7 A1A5I M . -47.47 -58.65 -6.05
C9 A1A5I M . -45.97 -57.69 -4.50
N16 A1A5I M . -48.35 -54.81 -7.43
N24 A1A5I M . -48.92 -65.46 -3.61
N8 A1A5I M . -46.67 -57.49 -5.67
O10 A1A5I M . -47.81 -62.87 -3.41
O11 A1A5I M . -45.19 -56.90 -4.02
O18 A1A5I M . -48.75 -55.74 -5.40
O19 A1A5I M . -48.03 -53.77 -9.40
S SO4 N . -7.15 -22.89 -17.03
O1 SO4 N . -8.37 -23.77 -17.11
O2 SO4 N . -6.82 -22.41 -18.41
O3 SO4 N . -7.46 -21.74 -16.10
O4 SO4 N . -5.96 -23.65 -16.48
ZN ZN O . -38.67 -60.07 -2.94
#